data_3SE7
#
_entry.id   3SE7
#
_cell.length_a   84.133
_cell.length_b   136.032
_cell.length_c   178.090
_cell.angle_alpha   90.00
_cell.angle_beta   90.00
_cell.angle_gamma   90.00
#
_symmetry.space_group_name_H-M   'P 21 21 21'
#
loop_
_entity.id
_entity.type
_entity.pdbx_description
1 polymer VanA
2 non-polymer "ADENOSINE-5'-TRIPHOSPHATE"
3 non-polymer 'MAGNESIUM ION'
4 water water
#
_entity_poly.entity_id   1
_entity_poly.type   'polypeptide(L)'
_entity_poly.pdbx_seq_one_letter_code
;GSHMKIGIIFGGVSEEHDISVKSAREVATHLGTGVFEPFYLGITKSGAWQLCDGPGENWEDGNCRPAVLSPDRSVHGLLV
LEQGKYETIRLDLVLPVLHGKLGEDGAIQGLLELSGIPYVGCDIQSSALCMDKSLTYLVARSAGIATPNFWTVTADEKIP
TDQLTYPVFVKPARSGSSFGVSKVAREEDLQGAVEAAREYDSKVLIEEAVIGTEIGCAVMGNGPELITGEVDQITLSHGF
FKIHQESTPESGSDNSAVTVPADISTTSRSLVQDTAKAVYRALGCRGLSRVDLFLTEDGKVVLNEVNTFPGMTSYSRYPR
MMTAAGLSRADVIDRLVSLALAGKSR
;
_entity_poly.pdbx_strand_id   A,B,C,D,E,F
#
# COMPACT_ATOMS: atom_id res chain seq x y z
N SER A 2 10.54 -6.41 -67.88
CA SER A 2 10.73 -5.21 -67.01
C SER A 2 11.07 -5.61 -65.58
N HIS A 3 11.84 -4.79 -64.90
CA HIS A 3 12.19 -5.03 -63.54
C HIS A 3 11.08 -4.45 -62.71
N MET A 4 11.08 -4.67 -61.40
CA MET A 4 10.12 -4.02 -60.54
C MET A 4 10.68 -2.75 -59.94
N LYS A 5 10.02 -1.64 -60.18
CA LYS A 5 10.40 -0.37 -59.58
C LYS A 5 10.02 -0.40 -58.11
N ILE A 6 11.00 -0.64 -57.23
CA ILE A 6 10.75 -0.62 -55.81
C ILE A 6 11.51 0.55 -55.19
N GLY A 7 10.78 1.53 -54.66
CA GLY A 7 11.38 2.63 -53.92
C GLY A 7 11.74 2.17 -52.53
N ILE A 8 13.01 2.35 -52.17
CA ILE A 8 13.48 1.98 -50.84
C ILE A 8 13.85 3.21 -50.01
N ILE A 9 12.96 3.57 -49.09
CA ILE A 9 13.15 4.76 -48.26
C ILE A 9 13.91 4.42 -46.98
N PHE A 10 14.92 5.22 -46.65
CA PHE A 10 15.68 5.02 -45.42
C PHE A 10 16.13 6.31 -44.79
N GLY A 11 16.86 6.18 -43.67
CA GLY A 11 17.36 7.32 -42.91
C GLY A 11 16.32 7.86 -41.95
N GLY A 12 15.76 9.03 -42.27
CA GLY A 12 14.67 9.56 -41.47
C GLY A 12 15.10 10.47 -40.33
N VAL A 13 14.23 11.40 -39.96
CA VAL A 13 14.48 12.30 -38.84
C VAL A 13 14.08 11.60 -37.56
N SER A 14 14.96 10.75 -37.06
CA SER A 14 14.61 9.84 -36.00
C SER A 14 15.87 9.50 -35.22
N GLU A 15 15.72 9.17 -33.94
CA GLU A 15 16.84 8.76 -33.11
C GLU A 15 17.45 7.47 -33.64
N GLU A 16 16.70 6.77 -34.48
CA GLU A 16 17.15 5.47 -34.98
C GLU A 16 17.67 5.57 -36.42
N HIS A 17 17.98 6.79 -36.84
CA HIS A 17 18.45 7.04 -38.20
C HIS A 17 19.55 6.06 -38.60
N ASP A 18 20.58 5.98 -37.80
CA ASP A 18 21.75 5.21 -38.15
C ASP A 18 21.50 3.75 -38.32
N ILE A 19 20.59 3.20 -37.54
CA ILE A 19 20.14 1.83 -37.62
C ILE A 19 19.29 1.59 -38.87
N SER A 20 18.67 2.61 -39.38
CA SER A 20 17.87 2.45 -40.54
C SER A 20 18.73 2.36 -41.73
N VAL A 21 19.84 3.04 -41.69
CA VAL A 21 20.72 3.05 -42.83
C VAL A 21 21.39 1.72 -42.92
N LYS A 22 21.72 1.16 -41.79
CA LYS A 22 22.25 -0.19 -41.73
C LYS A 22 21.26 -1.24 -42.24
N SER A 23 19.98 -1.04 -41.93
CA SER A 23 18.94 -1.95 -42.36
C SER A 23 18.78 -1.87 -43.86
N ALA A 24 18.85 -0.66 -44.39
CA ALA A 24 18.76 -0.43 -45.83
C ALA A 24 19.95 -1.07 -46.54
N ARG A 25 21.13 -0.96 -45.96
CA ARG A 25 22.30 -1.54 -46.56
C ARG A 25 22.23 -3.03 -46.63
N GLU A 26 21.62 -3.66 -45.65
CA GLU A 26 21.37 -5.10 -45.69
C GLU A 26 20.35 -5.51 -46.76
N VAL A 27 19.18 -4.88 -46.71
CA VAL A 27 18.16 -5.16 -47.70
C VAL A 27 18.80 -5.06 -49.08
N ALA A 28 19.57 -4.00 -49.30
CA ALA A 28 20.16 -3.72 -50.61
C ALA A 28 21.02 -4.87 -51.16
N THR A 29 21.76 -5.55 -50.29
CA THR A 29 22.57 -6.67 -50.77
C THR A 29 21.71 -7.85 -51.21
N HIS A 30 20.44 -7.86 -50.81
CA HIS A 30 19.62 -9.07 -50.94
C HIS A 30 18.49 -9.08 -51.97
N LEU A 31 18.27 -7.95 -52.64
CA LEU A 31 17.40 -7.93 -53.80
C LEU A 31 18.23 -8.31 -55.02
N GLY A 32 18.05 -9.54 -55.51
CA GLY A 32 18.94 -10.06 -56.55
C GLY A 32 18.82 -9.29 -57.84
N THR A 33 19.69 -9.63 -58.80
CA THR A 33 19.83 -8.87 -60.03
C THR A 33 18.67 -8.85 -61.03
N GLY A 34 17.87 -9.92 -61.06
CA GLY A 34 16.83 -10.06 -62.07
C GLY A 34 15.51 -9.34 -61.90
N VAL A 35 15.08 -9.15 -60.66
CA VAL A 35 13.70 -8.75 -60.36
C VAL A 35 13.46 -7.27 -60.10
N PHE A 36 14.31 -6.65 -59.29
CA PHE A 36 14.09 -5.29 -58.80
C PHE A 36 14.90 -4.20 -59.52
N GLU A 37 14.30 -3.03 -59.64
CA GLU A 37 15.03 -1.88 -60.03
C GLU A 37 14.73 -0.98 -58.89
N PRO A 38 15.69 -0.77 -58.01
CA PRO A 38 15.49 -0.11 -56.73
C PRO A 38 15.58 1.41 -56.88
N PHE A 39 14.95 2.12 -55.94
CA PHE A 39 15.13 3.56 -55.84
C PHE A 39 15.34 3.96 -54.39
N TYR A 40 16.59 4.29 -54.09
CA TYR A 40 17.02 4.57 -52.74
C TYR A 40 16.73 6.02 -52.34
N LEU A 41 15.60 6.22 -51.67
CA LEU A 41 15.21 7.51 -51.13
C LEU A 41 15.67 7.69 -49.69
N GLY A 42 16.80 8.38 -49.52
CA GLY A 42 17.31 8.69 -48.20
C GLY A 42 16.70 9.97 -47.66
N ILE A 43 16.24 9.95 -46.44
CA ILE A 43 15.75 11.16 -45.86
C ILE A 43 16.85 11.47 -44.88
N THR A 44 17.41 12.66 -44.97
CA THR A 44 18.53 13.11 -44.16
C THR A 44 18.17 13.30 -42.70
N LYS A 45 19.18 13.46 -41.84
CA LYS A 45 18.92 13.62 -40.42
C LYS A 45 18.12 14.90 -40.22
N SER A 46 18.22 15.79 -41.20
CA SER A 46 17.58 17.09 -41.10
C SER A 46 16.26 17.11 -41.87
N GLY A 47 15.82 15.95 -42.34
CA GLY A 47 14.52 15.79 -42.98
C GLY A 47 14.44 16.12 -44.46
N ALA A 48 15.60 16.26 -45.09
CA ALA A 48 15.68 16.50 -46.54
C ALA A 48 15.57 15.18 -47.27
N TRP A 49 14.93 15.20 -48.44
CA TRP A 49 14.71 13.98 -49.19
C TRP A 49 15.64 13.89 -50.40
N GLN A 50 16.36 12.78 -50.53
CA GLN A 50 17.31 12.64 -51.62
C GLN A 50 17.37 11.27 -52.26
N LEU A 51 17.44 11.27 -53.59
CA LEU A 51 17.65 10.06 -54.35
C LEU A 51 19.15 9.86 -54.48
N CYS A 52 19.67 8.80 -53.88
CA CYS A 52 21.11 8.52 -53.94
C CYS A 52 21.46 7.20 -54.62
N ASP A 53 22.76 6.94 -54.72
CA ASP A 53 23.30 5.69 -55.28
C ASP A 53 23.00 4.46 -54.41
N GLY A 54 22.63 4.70 -53.16
CA GLY A 54 22.30 3.60 -52.26
C GLY A 54 22.67 3.85 -50.80
N PRO A 55 22.10 3.08 -49.91
CA PRO A 55 22.29 3.25 -48.49
C PRO A 55 23.63 2.98 -47.94
N GLY A 56 23.96 3.62 -46.85
CA GLY A 56 25.21 3.38 -46.16
C GLY A 56 26.32 4.42 -46.15
N GLU A 57 27.08 4.37 -45.08
CA GLU A 57 28.15 5.28 -44.81
C GLU A 57 27.58 6.61 -44.74
N ASN A 58 28.15 7.49 -45.55
CA ASN A 58 27.62 8.80 -45.62
C ASN A 58 27.29 8.68 -47.06
N TRP A 59 26.01 8.43 -47.31
CA TRP A 59 25.44 8.33 -48.63
C TRP A 59 25.17 9.73 -48.97
N GLU A 60 24.96 10.49 -47.92
CA GLU A 60 24.62 11.90 -48.06
C GLU A 60 25.77 12.68 -48.70
N ASP A 61 26.88 11.98 -48.85
CA ASP A 61 28.02 12.56 -49.48
C ASP A 61 27.97 12.26 -50.94
N GLY A 62 27.55 11.07 -51.34
CA GLY A 62 27.49 10.87 -52.76
C GLY A 62 26.36 10.82 -53.77
N ASN A 63 26.38 11.74 -54.71
CA ASN A 63 25.47 11.69 -55.83
C ASN A 63 24.01 11.55 -55.54
N CYS A 64 23.46 12.42 -54.73
CA CYS A 64 22.06 12.34 -54.42
C CYS A 64 21.35 13.45 -55.14
N ARG A 65 20.27 13.14 -55.82
CA ARG A 65 19.50 14.17 -56.50
C ARG A 65 18.33 14.36 -55.61
N PRO A 66 17.90 15.59 -55.41
CA PRO A 66 16.75 15.80 -54.53
C PRO A 66 15.46 15.31 -55.19
N ALA A 67 14.60 14.70 -54.39
CA ALA A 67 13.34 14.17 -54.89
C ALA A 67 12.44 13.84 -53.72
N VAL A 68 11.14 13.70 -53.99
CA VAL A 68 10.19 13.37 -52.94
C VAL A 68 9.22 12.31 -53.44
N LEU A 69 8.68 11.55 -52.51
CA LEU A 69 7.54 10.69 -52.80
C LEU A 69 6.32 11.59 -52.82
N SER A 70 5.57 11.56 -53.91
CA SER A 70 4.44 12.46 -54.05
C SER A 70 3.14 11.87 -53.51
N PRO A 71 2.35 12.69 -52.80
CA PRO A 71 1.06 12.26 -52.31
C PRO A 71 0.01 12.25 -53.42
N ASP A 72 0.43 12.65 -54.63
CA ASP A 72 -0.51 12.80 -55.73
C ASP A 72 -0.76 11.48 -56.47
N ARG A 73 -2.00 11.01 -56.45
CA ARG A 73 -2.33 9.68 -56.96
C ARG A 73 -2.09 9.53 -58.46
N SER A 74 -2.10 10.64 -59.17
CA SER A 74 -1.85 10.62 -60.60
C SER A 74 -0.39 10.30 -60.92
N VAL A 75 0.49 10.47 -59.94
CA VAL A 75 1.93 10.23 -60.14
C VAL A 75 2.35 8.82 -59.78
N HIS A 76 1.86 8.33 -58.64
CA HIS A 76 2.08 6.96 -58.20
C HIS A 76 3.57 6.67 -58.14
N GLY A 77 4.33 7.61 -57.61
CA GLY A 77 5.78 7.44 -57.52
C GLY A 77 6.53 8.66 -57.01
N LEU A 78 7.64 8.99 -57.66
CA LEU A 78 8.46 10.10 -57.22
C LEU A 78 8.40 11.27 -58.20
N LEU A 79 8.74 12.45 -57.72
CA LEU A 79 9.06 13.56 -58.59
C LEU A 79 10.53 13.85 -58.31
N VAL A 80 11.32 14.07 -59.34
CA VAL A 80 12.73 14.37 -59.14
C VAL A 80 13.00 15.85 -59.41
N LEU A 81 13.56 16.53 -58.42
CA LEU A 81 13.68 17.99 -58.46
C LEU A 81 15.11 18.50 -58.70
N GLU A 82 15.41 18.76 -59.96
CA GLU A 82 16.73 19.20 -60.32
C GLU A 82 16.71 20.46 -61.11
N GLN A 83 17.39 21.47 -60.62
CA GLN A 83 17.52 22.70 -61.35
C GLN A 83 16.23 23.42 -61.63
N GLY A 84 15.21 23.26 -60.80
CA GLY A 84 13.95 23.92 -61.07
C GLY A 84 13.18 23.12 -62.07
N LYS A 85 13.74 22.00 -62.50
CA LYS A 85 13.13 21.13 -63.47
C LYS A 85 12.75 19.88 -62.73
N TYR A 86 11.79 19.12 -63.21
CA TYR A 86 11.42 17.90 -62.51
C TYR A 86 10.92 16.80 -63.39
N GLU A 87 11.18 15.56 -63.01
CA GLU A 87 10.75 14.38 -63.76
C GLU A 87 9.95 13.49 -62.82
N THR A 88 9.08 12.65 -63.38
CA THR A 88 8.33 11.71 -62.54
C THR A 88 8.71 10.24 -62.81
N ILE A 89 8.96 9.51 -61.73
CA ILE A 89 9.27 8.09 -61.81
C ILE A 89 8.20 7.29 -61.07
N ARG A 90 7.40 6.55 -61.84
CA ARG A 90 6.34 5.73 -61.27
C ARG A 90 6.93 4.56 -60.49
N LEU A 91 6.34 4.26 -59.34
CA LEU A 91 6.81 3.15 -58.53
C LEU A 91 5.74 2.08 -58.43
N ASP A 92 6.16 0.82 -58.42
CA ASP A 92 5.21 -0.26 -58.23
C ASP A 92 4.90 -0.42 -56.75
N LEU A 93 5.87 -0.07 -55.91
CA LEU A 93 5.88 -0.50 -54.52
C LEU A 93 6.91 0.28 -53.71
N VAL A 94 6.59 0.59 -52.46
CA VAL A 94 7.57 1.22 -51.56
C VAL A 94 7.89 0.31 -50.38
N LEU A 95 9.18 0.16 -50.09
CA LEU A 95 9.63 -0.53 -48.90
C LEU A 95 10.23 0.51 -47.95
N PRO A 96 9.50 0.85 -46.88
CA PRO A 96 9.96 1.88 -45.98
C PRO A 96 10.85 1.28 -44.89
N VAL A 97 12.16 1.32 -45.12
CA VAL A 97 13.10 0.82 -44.13
C VAL A 97 13.46 1.86 -43.07
N LEU A 98 12.45 2.47 -42.47
CA LEU A 98 12.70 3.42 -41.40
C LEU A 98 12.37 2.86 -40.03
N HIS A 99 13.14 3.24 -39.01
CA HIS A 99 12.80 2.80 -37.67
C HIS A 99 12.46 4.00 -36.83
N GLY A 100 11.60 3.79 -35.84
CA GLY A 100 11.28 4.81 -34.85
C GLY A 100 10.41 5.96 -35.32
N LYS A 101 10.69 7.12 -34.75
CA LYS A 101 9.92 8.33 -35.01
C LYS A 101 9.78 8.60 -36.50
N LEU A 102 8.56 8.94 -36.93
CA LEU A 102 8.26 9.26 -38.33
C LEU A 102 8.37 8.06 -39.27
N GLY A 103 8.72 6.89 -38.74
CA GLY A 103 8.94 5.75 -39.61
C GLY A 103 8.22 4.48 -39.20
N GLU A 104 7.66 4.50 -37.99
CA GLU A 104 7.00 3.32 -37.44
C GLU A 104 5.77 3.85 -36.73
N ASP A 105 5.64 5.18 -36.69
CA ASP A 105 4.56 5.81 -35.94
C ASP A 105 3.39 6.26 -36.81
N GLY A 106 3.38 5.86 -38.08
CA GLY A 106 2.29 6.20 -38.99
C GLY A 106 2.55 7.35 -39.94
N ALA A 107 3.62 8.11 -39.73
CA ALA A 107 3.85 9.28 -40.54
C ALA A 107 4.15 8.93 -41.99
N ILE A 108 5.02 7.95 -42.20
CA ILE A 108 5.44 7.65 -43.56
C ILE A 108 4.28 6.98 -44.29
N GLN A 109 3.62 6.06 -43.60
CA GLN A 109 2.43 5.40 -44.13
C GLN A 109 1.35 6.42 -44.47
N GLY A 110 1.29 7.49 -43.68
CA GLY A 110 0.44 8.62 -44.01
C GLY A 110 0.68 9.13 -45.41
N LEU A 111 1.94 9.40 -45.74
CA LEU A 111 2.24 9.91 -47.07
C LEU A 111 1.87 8.79 -48.04
N LEU A 112 2.28 7.58 -47.70
CA LEU A 112 2.05 6.43 -48.56
C LEU A 112 0.57 6.24 -48.85
N GLU A 113 -0.24 6.20 -47.80
CA GLU A 113 -1.66 5.95 -48.00
C GLU A 113 -2.23 6.98 -48.99
N LEU A 114 -1.83 8.23 -48.83
CA LEU A 114 -2.21 9.28 -49.78
C LEU A 114 -1.85 8.89 -51.21
N SER A 115 -0.60 8.47 -51.42
CA SER A 115 -0.08 8.24 -52.77
C SER A 115 -0.74 7.11 -53.53
N GLY A 116 -1.47 6.25 -52.82
CA GLY A 116 -2.13 5.10 -53.44
C GLY A 116 -1.20 3.94 -53.75
N ILE A 117 0.11 4.18 -53.72
CA ILE A 117 1.07 3.12 -53.95
C ILE A 117 1.02 2.05 -52.86
N PRO A 118 1.22 0.78 -53.24
CA PRO A 118 1.28 -0.33 -52.30
C PRO A 118 2.56 -0.26 -51.47
N TYR A 119 2.56 -0.84 -50.27
CA TYR A 119 3.77 -0.76 -49.45
C TYR A 119 3.98 -1.87 -48.43
N VAL A 120 5.24 -2.17 -48.13
CA VAL A 120 5.54 -3.20 -47.16
C VAL A 120 5.09 -2.76 -45.77
N GLY A 121 4.57 -3.70 -44.98
CA GLY A 121 4.46 -3.47 -43.53
C GLY A 121 3.15 -2.94 -42.97
N CYS A 122 3.21 -2.44 -41.74
CA CYS A 122 2.01 -2.11 -40.97
C CYS A 122 1.39 -0.78 -41.38
N ASP A 123 0.08 -0.66 -41.27
CA ASP A 123 -0.64 0.54 -41.71
C ASP A 123 -0.60 1.62 -40.65
N ILE A 124 -1.17 2.78 -40.95
CA ILE A 124 -1.13 3.91 -40.03
C ILE A 124 -1.64 3.53 -38.64
N GLN A 125 -2.76 2.82 -38.61
CA GLN A 125 -3.47 2.54 -37.37
C GLN A 125 -2.70 1.59 -36.45
N SER A 126 -2.11 0.54 -37.02
CA SER A 126 -1.35 -0.40 -36.22
C SER A 126 0.04 0.15 -35.89
N SER A 127 0.60 0.95 -36.78
CA SER A 127 1.89 1.54 -36.52
C SER A 127 1.77 2.45 -35.32
N ALA A 128 0.72 3.27 -35.31
CA ALA A 128 0.45 4.17 -34.18
C ALA A 128 0.20 3.39 -32.89
N LEU A 129 -0.59 2.33 -32.97
CA LEU A 129 -0.95 1.53 -31.80
C LEU A 129 0.24 0.79 -31.20
N CYS A 130 1.27 0.56 -32.01
CA CYS A 130 2.46 -0.11 -31.52
C CYS A 130 3.54 0.87 -31.10
N MET A 131 3.56 2.05 -31.70
CA MET A 131 4.57 3.04 -31.37
C MET A 131 4.39 3.49 -29.93
N ASP A 132 3.14 3.81 -29.57
CA ASP A 132 2.81 4.15 -28.20
C ASP A 132 2.61 2.88 -27.38
N LYS A 133 3.63 2.48 -26.64
CA LYS A 133 3.60 1.25 -25.87
C LYS A 133 2.37 1.12 -24.96
N SER A 134 1.94 2.24 -24.39
CA SER A 134 0.74 2.25 -23.56
C SER A 134 -0.53 1.93 -24.36
N LEU A 135 -0.54 2.23 -25.65
CA LEU A 135 -1.72 1.90 -26.45
C LEU A 135 -1.67 0.40 -26.73
N THR A 136 -0.48 -0.07 -27.04
CA THR A 136 -0.26 -1.49 -27.28
C THR A 136 -0.79 -2.31 -26.10
N TYR A 137 -0.49 -1.91 -24.90
CA TYR A 137 -1.00 -2.61 -23.74
C TYR A 137 -2.49 -2.54 -23.67
N LEU A 138 -3.05 -1.40 -23.97
CA LEU A 138 -4.50 -1.21 -23.93
C LEU A 138 -5.14 -2.27 -24.80
N VAL A 139 -4.65 -2.40 -26.03
CA VAL A 139 -5.18 -3.38 -26.96
C VAL A 139 -4.97 -4.81 -26.45
N ALA A 140 -3.75 -5.12 -26.03
CA ALA A 140 -3.41 -6.48 -25.66
C ALA A 140 -4.30 -7.02 -24.54
N ARG A 141 -4.60 -6.19 -23.58
CA ARG A 141 -5.41 -6.61 -22.45
C ARG A 141 -6.76 -7.02 -22.86
N SER A 142 -7.30 -6.35 -23.85
CA SER A 142 -8.58 -6.64 -24.43
C SER A 142 -8.58 -7.97 -25.13
N ALA A 143 -7.47 -8.28 -25.77
CA ALA A 143 -7.29 -9.56 -26.44
C ALA A 143 -7.05 -10.64 -25.41
N GLY A 144 -7.10 -10.28 -24.13
CA GLY A 144 -6.88 -11.20 -23.02
C GLY A 144 -5.42 -11.60 -22.84
N ILE A 145 -4.52 -10.70 -23.18
CA ILE A 145 -3.07 -10.94 -23.08
C ILE A 145 -2.45 -10.12 -21.95
N ALA A 146 -1.50 -10.71 -21.21
CA ALA A 146 -0.94 -10.04 -20.04
C ALA A 146 0.04 -8.93 -20.37
N THR A 147 -0.03 -7.82 -19.63
CA THR A 147 0.98 -6.77 -19.80
C THR A 147 1.54 -6.39 -18.44
N PRO A 148 2.61 -5.57 -18.41
CA PRO A 148 3.15 -5.03 -17.17
C PRO A 148 2.15 -4.09 -16.49
N ASN A 149 2.42 -3.76 -15.23
CA ASN A 149 1.68 -2.68 -14.56
C ASN A 149 2.29 -1.34 -14.95
N PHE A 150 1.54 -0.53 -15.70
CA PHE A 150 2.10 0.71 -16.18
C PHE A 150 1.33 1.92 -15.69
N TRP A 151 1.97 3.08 -15.79
CA TRP A 151 1.42 4.37 -15.42
C TRP A 151 1.91 5.33 -16.46
N THR A 152 1.20 6.38 -16.77
CA THR A 152 1.71 7.32 -17.76
C THR A 152 1.69 8.72 -17.25
N VAL A 153 2.68 9.51 -17.66
CA VAL A 153 2.79 10.88 -17.26
C VAL A 153 3.18 11.86 -18.36
N THR A 154 2.35 12.83 -18.68
CA THR A 154 2.75 13.89 -19.60
C THR A 154 3.19 15.13 -18.84
N ALA A 155 3.83 16.05 -19.55
CA ALA A 155 4.46 17.21 -18.93
C ALA A 155 3.59 17.89 -17.85
N ASP A 156 2.27 17.89 -18.07
CA ASP A 156 1.34 18.55 -17.15
C ASP A 156 1.17 17.79 -15.83
N GLU A 157 1.12 16.46 -15.93
CA GLU A 157 0.81 15.60 -14.79
C GLU A 157 2.00 15.34 -13.87
N LYS A 158 1.71 15.18 -12.59
CA LYS A 158 2.74 14.84 -11.61
C LYS A 158 2.86 13.33 -11.47
N ILE A 159 4.08 12.80 -11.49
CA ILE A 159 4.24 11.37 -11.42
C ILE A 159 3.60 10.89 -10.13
N PRO A 160 2.88 9.77 -10.22
CA PRO A 160 2.20 9.23 -9.04
C PRO A 160 3.16 8.36 -8.26
N THR A 161 3.90 9.01 -7.37
CA THR A 161 4.88 8.36 -6.52
C THR A 161 4.26 7.33 -5.58
N ASP A 162 3.08 7.66 -5.07
CA ASP A 162 2.39 6.81 -4.11
C ASP A 162 2.03 5.42 -4.65
N GLN A 163 1.58 5.36 -5.88
CA GLN A 163 1.25 4.09 -6.49
C GLN A 163 2.38 3.12 -6.79
N LEU A 164 3.53 3.65 -7.12
CA LEU A 164 4.64 2.84 -7.63
C LEU A 164 5.23 1.81 -6.73
N THR A 165 5.77 0.77 -7.35
CA THR A 165 6.48 -0.28 -6.63
C THR A 165 7.81 -0.56 -7.34
N TYR A 166 8.89 -0.81 -6.59
CA TYR A 166 10.19 -1.00 -7.22
C TYR A 166 10.63 -2.46 -7.17
N PRO A 167 11.46 -2.87 -8.15
CA PRO A 167 11.98 -1.96 -9.17
C PRO A 167 10.93 -1.53 -10.18
N VAL A 168 11.32 -0.66 -11.11
CA VAL A 168 10.39 -0.04 -12.03
C VAL A 168 11.16 0.48 -13.23
N PHE A 169 10.52 0.59 -14.38
CA PHE A 169 11.19 1.05 -15.59
C PHE A 169 10.59 2.28 -16.21
N VAL A 170 11.42 3.24 -16.55
CA VAL A 170 10.97 4.52 -17.10
C VAL A 170 11.38 4.65 -18.56
N LYS A 171 10.46 5.02 -19.42
CA LYS A 171 10.72 4.96 -20.85
C LYS A 171 9.83 5.89 -21.66
N PRO A 172 10.39 6.45 -22.75
CA PRO A 172 9.55 7.23 -23.64
C PRO A 172 8.40 6.33 -24.07
N ALA A 173 7.19 6.89 -24.14
CA ALA A 173 6.03 6.08 -24.47
C ALA A 173 6.12 5.68 -25.93
N ARG A 174 6.80 6.52 -26.70
CA ARG A 174 6.94 6.25 -28.12
C ARG A 174 8.39 6.45 -28.50
N SER A 175 9.18 5.38 -28.43
CA SER A 175 10.57 5.38 -28.88
C SER A 175 10.99 3.91 -29.04
N GLY A 176 12.29 3.68 -29.21
CA GLY A 176 12.81 2.35 -29.41
C GLY A 176 14.33 2.32 -29.38
N SER A 177 14.91 1.15 -29.60
CA SER A 177 16.35 0.98 -29.48
C SER A 177 16.78 1.41 -28.09
N SER A 178 15.85 1.43 -27.14
CA SER A 178 16.18 1.72 -25.75
C SER A 178 16.55 3.16 -25.45
N PHE A 179 16.30 4.07 -26.38
CA PHE A 179 16.49 5.49 -26.09
C PHE A 179 15.62 5.95 -24.93
N GLY A 180 16.25 6.41 -23.86
CA GLY A 180 15.54 7.01 -22.73
C GLY A 180 14.99 6.01 -21.73
N VAL A 181 15.40 4.75 -21.87
CA VAL A 181 14.94 3.71 -20.95
C VAL A 181 15.84 3.64 -19.71
N SER A 182 15.23 3.65 -18.53
CA SER A 182 15.99 3.56 -17.29
C SER A 182 15.38 2.54 -16.35
N LYS A 183 16.21 1.95 -15.50
CA LYS A 183 15.73 1.04 -14.47
C LYS A 183 15.89 1.71 -13.11
N VAL A 184 14.86 2.34 -12.64
CA VAL A 184 14.95 3.10 -11.44
C VAL A 184 14.86 2.23 -10.23
N ALA A 185 15.71 2.55 -9.28
CA ALA A 185 15.85 1.80 -8.04
C ALA A 185 15.07 2.35 -6.88
N ARG A 186 15.17 3.66 -6.77
CA ARG A 186 14.70 4.45 -5.67
C ARG A 186 13.96 5.68 -6.12
N GLU A 187 13.01 6.11 -5.29
CA GLU A 187 12.17 7.24 -5.60
C GLU A 187 12.99 8.43 -5.88
N GLU A 188 14.15 8.47 -5.29
CA GLU A 188 15.02 9.61 -5.46
C GLU A 188 15.51 9.77 -6.88
N ASP A 189 15.85 8.66 -7.53
CA ASP A 189 16.43 8.72 -8.84
C ASP A 189 15.40 8.84 -9.94
N LEU A 190 14.13 8.86 -9.55
CA LEU A 190 12.99 8.81 -10.47
C LEU A 190 12.87 10.03 -11.38
N GLN A 191 12.82 11.23 -10.79
CA GLN A 191 12.69 12.46 -11.57
C GLN A 191 13.76 12.62 -12.66
N GLY A 192 14.95 12.10 -12.39
CA GLY A 192 16.07 12.19 -13.33
C GLY A 192 15.84 11.32 -14.54
N ALA A 193 15.30 10.16 -14.32
CA ALA A 193 15.00 9.32 -15.43
C ALA A 193 13.98 9.91 -16.37
N VAL A 194 12.97 10.52 -15.77
CA VAL A 194 11.80 10.99 -16.46
C VAL A 194 12.23 12.10 -17.33
N GLU A 195 13.11 12.93 -16.84
CA GLU A 195 13.69 13.99 -17.66
C GLU A 195 14.51 13.33 -18.78
N ALA A 196 15.25 12.30 -18.41
CA ALA A 196 15.99 11.50 -19.39
C ALA A 196 15.11 11.13 -20.56
N ALA A 197 13.94 10.57 -20.26
CA ALA A 197 13.02 10.04 -21.25
C ALA A 197 12.26 11.13 -22.00
N ARG A 198 12.17 12.33 -21.44
CA ARG A 198 11.47 13.41 -22.09
C ARG A 198 12.37 14.04 -23.08
N GLU A 199 13.57 13.53 -23.15
CA GLU A 199 14.51 14.01 -24.16
C GLU A 199 13.90 13.56 -25.47
N TYR A 200 12.97 12.60 -25.38
CA TYR A 200 12.47 11.81 -26.50
C TYR A 200 10.96 11.85 -26.70
N ASP A 201 10.20 11.99 -25.62
CA ASP A 201 8.74 12.00 -25.72
C ASP A 201 8.12 12.71 -24.52
N SER A 202 7.20 13.64 -24.77
CA SER A 202 6.56 14.38 -23.69
C SER A 202 5.68 13.49 -22.82
N LYS A 203 5.20 12.37 -23.37
CA LYS A 203 4.40 11.46 -22.60
C LYS A 203 5.31 10.39 -22.17
N VAL A 204 5.39 10.17 -20.90
CA VAL A 204 6.33 9.20 -20.32
C VAL A 204 5.58 8.00 -19.77
N LEU A 205 6.21 6.84 -19.94
CA LEU A 205 5.60 5.57 -19.55
C LEU A 205 6.37 4.94 -18.38
N ILE A 206 5.64 4.58 -17.32
CA ILE A 206 6.26 3.93 -16.16
C ILE A 206 5.73 2.52 -15.91
N GLU A 207 6.63 1.54 -15.90
CA GLU A 207 6.25 0.14 -15.76
C GLU A 207 6.84 -0.53 -14.54
N GLU A 208 6.10 -1.43 -13.91
CA GLU A 208 6.62 -2.22 -12.83
C GLU A 208 7.30 -3.38 -13.43
N ALA A 209 8.51 -3.64 -12.96
CA ALA A 209 9.46 -4.56 -13.58
C ALA A 209 8.97 -6.00 -13.68
N VAL A 210 8.93 -6.51 -14.90
CA VAL A 210 8.57 -7.91 -15.11
C VAL A 210 9.78 -8.79 -14.82
N ILE A 211 9.53 -9.98 -14.27
CA ILE A 211 10.60 -10.93 -13.99
C ILE A 211 10.47 -12.13 -14.92
N GLY A 212 11.55 -12.49 -15.62
CA GLY A 212 11.52 -13.64 -16.53
C GLY A 212 12.44 -13.51 -17.72
N THR A 213 12.55 -14.59 -18.50
CA THR A 213 13.44 -14.59 -19.66
C THR A 213 12.88 -13.67 -20.74
N GLU A 214 13.74 -12.85 -21.35
CA GLU A 214 13.29 -12.00 -22.45
C GLU A 214 13.25 -12.78 -23.75
N ILE A 215 12.03 -12.95 -24.27
CA ILE A 215 11.79 -13.83 -25.39
C ILE A 215 11.28 -13.03 -26.59
N GLY A 216 11.83 -13.29 -27.78
CA GLY A 216 11.44 -12.60 -29.00
C GLY A 216 10.81 -13.52 -30.03
N CYS A 217 9.88 -13.00 -30.82
CA CYS A 217 9.23 -13.79 -31.86
C CYS A 217 9.01 -12.97 -33.13
N ALA A 218 9.56 -13.43 -34.24
CA ALA A 218 9.37 -12.74 -35.52
C ALA A 218 8.14 -13.28 -36.26
N VAL A 219 7.26 -12.36 -36.66
CA VAL A 219 6.03 -12.75 -37.32
C VAL A 219 6.03 -12.24 -38.76
N MET A 220 5.23 -12.88 -39.60
CA MET A 220 5.07 -12.46 -41.00
C MET A 220 3.72 -12.89 -41.59
N GLY A 221 3.07 -11.99 -42.33
CA GLY A 221 1.78 -12.32 -42.92
C GLY A 221 0.75 -11.20 -42.91
N ASN A 222 -0.27 -11.34 -43.75
CA ASN A 222 -1.41 -10.44 -43.73
C ASN A 222 -2.59 -11.14 -43.05
N GLY A 223 -3.41 -10.39 -42.32
CA GLY A 223 -4.64 -10.96 -41.79
C GLY A 223 -4.40 -12.00 -40.73
N PRO A 224 -5.03 -13.18 -40.89
CA PRO A 224 -4.92 -14.30 -39.95
C PRO A 224 -3.91 -15.34 -40.37
N GLU A 225 -3.63 -15.39 -41.67
CA GLU A 225 -2.66 -16.33 -42.24
C GLU A 225 -1.22 -15.88 -41.99
N LEU A 226 -0.71 -16.17 -40.78
CA LEU A 226 0.61 -15.72 -40.33
C LEU A 226 1.59 -16.86 -40.07
N ILE A 227 2.88 -16.57 -40.25
CA ILE A 227 3.93 -17.54 -39.98
C ILE A 227 4.88 -16.94 -38.95
N THR A 228 5.78 -17.75 -38.41
CA THR A 228 6.74 -17.22 -37.45
C THR A 228 8.13 -17.83 -37.58
N GLY A 229 9.15 -17.03 -37.30
CA GLY A 229 10.49 -17.56 -37.17
C GLY A 229 10.67 -18.38 -35.91
N GLU A 230 11.89 -18.79 -35.65
CA GLU A 230 12.19 -19.49 -34.47
C GLU A 230 12.16 -18.49 -33.37
N VAL A 231 11.71 -18.87 -32.21
CA VAL A 231 11.70 -17.98 -31.05
C VAL A 231 13.09 -17.68 -30.47
N ASP A 232 13.43 -16.41 -30.30
CA ASP A 232 14.74 -16.05 -29.74
C ASP A 232 14.70 -15.64 -28.26
N GLN A 233 15.85 -15.76 -27.62
CA GLN A 233 15.99 -15.42 -26.22
C GLN A 233 17.21 -14.58 -25.87
N ILE A 234 16.99 -13.46 -25.25
CA ILE A 234 18.11 -12.59 -24.88
C ILE A 234 18.96 -13.32 -23.86
N THR A 235 20.06 -13.93 -24.31
CA THR A 235 21.04 -14.49 -23.38
C THR A 235 21.31 -13.42 -22.32
N LEU A 236 21.22 -13.81 -21.06
CA LEU A 236 21.39 -12.83 -20.00
C LEU A 236 22.85 -12.73 -19.60
N SER A 251 22.49 -0.59 -29.22
CA SER A 251 22.77 -0.55 -27.79
C SER A 251 21.54 -1.00 -26.99
N GLY A 252 20.43 -1.20 -27.70
CA GLY A 252 19.21 -1.75 -27.14
C GLY A 252 19.05 -3.21 -27.50
N SER A 253 17.85 -3.75 -27.30
CA SER A 253 17.55 -5.16 -27.50
C SER A 253 18.22 -5.76 -28.73
N ASP A 254 18.05 -5.17 -29.89
CA ASP A 254 18.49 -5.69 -31.18
C ASP A 254 19.96 -5.97 -31.21
N ASN A 255 20.69 -5.25 -30.41
CA ASN A 255 22.14 -5.33 -30.40
C ASN A 255 22.63 -6.27 -29.29
N SER A 256 21.71 -6.98 -28.64
CA SER A 256 22.05 -7.81 -27.48
C SER A 256 22.50 -9.22 -27.82
N ALA A 257 23.32 -9.78 -26.94
CA ALA A 257 23.67 -11.18 -27.05
C ALA A 257 22.41 -12.03 -27.03
N VAL A 258 22.06 -12.72 -28.12
CA VAL A 258 20.88 -13.58 -28.14
C VAL A 258 21.15 -14.98 -28.56
N THR A 259 20.22 -15.87 -28.30
CA THR A 259 20.33 -17.30 -28.58
C THR A 259 19.12 -17.77 -29.37
N VAL A 260 19.38 -18.43 -30.49
CA VAL A 260 18.32 -18.89 -31.37
C VAL A 260 18.56 -20.33 -31.79
N PRO A 261 17.64 -21.23 -31.45
CA PRO A 261 16.38 -20.88 -30.80
C PRO A 261 16.49 -20.83 -29.28
N ALA A 262 15.50 -20.20 -28.66
CA ALA A 262 15.43 -20.06 -27.22
C ALA A 262 15.35 -21.43 -26.56
N ASP A 263 15.96 -21.55 -25.38
CA ASP A 263 16.05 -22.83 -24.71
C ASP A 263 14.85 -22.99 -23.79
N ILE A 264 13.69 -23.15 -24.39
CA ILE A 264 12.45 -23.28 -23.67
C ILE A 264 11.69 -24.50 -24.09
N SER A 265 10.73 -24.87 -23.28
CA SER A 265 9.91 -26.03 -23.43
C SER A 265 9.15 -25.98 -24.69
N THR A 266 8.84 -27.11 -25.26
CA THR A 266 8.19 -27.07 -26.53
C THR A 266 6.87 -26.37 -26.39
N THR A 267 6.21 -26.59 -25.29
CA THR A 267 4.96 -25.94 -24.99
C THR A 267 5.08 -24.47 -24.69
N SER A 268 6.17 -24.06 -24.08
CA SER A 268 6.41 -22.65 -23.87
C SER A 268 6.58 -22.03 -25.22
N ARG A 269 7.24 -22.75 -26.10
CA ARG A 269 7.42 -22.23 -27.41
C ARG A 269 6.18 -22.08 -28.20
N SER A 270 5.33 -23.10 -28.22
CA SER A 270 4.07 -23.03 -28.93
C SER A 270 3.24 -21.84 -28.43
N LEU A 271 3.25 -21.64 -27.11
CA LEU A 271 2.56 -20.52 -26.48
C LEU A 271 3.16 -19.16 -26.81
N VAL A 272 4.48 -19.08 -26.96
CA VAL A 272 5.10 -17.81 -27.33
C VAL A 272 4.63 -17.42 -28.73
N GLN A 273 4.74 -18.33 -29.68
CA GLN A 273 4.28 -18.03 -31.03
C GLN A 273 2.80 -17.72 -31.06
N ASP A 274 1.99 -18.58 -30.44
CA ASP A 274 0.55 -18.35 -30.40
C ASP A 274 0.20 -16.98 -29.84
N THR A 275 0.91 -16.58 -28.78
CA THR A 275 0.67 -15.29 -28.17
C THR A 275 1.05 -14.16 -29.10
N ALA A 276 2.29 -14.21 -29.60
CA ALA A 276 2.78 -13.23 -30.56
C ALA A 276 1.81 -13.02 -31.72
N LYS A 277 1.30 -14.11 -32.29
CA LYS A 277 0.39 -14.04 -33.43
C LYS A 277 -0.96 -13.41 -33.10
N ALA A 278 -1.47 -13.76 -31.92
CA ALA A 278 -2.74 -13.23 -31.44
C ALA A 278 -2.70 -11.72 -31.24
N VAL A 279 -1.54 -11.22 -30.80
CA VAL A 279 -1.34 -9.79 -30.56
C VAL A 279 -1.27 -9.05 -31.88
N TYR A 280 -0.55 -9.60 -32.83
CA TYR A 280 -0.42 -9.05 -34.17
C TYR A 280 -1.78 -9.00 -34.76
N ARG A 281 -2.54 -10.02 -34.56
CA ARG A 281 -3.91 -9.97 -35.04
C ARG A 281 -4.63 -8.79 -34.40
N ALA A 282 -4.76 -8.83 -33.08
CA ALA A 282 -5.45 -7.81 -32.31
C ALA A 282 -5.02 -6.37 -32.60
N LEU A 283 -3.79 -6.18 -33.00
CA LEU A 283 -3.30 -4.86 -33.31
C LEU A 283 -3.41 -4.51 -34.75
N GLY A 284 -3.89 -5.42 -35.55
CA GLY A 284 -4.04 -5.18 -36.98
C GLY A 284 -2.73 -4.95 -37.71
N CYS A 285 -1.67 -5.62 -37.27
CA CYS A 285 -0.39 -5.57 -37.98
C CYS A 285 -0.48 -6.24 -39.35
N ARG A 286 0.45 -5.88 -40.24
CA ARG A 286 0.49 -6.43 -41.57
C ARG A 286 1.90 -6.49 -42.07
N GLY A 287 2.21 -7.42 -42.92
CA GLY A 287 3.53 -7.51 -43.53
C GLY A 287 4.49 -8.18 -42.56
N LEU A 288 4.93 -7.43 -41.56
CA LEU A 288 5.85 -7.97 -40.58
C LEU A 288 5.73 -7.26 -39.23
N SER A 289 6.38 -7.83 -38.22
CA SER A 289 6.48 -7.23 -36.90
C SER A 289 7.34 -8.14 -36.04
N ARG A 290 8.07 -7.56 -35.10
CA ARG A 290 8.78 -8.37 -34.12
C ARG A 290 8.17 -8.15 -32.75
N VAL A 291 7.74 -9.19 -32.09
CA VAL A 291 7.07 -9.07 -30.84
C VAL A 291 7.99 -9.50 -29.76
N ASP A 292 8.29 -8.61 -28.85
CA ASP A 292 9.17 -8.89 -27.72
C ASP A 292 8.25 -9.34 -26.59
N LEU A 293 8.67 -10.36 -25.84
CA LEU A 293 7.85 -10.89 -24.75
C LEU A 293 8.65 -11.19 -23.49
N PHE A 294 7.92 -11.48 -22.42
CA PHE A 294 8.50 -11.92 -21.15
C PHE A 294 7.91 -13.27 -20.80
N LEU A 295 8.80 -14.21 -20.46
CA LEU A 295 8.36 -15.53 -20.03
C LEU A 295 8.69 -15.68 -18.54
N THR A 296 7.68 -15.49 -17.69
CA THR A 296 7.85 -15.62 -16.25
C THR A 296 8.16 -17.06 -15.85
N GLU A 297 8.67 -17.26 -14.65
CA GLU A 297 9.10 -18.60 -14.24
C GLU A 297 7.90 -19.51 -14.06
N ASP A 298 6.72 -18.90 -13.93
CA ASP A 298 5.45 -19.62 -13.80
C ASP A 298 4.98 -20.22 -15.12
N GLY A 299 5.67 -19.91 -16.21
CA GLY A 299 5.31 -20.43 -17.53
C GLY A 299 4.36 -19.52 -18.27
N LYS A 300 4.12 -18.35 -17.71
CA LYS A 300 3.20 -17.38 -18.28
C LYS A 300 3.95 -16.40 -19.16
N VAL A 301 3.21 -15.62 -19.96
CA VAL A 301 3.78 -14.67 -20.92
C VAL A 301 3.16 -13.28 -20.77
N VAL A 302 4.02 -12.28 -20.70
CA VAL A 302 3.62 -10.89 -20.53
C VAL A 302 4.20 -10.08 -21.69
N LEU A 303 3.40 -9.21 -22.29
CA LEU A 303 3.83 -8.43 -23.44
C LEU A 303 4.92 -7.42 -23.10
N ASN A 304 5.90 -7.27 -23.98
CA ASN A 304 6.84 -6.16 -23.90
C ASN A 304 6.49 -5.07 -24.90
N GLU A 305 6.63 -5.38 -26.19
CA GLU A 305 6.69 -4.38 -27.23
C GLU A 305 6.23 -5.09 -28.50
N VAL A 306 5.62 -4.36 -29.43
CA VAL A 306 5.51 -4.88 -30.78
C VAL A 306 6.36 -3.96 -31.65
N ASN A 307 7.39 -4.54 -32.27
CA ASN A 307 8.22 -3.78 -33.20
C ASN A 307 7.77 -3.96 -34.66
N THR A 308 7.04 -2.99 -35.17
CA THR A 308 6.46 -3.02 -36.47
C THR A 308 7.42 -3.11 -37.64
N PHE A 309 8.57 -2.51 -37.59
CA PHE A 309 9.47 -2.69 -38.76
C PHE A 309 10.72 -2.60 -37.90
N PRO A 310 11.15 -3.72 -37.40
CA PRO A 310 12.31 -4.00 -36.56
C PRO A 310 13.61 -3.82 -37.31
N GLY A 311 14.73 -3.92 -36.59
CA GLY A 311 16.04 -3.86 -37.22
C GLY A 311 16.20 -4.98 -38.22
N MET A 312 16.85 -4.66 -39.34
CA MET A 312 17.07 -5.60 -40.42
C MET A 312 18.56 -5.68 -40.74
N THR A 313 19.38 -5.24 -39.79
CA THR A 313 20.80 -5.20 -40.02
C THR A 313 21.36 -6.61 -39.90
N SER A 314 22.65 -6.74 -40.21
CA SER A 314 23.35 -8.01 -40.10
C SER A 314 23.30 -8.56 -38.69
N TYR A 315 23.30 -7.69 -37.69
CA TYR A 315 23.29 -8.16 -36.31
C TYR A 315 21.89 -8.14 -35.69
N SER A 316 20.87 -7.96 -36.49
CA SER A 316 19.54 -7.83 -35.96
C SER A 316 18.84 -9.11 -35.59
N ARG A 317 17.85 -9.04 -34.72
CA ARG A 317 17.18 -10.22 -34.20
C ARG A 317 16.20 -10.86 -35.17
N TYR A 318 15.33 -10.04 -35.76
CA TYR A 318 14.36 -10.50 -36.73
C TYR A 318 15.02 -11.36 -37.82
N PRO A 319 16.06 -10.83 -38.48
CA PRO A 319 16.68 -11.67 -39.49
C PRO A 319 17.12 -13.01 -38.90
N ARG A 320 17.82 -12.95 -37.77
CA ARG A 320 18.36 -14.17 -37.18
C ARG A 320 17.26 -15.19 -36.95
N MET A 321 16.10 -14.71 -36.50
CA MET A 321 15.00 -15.60 -36.17
C MET A 321 14.44 -16.29 -37.41
N MET A 322 14.35 -15.55 -38.50
CA MET A 322 13.80 -16.09 -39.73
C MET A 322 14.74 -17.04 -40.48
N THR A 323 16.02 -16.72 -40.54
CA THR A 323 16.93 -17.62 -41.23
C THR A 323 17.09 -18.92 -40.45
N ALA A 324 16.81 -18.89 -39.16
CA ALA A 324 16.84 -20.09 -38.32
C ALA A 324 15.71 -21.03 -38.73
N ALA A 325 14.63 -20.43 -39.21
CA ALA A 325 13.45 -21.17 -39.66
C ALA A 325 13.50 -21.47 -41.15
N GLY A 326 14.59 -21.04 -41.79
CA GLY A 326 14.87 -21.40 -43.17
C GLY A 326 14.29 -20.43 -44.18
N LEU A 327 14.24 -19.16 -43.80
CA LEU A 327 13.83 -18.12 -44.72
C LEU A 327 15.00 -17.18 -44.89
N SER A 328 15.72 -17.30 -46.00
CA SER A 328 16.86 -16.43 -46.28
C SER A 328 16.47 -14.95 -46.27
N ARG A 329 17.41 -14.10 -45.87
CA ARG A 329 17.17 -12.67 -45.93
C ARG A 329 16.56 -12.31 -47.29
N ALA A 330 16.99 -12.99 -48.34
CA ALA A 330 16.41 -12.79 -49.66
C ALA A 330 14.98 -13.31 -49.68
N ASP A 331 14.76 -14.43 -49.04
CA ASP A 331 13.44 -15.02 -48.94
C ASP A 331 12.51 -14.11 -48.22
N VAL A 332 12.98 -13.39 -47.24
CA VAL A 332 12.15 -12.46 -46.48
C VAL A 332 11.81 -11.22 -47.29
N ILE A 333 12.76 -10.67 -48.04
CA ILE A 333 12.40 -9.55 -48.89
C ILE A 333 11.33 -9.98 -49.88
N ASP A 334 11.59 -11.07 -50.59
CA ASP A 334 10.66 -11.56 -51.59
C ASP A 334 9.25 -11.70 -51.03
N ARG A 335 9.12 -12.28 -49.87
CA ARG A 335 7.81 -12.46 -49.28
C ARG A 335 7.07 -11.22 -48.88
N LEU A 336 7.78 -10.28 -48.34
CA LEU A 336 7.21 -9.04 -47.90
C LEU A 336 6.67 -8.30 -49.06
N VAL A 337 7.37 -8.36 -50.15
CA VAL A 337 6.93 -7.69 -51.34
C VAL A 337 5.65 -8.21 -51.92
N SER A 338 5.53 -9.51 -52.04
CA SER A 338 4.34 -10.06 -52.61
C SER A 338 3.23 -9.77 -51.69
N LEU A 339 3.54 -9.80 -50.42
CA LEU A 339 2.58 -9.49 -49.37
C LEU A 339 2.03 -8.05 -49.44
N ALA A 340 2.80 -7.18 -50.05
CA ALA A 340 2.40 -5.81 -50.20
C ALA A 340 1.50 -5.66 -51.35
N LEU A 341 1.71 -6.51 -52.33
CA LEU A 341 0.95 -6.49 -53.55
C LEU A 341 -0.20 -7.45 -53.53
N ALA A 342 -0.34 -8.24 -52.49
CA ALA A 342 -1.45 -9.15 -52.39
C ALA A 342 -2.68 -8.35 -52.41
N SER B 2 3.70 41.44 -42.29
CA SER B 2 3.58 40.10 -42.92
C SER B 2 2.17 39.57 -42.71
N HIS B 3 1.69 38.74 -43.61
CA HIS B 3 0.49 38.01 -43.40
C HIS B 3 1.02 36.69 -42.96
N MET B 4 0.16 35.74 -42.69
CA MET B 4 0.64 34.42 -42.39
C MET B 4 0.18 33.62 -43.56
N LYS B 5 1.09 32.92 -44.20
CA LYS B 5 0.69 32.15 -45.32
C LYS B 5 0.20 30.89 -44.73
N ILE B 6 -1.08 30.66 -44.88
CA ILE B 6 -1.73 29.46 -44.37
C ILE B 6 -2.14 28.51 -45.49
N GLY B 7 -1.88 27.22 -45.29
CA GLY B 7 -2.24 26.22 -46.28
C GLY B 7 -3.58 25.61 -45.95
N ILE B 8 -4.56 25.79 -46.84
CA ILE B 8 -5.88 25.25 -46.59
C ILE B 8 -6.20 24.09 -47.52
N ILE B 9 -6.06 22.87 -47.02
CA ILE B 9 -6.35 21.65 -47.79
C ILE B 9 -7.81 21.20 -47.69
N PHE B 10 -8.36 20.73 -48.82
CA PHE B 10 -9.76 20.34 -48.89
C PHE B 10 -10.05 19.37 -50.03
N GLY B 11 -11.25 18.79 -50.02
CA GLY B 11 -11.65 17.80 -51.01
C GLY B 11 -11.31 16.42 -50.49
N GLY B 12 -10.57 15.65 -51.28
CA GLY B 12 -9.99 14.42 -50.79
C GLY B 12 -10.67 13.14 -51.25
N VAL B 13 -9.89 12.07 -51.37
CA VAL B 13 -10.41 10.80 -51.85
C VAL B 13 -11.15 10.13 -50.71
N SER B 14 -12.35 10.63 -50.46
CA SER B 14 -13.13 10.25 -49.30
C SER B 14 -14.60 10.34 -49.65
N GLU B 15 -15.39 9.54 -48.95
CA GLU B 15 -16.84 9.56 -49.12
C GLU B 15 -17.40 10.94 -48.74
N GLU B 16 -16.65 11.69 -47.96
CA GLU B 16 -17.08 12.99 -47.47
C GLU B 16 -16.50 14.13 -48.21
N HIS B 17 -15.88 13.83 -49.30
CA HIS B 17 -15.29 14.85 -50.14
C HIS B 17 -16.14 16.11 -50.22
N ASP B 18 -17.37 15.95 -50.62
CA ASP B 18 -18.24 17.03 -50.86
C ASP B 18 -18.50 17.86 -49.66
N ILE B 19 -18.64 17.23 -48.52
CA ILE B 19 -18.84 18.02 -47.34
C ILE B 19 -17.61 18.83 -47.15
N SER B 20 -16.46 18.22 -47.30
CA SER B 20 -15.17 18.89 -47.15
C SER B 20 -15.17 20.22 -47.92
N VAL B 21 -15.60 20.17 -49.18
CA VAL B 21 -15.61 21.40 -49.96
C VAL B 21 -16.45 22.47 -49.26
N LYS B 22 -17.61 22.09 -48.74
CA LYS B 22 -18.47 23.04 -48.06
C LYS B 22 -17.82 23.62 -46.81
N SER B 23 -17.18 22.77 -46.01
CA SER B 23 -16.48 23.23 -44.83
C SER B 23 -15.35 24.20 -45.16
N ALA B 24 -14.63 23.93 -46.24
CA ALA B 24 -13.52 24.79 -46.65
C ALA B 24 -14.06 26.12 -47.18
N ARG B 25 -15.19 26.05 -47.86
CA ARG B 25 -15.85 27.25 -48.37
C ARG B 25 -16.25 28.18 -47.21
N GLU B 26 -16.82 27.63 -46.15
CA GLU B 26 -17.14 28.41 -44.95
C GLU B 26 -15.90 29.01 -44.28
N VAL B 27 -14.86 28.19 -44.12
CA VAL B 27 -13.61 28.70 -43.58
C VAL B 27 -13.17 29.94 -44.36
N ALA B 28 -13.17 29.83 -45.69
CA ALA B 28 -12.62 30.91 -46.52
C ALA B 28 -13.29 32.27 -46.32
N THR B 29 -14.55 32.26 -45.92
CA THR B 29 -15.28 33.50 -45.75
C THR B 29 -15.11 34.06 -44.34
N HIS B 30 -14.26 33.42 -43.56
CA HIS B 30 -14.10 33.82 -42.17
C HIS B 30 -12.65 33.96 -41.70
N LEU B 31 -11.79 34.32 -42.64
CA LEU B 31 -10.41 34.69 -42.39
C LEU B 31 -10.24 36.14 -42.83
N GLY B 32 -10.21 37.04 -41.85
CA GLY B 32 -10.28 38.45 -42.07
C GLY B 32 -9.08 38.97 -42.79
N THR B 33 -9.18 40.23 -43.20
CA THR B 33 -8.24 40.82 -44.13
C THR B 33 -6.74 40.95 -43.88
N GLY B 34 -6.31 41.42 -42.74
CA GLY B 34 -4.90 41.67 -42.60
C GLY B 34 -4.03 40.59 -42.09
N VAL B 35 -4.64 39.47 -41.80
CA VAL B 35 -3.96 38.37 -41.19
C VAL B 35 -3.51 37.22 -42.02
N PHE B 36 -4.35 36.69 -42.88
CA PHE B 36 -3.93 35.47 -43.58
C PHE B 36 -3.69 35.68 -45.07
N GLU B 37 -2.80 34.87 -45.61
CA GLU B 37 -2.62 34.77 -47.06
C GLU B 37 -2.84 33.30 -47.37
N PRO B 38 -4.04 32.97 -47.87
CA PRO B 38 -4.47 31.59 -47.96
C PRO B 38 -4.00 30.90 -49.23
N PHE B 39 -3.76 29.61 -49.14
CA PHE B 39 -3.44 28.84 -50.31
C PHE B 39 -4.43 27.74 -50.26
N TYR B 40 -5.24 27.62 -51.29
CA TYR B 40 -6.29 26.62 -51.32
C TYR B 40 -5.87 25.40 -52.13
N LEU B 41 -5.39 24.39 -51.41
CA LEU B 41 -4.98 23.12 -51.99
C LEU B 41 -6.15 22.13 -52.02
N GLY B 42 -6.66 21.82 -53.20
CA GLY B 42 -7.81 20.93 -53.30
C GLY B 42 -7.45 19.58 -53.85
N ILE B 43 -7.77 18.53 -53.10
CA ILE B 43 -7.55 17.17 -53.58
C ILE B 43 -8.80 16.68 -54.28
N THR B 44 -8.65 16.27 -55.55
CA THR B 44 -9.77 15.77 -56.34
C THR B 44 -10.19 14.37 -55.91
N LYS B 45 -11.35 13.91 -56.31
CA LYS B 45 -11.81 12.63 -55.89
C LYS B 45 -10.98 11.55 -56.46
N SER B 46 -10.17 11.91 -57.43
CA SER B 46 -9.23 10.97 -58.03
C SER B 46 -7.86 11.00 -57.35
N GLY B 47 -7.76 11.80 -56.29
CA GLY B 47 -6.51 11.98 -55.55
C GLY B 47 -5.45 12.84 -56.20
N ALA B 48 -5.85 13.72 -57.12
CA ALA B 48 -4.92 14.63 -57.78
C ALA B 48 -4.85 15.95 -57.02
N TRP B 49 -3.64 16.46 -56.81
CA TRP B 49 -3.50 17.72 -56.08
C TRP B 49 -3.41 18.95 -56.98
N GLN B 50 -4.13 19.99 -56.59
CA GLN B 50 -4.12 21.26 -57.31
C GLN B 50 -4.25 22.46 -56.38
N LEU B 51 -3.57 23.54 -56.75
CA LEU B 51 -3.71 24.78 -56.02
C LEU B 51 -4.67 25.65 -56.82
N CYS B 52 -5.81 25.97 -56.24
CA CYS B 52 -6.86 26.70 -56.95
C CYS B 52 -7.20 28.05 -56.33
N ASP B 53 -8.13 28.78 -56.95
CA ASP B 53 -8.53 30.09 -56.46
C ASP B 53 -9.36 30.07 -55.19
N GLY B 54 -9.97 28.95 -54.87
CA GLY B 54 -10.78 28.86 -53.66
C GLY B 54 -11.82 27.75 -53.63
N PRO B 55 -12.11 27.16 -52.50
CA PRO B 55 -13.07 26.07 -52.51
C PRO B 55 -14.46 26.44 -52.88
N GLY B 56 -15.15 25.52 -53.50
CA GLY B 56 -16.50 25.70 -53.95
C GLY B 56 -16.63 24.64 -55.01
N GLU B 57 -17.67 24.72 -55.79
CA GLU B 57 -17.79 23.82 -56.88
C GLU B 57 -18.10 24.69 -58.05
N ASN B 58 -17.62 24.26 -59.22
CA ASN B 58 -16.77 23.09 -59.30
C ASN B 58 -15.34 23.55 -59.54
N TRP B 59 -14.62 23.84 -58.46
CA TRP B 59 -13.36 24.54 -58.62
C TRP B 59 -12.37 23.76 -59.40
N GLU B 60 -12.73 22.56 -59.77
CA GLU B 60 -11.72 21.80 -60.45
C GLU B 60 -11.74 22.47 -61.80
N ASP B 61 -12.92 22.87 -62.21
CA ASP B 61 -13.08 23.55 -63.50
C ASP B 61 -12.72 25.03 -63.39
N GLY B 62 -12.22 25.44 -62.22
CA GLY B 62 -11.67 26.77 -62.02
C GLY B 62 -10.18 26.79 -62.30
N ASN B 63 -9.55 27.95 -62.10
CA ASN B 63 -8.13 28.11 -62.40
C ASN B 63 -7.31 27.26 -61.45
N CYS B 64 -6.59 26.26 -61.98
CA CYS B 64 -5.94 25.26 -61.14
C CYS B 64 -4.51 24.89 -61.53
N ARG B 65 -3.57 25.08 -60.60
CA ARG B 65 -2.18 24.66 -60.81
C ARG B 65 -1.90 23.38 -60.02
N PRO B 66 -1.25 22.40 -60.66
CA PRO B 66 -0.83 21.20 -59.94
C PRO B 66 0.23 21.52 -58.89
N ALA B 67 0.16 20.85 -57.74
CA ALA B 67 1.13 21.09 -56.68
C ALA B 67 0.85 20.14 -55.51
N VAL B 68 1.83 20.02 -54.62
CA VAL B 68 1.69 19.09 -53.51
C VAL B 68 2.29 19.64 -52.23
N LEU B 69 1.78 19.19 -51.09
CA LEU B 69 2.47 19.43 -49.83
C LEU B 69 3.69 18.51 -49.80
N SER B 70 4.88 19.09 -49.65
CA SER B 70 6.10 18.30 -49.68
C SER B 70 6.49 17.79 -48.30
N PRO B 71 7.00 16.56 -48.23
CA PRO B 71 7.45 16.00 -46.97
C PRO B 71 8.88 16.46 -46.63
N ASP B 72 9.50 17.24 -47.48
CA ASP B 72 10.86 17.68 -47.24
C ASP B 72 10.84 18.82 -46.31
N ARG B 73 11.57 18.78 -45.25
CA ARG B 73 11.62 19.89 -44.34
C ARG B 73 12.29 21.12 -44.89
N SER B 74 13.31 20.96 -45.67
CA SER B 74 14.02 22.12 -46.18
C SER B 74 13.06 22.99 -46.97
N VAL B 75 11.92 22.43 -47.36
CA VAL B 75 10.91 23.18 -48.12
C VAL B 75 9.87 23.81 -47.20
N HIS B 76 9.50 23.10 -46.13
CA HIS B 76 8.54 23.61 -45.17
C HIS B 76 7.36 24.25 -45.89
N GLY B 77 6.84 23.61 -46.92
CA GLY B 77 5.70 24.14 -47.67
C GLY B 77 5.30 23.33 -48.88
N LEU B 78 4.99 24.00 -49.97
CA LEU B 78 4.47 23.39 -51.18
C LEU B 78 5.32 23.50 -52.38
N LEU B 79 5.32 22.47 -53.21
CA LEU B 79 5.88 22.53 -54.55
C LEU B 79 4.74 22.84 -55.50
N VAL B 80 4.99 23.75 -56.45
CA VAL B 80 4.01 24.07 -57.48
C VAL B 80 4.55 23.53 -58.80
N LEU B 81 3.77 22.67 -59.43
CA LEU B 81 4.24 21.92 -60.60
C LEU B 81 3.58 22.29 -61.92
N GLU B 82 4.25 23.13 -62.71
CA GLU B 82 3.66 23.62 -63.96
C GLU B 82 4.58 23.22 -65.10
N GLN B 83 4.15 22.25 -65.90
CA GLN B 83 4.89 21.84 -67.10
C GLN B 83 6.41 21.65 -67.12
N GLY B 84 6.92 20.94 -66.13
CA GLY B 84 8.34 20.58 -66.06
C GLY B 84 9.11 21.54 -65.18
N LYS B 85 8.49 22.68 -64.87
CA LYS B 85 9.09 23.72 -64.04
C LYS B 85 8.44 23.73 -62.67
N TYR B 86 9.23 23.93 -61.61
CA TYR B 86 8.67 23.95 -60.26
C TYR B 86 9.06 25.17 -59.44
N GLU B 87 8.18 25.54 -58.51
CA GLU B 87 8.41 26.65 -57.60
C GLU B 87 8.12 26.18 -56.18
N THR B 88 8.70 26.83 -55.17
CA THR B 88 8.41 26.45 -53.79
C THR B 88 7.79 27.60 -52.98
N ILE B 89 6.65 27.34 -52.36
CA ILE B 89 6.02 28.33 -51.50
C ILE B 89 6.06 27.86 -50.06
N ARG B 90 6.80 28.57 -49.23
CA ARG B 90 6.93 28.20 -47.81
C ARG B 90 5.71 28.65 -47.01
N LEU B 91 5.06 27.70 -46.34
CA LEU B 91 3.89 28.00 -45.55
C LEU B 91 4.30 28.16 -44.10
N ASP B 92 3.46 28.85 -43.34
CA ASP B 92 3.65 29.02 -41.91
C ASP B 92 2.83 28.01 -41.12
N LEU B 93 1.82 27.45 -41.77
CA LEU B 93 0.78 26.72 -41.06
C LEU B 93 -0.10 26.01 -42.09
N VAL B 94 -0.49 24.77 -41.79
CA VAL B 94 -1.48 24.13 -42.62
C VAL B 94 -2.78 23.96 -41.84
N LEU B 95 -3.90 24.21 -42.52
CA LEU B 95 -5.23 23.95 -41.98
C LEU B 95 -5.86 22.84 -42.82
N PRO B 96 -5.84 21.59 -42.31
CA PRO B 96 -6.39 20.49 -43.08
C PRO B 96 -7.90 20.38 -42.92
N VAL B 97 -8.66 21.01 -43.81
CA VAL B 97 -10.12 20.94 -43.70
C VAL B 97 -10.59 19.71 -44.46
N LEU B 98 -10.20 18.54 -43.96
CA LEU B 98 -10.54 17.28 -44.60
C LEU B 98 -11.40 16.38 -43.70
N HIS B 99 -12.44 15.78 -44.27
CA HIS B 99 -13.23 14.87 -43.46
C HIS B 99 -13.00 13.45 -43.95
N GLY B 100 -13.16 12.51 -43.03
CA GLY B 100 -13.32 11.11 -43.40
C GLY B 100 -12.03 10.35 -43.63
N LYS B 101 -12.04 9.52 -44.67
CA LYS B 101 -10.89 8.68 -44.99
C LYS B 101 -9.74 9.48 -45.59
N LEU B 102 -8.55 9.27 -45.04
CA LEU B 102 -7.34 9.98 -45.46
C LEU B 102 -7.26 11.41 -44.94
N GLY B 103 -8.26 11.83 -44.16
CA GLY B 103 -8.27 13.19 -43.63
C GLY B 103 -8.34 13.26 -42.12
N GLU B 104 -8.89 12.23 -41.54
CA GLU B 104 -9.09 12.19 -40.13
C GLU B 104 -8.62 10.91 -39.59
N ASP B 105 -7.97 10.16 -40.48
CA ASP B 105 -7.31 8.85 -40.42
C ASP B 105 -6.01 8.84 -39.76
N GLY B 106 -5.31 9.94 -39.94
CA GLY B 106 -3.90 10.03 -39.71
C GLY B 106 -3.13 10.21 -40.99
N ALA B 107 -3.74 10.04 -42.14
CA ALA B 107 -3.00 10.05 -43.40
C ALA B 107 -2.36 11.41 -43.64
N ILE B 108 -3.14 12.44 -43.76
CA ILE B 108 -2.54 13.72 -43.96
C ILE B 108 -1.80 14.24 -42.78
N GLN B 109 -2.07 13.77 -41.61
CA GLN B 109 -1.32 14.19 -40.49
C GLN B 109 0.01 13.49 -40.49
N GLY B 110 0.18 12.43 -41.26
CA GLY B 110 1.49 11.84 -41.46
C GLY B 110 2.35 12.67 -42.39
N LEU B 111 1.79 13.14 -43.49
CA LEU B 111 2.56 13.91 -44.41
C LEU B 111 2.92 15.21 -43.83
N LEU B 112 2.01 15.79 -43.08
CA LEU B 112 2.27 17.01 -42.33
C LEU B 112 3.43 16.85 -41.35
N GLU B 113 3.40 15.84 -40.51
CA GLU B 113 4.49 15.64 -39.57
C GLU B 113 5.79 15.36 -40.24
N LEU B 114 5.75 14.97 -41.49
CA LEU B 114 6.95 14.75 -42.20
C LEU B 114 7.45 16.05 -42.69
N SER B 115 6.58 17.04 -42.70
CA SER B 115 6.84 18.33 -43.23
C SER B 115 7.45 19.17 -42.17
N GLY B 116 7.17 18.80 -40.94
CA GLY B 116 7.52 19.63 -39.80
C GLY B 116 6.71 20.92 -39.69
N ILE B 117 5.83 21.17 -40.66
CA ILE B 117 4.94 22.33 -40.65
C ILE B 117 3.88 22.22 -39.56
N PRO B 118 3.66 23.30 -38.79
CA PRO B 118 2.60 23.32 -37.79
C PRO B 118 1.24 23.11 -38.44
N TYR B 119 0.29 22.53 -37.71
CA TYR B 119 -1.04 22.28 -38.26
C TYR B 119 -2.18 22.28 -37.25
N VAL B 120 -3.38 22.42 -37.73
CA VAL B 120 -4.54 22.39 -36.88
C VAL B 120 -5.11 21.01 -36.66
N GLY B 121 -5.68 20.81 -35.50
CA GLY B 121 -6.38 19.60 -35.18
C GLY B 121 -5.50 18.58 -34.57
N CYS B 122 -6.00 17.35 -34.56
CA CYS B 122 -5.43 16.25 -33.82
C CYS B 122 -4.23 15.65 -34.55
N ASP B 123 -3.52 14.85 -33.77
CA ASP B 123 -2.42 14.01 -34.14
C ASP B 123 -2.66 12.93 -35.11
N ILE B 124 -1.61 12.23 -35.48
CA ILE B 124 -1.81 10.93 -36.11
C ILE B 124 -2.46 9.99 -35.10
N GLN B 125 -1.90 9.88 -33.94
CA GLN B 125 -2.47 9.02 -32.96
C GLN B 125 -3.91 9.32 -32.70
N SER B 126 -4.24 10.52 -32.28
CA SER B 126 -5.60 10.81 -31.89
C SER B 126 -6.50 10.65 -33.04
N SER B 127 -6.06 11.00 -34.21
CA SER B 127 -6.86 10.75 -35.35
C SER B 127 -7.09 9.29 -35.61
N ALA B 128 -6.10 8.44 -35.42
CA ALA B 128 -6.32 7.01 -35.65
C ALA B 128 -7.30 6.44 -34.64
N LEU B 129 -7.05 6.73 -33.36
CA LEU B 129 -7.89 6.29 -32.26
C LEU B 129 -9.37 6.67 -32.38
N CYS B 130 -9.64 7.83 -32.98
CA CYS B 130 -11.02 8.28 -33.11
C CYS B 130 -11.69 7.79 -34.39
N MET B 131 -10.96 7.60 -35.46
CA MET B 131 -11.60 7.09 -36.63
C MET B 131 -12.01 5.67 -36.47
N ASP B 132 -11.23 4.84 -35.82
CA ASP B 132 -11.74 3.51 -35.52
C ASP B 132 -12.56 3.57 -34.23
N LYS B 133 -13.87 3.68 -34.38
CA LYS B 133 -14.75 3.81 -33.22
C LYS B 133 -14.46 2.73 -32.17
N SER B 134 -14.02 1.56 -32.59
CA SER B 134 -13.75 0.48 -31.63
C SER B 134 -12.47 0.68 -30.82
N LEU B 135 -11.57 1.53 -31.31
CA LEU B 135 -10.40 1.92 -30.51
C LEU B 135 -10.81 3.05 -29.58
N THR B 136 -11.67 3.93 -30.06
CA THR B 136 -12.18 4.98 -29.18
C THR B 136 -12.86 4.37 -27.95
N TYR B 137 -13.72 3.38 -28.17
CA TYR B 137 -14.39 2.70 -27.06
C TYR B 137 -13.35 2.09 -26.14
N LEU B 138 -12.28 1.62 -26.75
CA LEU B 138 -11.25 0.91 -26.01
C LEU B 138 -10.55 1.89 -25.07
N VAL B 139 -10.38 3.10 -25.56
CA VAL B 139 -9.71 4.14 -24.79
C VAL B 139 -10.64 4.74 -23.75
N ALA B 140 -11.87 5.07 -24.18
CA ALA B 140 -12.89 5.62 -23.30
C ALA B 140 -13.15 4.76 -22.07
N ARG B 141 -13.24 3.45 -22.27
CA ARG B 141 -13.44 2.51 -21.17
C ARG B 141 -12.32 2.66 -20.14
N SER B 142 -11.08 2.69 -20.62
CA SER B 142 -9.90 2.79 -19.75
C SER B 142 -9.88 4.10 -18.97
N ALA B 143 -10.64 5.08 -19.42
CA ALA B 143 -10.74 6.34 -18.67
C ALA B 143 -12.04 6.37 -17.87
N GLY B 144 -12.70 5.22 -17.79
CA GLY B 144 -13.91 5.08 -16.98
C GLY B 144 -15.15 5.70 -17.60
N ILE B 145 -15.18 5.75 -18.92
CA ILE B 145 -16.29 6.36 -19.64
C ILE B 145 -17.12 5.27 -20.29
N ALA B 146 -18.44 5.43 -20.26
CA ALA B 146 -19.33 4.40 -20.80
C ALA B 146 -19.30 4.35 -22.33
N THR B 147 -19.63 3.21 -22.90
CA THR B 147 -19.76 3.04 -24.33
C THR B 147 -20.75 1.98 -24.73
N PRO B 148 -21.17 1.95 -25.95
CA PRO B 148 -22.11 0.94 -26.33
C PRO B 148 -21.56 -0.37 -25.96
N ASN B 149 -22.30 -1.46 -26.14
CA ASN B 149 -21.79 -2.78 -26.02
C ASN B 149 -21.61 -3.17 -27.45
N PHE B 150 -20.45 -3.66 -27.84
CA PHE B 150 -20.19 -3.83 -29.24
C PHE B 150 -19.43 -5.09 -29.59
N TRP B 151 -19.60 -5.53 -30.81
CA TRP B 151 -18.78 -6.61 -31.35
C TRP B 151 -18.11 -6.09 -32.62
N THR B 152 -17.03 -6.74 -33.02
CA THR B 152 -16.26 -6.30 -34.18
C THR B 152 -16.09 -7.46 -35.16
N VAL B 153 -16.21 -7.18 -36.45
CA VAL B 153 -16.17 -8.27 -37.43
C VAL B 153 -15.38 -7.94 -38.70
N THR B 154 -14.20 -8.54 -38.83
CA THR B 154 -13.37 -8.31 -40.00
C THR B 154 -13.74 -9.30 -41.10
N ALA B 155 -13.18 -9.10 -42.29
CA ALA B 155 -13.53 -9.97 -43.41
C ALA B 155 -13.46 -11.48 -43.12
N ASP B 156 -12.62 -11.82 -42.16
CA ASP B 156 -12.28 -13.22 -41.87
C ASP B 156 -13.18 -13.87 -40.81
N GLU B 157 -13.92 -13.08 -40.06
CA GLU B 157 -14.74 -13.59 -38.98
C GLU B 157 -16.19 -13.75 -39.37
N LYS B 158 -16.88 -14.73 -38.82
CA LYS B 158 -18.33 -14.86 -38.93
C LYS B 158 -18.98 -13.86 -37.97
N ILE B 159 -20.24 -13.50 -38.21
CA ILE B 159 -20.96 -12.62 -37.30
C ILE B 159 -21.49 -13.46 -36.15
N PRO B 160 -21.43 -12.98 -34.93
CA PRO B 160 -21.79 -13.76 -33.75
C PRO B 160 -23.26 -13.71 -33.41
N THR B 161 -24.13 -13.83 -34.39
CA THR B 161 -25.57 -13.73 -34.20
C THR B 161 -26.12 -14.43 -32.98
N ASP B 162 -25.64 -15.63 -32.72
CA ASP B 162 -26.08 -16.36 -31.57
C ASP B 162 -26.27 -15.33 -30.47
N GLN B 163 -25.36 -14.39 -30.39
CA GLN B 163 -25.13 -13.62 -29.17
C GLN B 163 -25.78 -12.28 -29.07
N LEU B 164 -26.67 -11.98 -30.00
CA LEU B 164 -27.12 -10.63 -30.21
C LEU B 164 -28.51 -10.39 -29.71
N THR B 165 -28.73 -9.15 -29.30
CA THR B 165 -30.00 -8.71 -28.77
C THR B 165 -30.39 -7.45 -29.50
N TYR B 166 -31.51 -7.51 -30.20
CA TYR B 166 -32.03 -6.47 -31.07
C TYR B 166 -32.88 -5.48 -30.29
N PRO B 167 -32.91 -4.21 -30.72
CA PRO B 167 -32.27 -3.61 -31.89
C PRO B 167 -30.76 -3.47 -31.83
N VAL B 168 -30.16 -3.30 -33.01
CA VAL B 168 -28.72 -3.32 -33.20
C VAL B 168 -28.31 -2.31 -34.27
N PHE B 169 -27.17 -1.65 -34.07
CA PHE B 169 -26.63 -0.75 -35.08
C PHE B 169 -25.40 -1.37 -35.71
N VAL B 170 -25.37 -1.38 -37.03
CA VAL B 170 -24.26 -1.97 -37.77
C VAL B 170 -23.60 -0.84 -38.51
N LYS B 171 -22.28 -0.77 -38.46
CA LYS B 171 -21.59 0.35 -39.08
C LYS B 171 -20.19 -0.08 -39.52
N PRO B 172 -19.62 0.63 -40.50
CA PRO B 172 -18.20 0.41 -40.71
C PRO B 172 -17.53 0.83 -39.42
N ALA B 173 -16.36 0.27 -39.11
CA ALA B 173 -15.62 0.68 -37.92
C ALA B 173 -14.98 2.02 -38.13
N ARG B 174 -14.73 2.36 -39.39
CA ARG B 174 -14.04 3.60 -39.73
C ARG B 174 -14.75 4.32 -40.87
N SER B 175 -15.82 5.05 -40.53
CA SER B 175 -16.53 5.88 -41.48
C SER B 175 -17.14 7.08 -40.79
N GLY B 176 -17.95 7.85 -41.50
CA GLY B 176 -18.56 9.02 -40.88
C GLY B 176 -19.75 9.49 -41.68
N SER B 177 -20.39 10.55 -41.21
CA SER B 177 -21.56 11.07 -41.89
C SER B 177 -22.50 9.92 -42.19
N SER B 178 -22.49 8.91 -41.31
CA SER B 178 -23.45 7.82 -41.41
C SER B 178 -23.38 6.94 -42.66
N PHE B 179 -22.27 6.97 -43.39
CA PHE B 179 -22.09 6.06 -44.52
C PHE B 179 -21.95 4.64 -44.00
N GLY B 180 -22.88 3.76 -44.36
CA GLY B 180 -22.75 2.36 -44.00
C GLY B 180 -23.58 1.95 -42.79
N VAL B 181 -24.05 2.92 -42.02
CA VAL B 181 -24.79 2.64 -40.80
C VAL B 181 -26.24 2.26 -41.03
N SER B 182 -26.65 1.09 -40.54
CA SER B 182 -28.02 0.60 -40.64
C SER B 182 -28.53 0.22 -39.25
N LYS B 183 -29.83 0.17 -39.05
CA LYS B 183 -30.36 -0.23 -37.76
C LYS B 183 -31.20 -1.47 -37.91
N VAL B 184 -30.63 -2.61 -37.58
CA VAL B 184 -31.33 -3.88 -37.76
C VAL B 184 -32.15 -4.22 -36.53
N ALA B 185 -33.29 -4.90 -36.75
CA ALA B 185 -34.18 -5.29 -35.66
C ALA B 185 -34.47 -6.78 -35.69
N ARG B 186 -34.29 -7.40 -36.85
CA ARG B 186 -34.47 -8.85 -36.95
C ARG B 186 -33.22 -9.50 -37.52
N GLU B 187 -32.93 -10.71 -37.04
CA GLU B 187 -31.75 -11.44 -37.47
C GLU B 187 -31.55 -11.45 -38.99
N GLU B 188 -32.61 -11.59 -39.72
CA GLU B 188 -32.47 -11.83 -41.12
C GLU B 188 -32.08 -10.59 -41.82
N ASP B 189 -32.22 -9.45 -41.19
CA ASP B 189 -31.89 -8.28 -41.95
C ASP B 189 -30.44 -7.87 -41.72
N LEU B 190 -29.69 -8.79 -41.15
CA LEU B 190 -28.35 -8.56 -40.59
C LEU B 190 -27.20 -8.69 -41.60
N GLN B 191 -27.22 -9.76 -42.40
CA GLN B 191 -26.18 -9.97 -43.39
C GLN B 191 -26.10 -8.82 -44.39
N GLY B 192 -27.25 -8.37 -44.89
CA GLY B 192 -27.30 -7.26 -45.81
C GLY B 192 -26.65 -6.03 -45.22
N ALA B 193 -26.90 -5.81 -43.93
CA ALA B 193 -26.40 -4.63 -43.22
C ALA B 193 -24.88 -4.68 -43.10
N VAL B 194 -24.36 -5.85 -42.75
CA VAL B 194 -22.92 -6.06 -42.71
C VAL B 194 -22.35 -5.75 -44.10
N GLU B 195 -22.92 -6.39 -45.12
CA GLU B 195 -22.55 -6.12 -46.51
C GLU B 195 -22.42 -4.62 -46.76
N ALA B 196 -23.53 -3.88 -46.63
CA ALA B 196 -23.53 -2.46 -46.94
C ALA B 196 -22.37 -1.77 -46.27
N ALA B 197 -22.10 -2.15 -45.02
CA ALA B 197 -21.08 -1.52 -44.20
C ALA B 197 -19.66 -1.81 -44.68
N ARG B 198 -19.48 -2.95 -45.33
CA ARG B 198 -18.18 -3.34 -45.85
C ARG B 198 -17.83 -2.62 -47.13
N GLU B 199 -18.82 -1.98 -47.74
CA GLU B 199 -18.54 -1.18 -48.93
C GLU B 199 -17.61 -0.06 -48.50
N TYR B 200 -17.52 0.14 -47.19
CA TYR B 200 -16.89 1.30 -46.57
C TYR B 200 -15.73 0.99 -45.63
N ASP B 201 -15.66 -0.25 -45.14
CA ASP B 201 -14.57 -0.68 -44.29
C ASP B 201 -14.66 -2.19 -44.29
N SER B 202 -13.54 -2.88 -44.43
CA SER B 202 -13.55 -4.33 -44.34
C SER B 202 -13.79 -4.79 -42.90
N LYS B 203 -13.57 -3.89 -41.95
CA LYS B 203 -13.80 -4.17 -40.54
C LYS B 203 -15.14 -3.55 -40.12
N VAL B 204 -16.04 -4.38 -39.60
CA VAL B 204 -17.39 -3.95 -39.31
C VAL B 204 -17.71 -3.97 -37.83
N LEU B 205 -18.41 -2.93 -37.39
CA LEU B 205 -18.76 -2.77 -35.99
C LEU B 205 -20.22 -3.15 -35.80
N ILE B 206 -20.53 -3.89 -34.74
CA ILE B 206 -21.92 -4.17 -34.38
C ILE B 206 -22.21 -3.67 -32.97
N GLU B 207 -23.16 -2.76 -32.84
CA GLU B 207 -23.41 -2.09 -31.57
C GLU B 207 -24.79 -2.42 -31.04
N GLU B 208 -24.89 -2.59 -29.75
CA GLU B 208 -26.16 -2.79 -29.12
C GLU B 208 -26.70 -1.44 -28.91
N ALA B 209 -27.93 -1.24 -29.34
CA ALA B 209 -28.57 0.07 -29.41
C ALA B 209 -28.71 0.79 -28.07
N VAL B 210 -28.27 2.04 -28.03
CA VAL B 210 -28.44 2.88 -26.84
C VAL B 210 -29.79 3.61 -26.84
N ILE B 211 -30.46 3.62 -25.69
CA ILE B 211 -31.68 4.40 -25.56
C ILE B 211 -31.36 5.75 -24.92
N GLY B 212 -31.77 6.85 -25.54
CA GLY B 212 -31.55 8.15 -24.93
C GLY B 212 -31.51 9.31 -25.90
N THR B 213 -31.16 10.49 -25.44
CA THR B 213 -31.16 11.59 -26.36
C THR B 213 -29.77 11.69 -26.83
N GLU B 214 -29.62 12.04 -28.08
CA GLU B 214 -28.31 12.24 -28.68
C GLU B 214 -27.82 13.66 -28.46
N ILE B 215 -26.76 13.77 -27.67
CA ILE B 215 -26.16 15.04 -27.32
C ILE B 215 -24.82 15.20 -28.05
N GLY B 216 -24.46 16.44 -28.35
CA GLY B 216 -23.19 16.71 -29.02
C GLY B 216 -22.48 17.87 -28.34
N CYS B 217 -21.19 17.72 -28.10
CA CYS B 217 -20.42 18.76 -27.42
C CYS B 217 -19.24 19.15 -28.30
N ALA B 218 -18.99 20.45 -28.46
CA ALA B 218 -17.86 20.92 -29.26
C ALA B 218 -16.69 21.38 -28.38
N VAL B 219 -15.56 20.70 -28.52
CA VAL B 219 -14.41 20.95 -27.67
C VAL B 219 -13.32 21.69 -28.45
N MET B 220 -12.56 22.52 -27.73
CA MET B 220 -11.41 23.22 -28.29
C MET B 220 -10.32 23.38 -27.23
N GLY B 221 -9.07 23.28 -27.65
CA GLY B 221 -7.93 23.42 -26.74
C GLY B 221 -6.85 22.37 -26.95
N ASN B 222 -5.68 22.62 -26.37
CA ASN B 222 -4.59 21.67 -26.36
C ASN B 222 -4.42 21.11 -24.95
N GLY B 223 -4.16 19.82 -24.84
CA GLY B 223 -3.80 19.22 -23.55
C GLY B 223 -4.89 19.37 -22.52
N PRO B 224 -4.55 19.86 -21.33
CA PRO B 224 -5.55 19.98 -20.26
C PRO B 224 -6.49 21.17 -20.37
N GLU B 225 -5.99 22.29 -20.89
CA GLU B 225 -6.74 23.54 -20.91
C GLU B 225 -7.75 23.48 -22.05
N LEU B 226 -9.02 23.25 -21.70
CA LEU B 226 -10.06 23.05 -22.70
C LEU B 226 -11.28 23.94 -22.44
N ILE B 227 -11.94 24.35 -23.52
CA ILE B 227 -13.23 25.00 -23.40
C ILE B 227 -14.21 24.24 -24.28
N THR B 228 -15.49 24.26 -23.90
CA THR B 228 -16.53 23.67 -24.73
C THR B 228 -17.54 24.71 -25.19
N GLY B 229 -18.29 24.40 -26.26
CA GLY B 229 -19.36 25.26 -26.72
C GLY B 229 -20.64 25.00 -25.94
N GLU B 230 -21.76 25.33 -26.54
CA GLU B 230 -23.05 25.03 -25.97
C GLU B 230 -23.32 23.59 -26.32
N VAL B 231 -24.05 22.88 -25.48
CA VAL B 231 -24.36 21.50 -25.76
C VAL B 231 -25.53 21.41 -26.72
N ASP B 232 -25.35 20.73 -27.86
CA ASP B 232 -26.50 20.56 -28.75
C ASP B 232 -27.26 19.25 -28.54
N GLN B 233 -28.41 19.14 -29.17
CA GLN B 233 -29.31 18.03 -29.01
C GLN B 233 -30.02 17.68 -30.28
N ILE B 234 -30.01 16.42 -30.66
CA ILE B 234 -30.70 15.99 -31.87
C ILE B 234 -32.22 15.96 -31.65
N THR B 235 -32.93 16.71 -32.46
CA THR B 235 -34.37 16.83 -32.39
C THR B 235 -35.10 15.98 -33.39
N LEU B 236 -36.42 15.93 -33.26
CA LEU B 236 -37.26 15.14 -34.17
C LEU B 236 -36.59 13.81 -34.50
N GLU B 250 -30.66 9.52 -46.26
CA GLU B 250 -29.41 9.26 -45.57
C GLU B 250 -28.44 10.42 -45.73
N SER B 251 -28.31 11.13 -44.62
CA SER B 251 -27.39 12.25 -44.41
C SER B 251 -27.18 12.25 -42.89
N GLY B 252 -25.93 12.29 -42.47
CA GLY B 252 -25.55 11.96 -41.13
C GLY B 252 -25.95 12.97 -40.13
N SER B 253 -25.41 12.92 -38.93
CA SER B 253 -25.89 13.75 -37.88
C SER B 253 -25.69 15.18 -38.16
N ASP B 254 -24.55 15.51 -38.71
CA ASP B 254 -24.18 16.91 -38.94
C ASP B 254 -25.23 17.65 -39.74
N ASN B 255 -26.05 16.90 -40.45
CA ASN B 255 -27.08 17.48 -41.28
C ASN B 255 -28.44 17.47 -40.59
N SER B 256 -28.45 17.06 -39.32
CA SER B 256 -29.69 16.87 -38.59
C SER B 256 -30.26 18.13 -37.92
N ALA B 257 -31.58 18.19 -37.84
CA ALA B 257 -32.26 19.23 -37.06
C ALA B 257 -31.82 19.11 -35.61
N VAL B 258 -31.18 20.16 -35.08
CA VAL B 258 -30.81 20.15 -33.68
C VAL B 258 -31.42 21.31 -32.90
N THR B 259 -31.33 21.23 -31.59
CA THR B 259 -31.71 22.33 -30.70
C THR B 259 -30.47 22.78 -29.93
N VAL B 260 -30.28 24.10 -29.81
CA VAL B 260 -29.11 24.62 -29.11
C VAL B 260 -29.51 25.86 -28.32
N PRO B 261 -29.34 25.81 -26.99
CA PRO B 261 -28.79 24.66 -26.27
C PRO B 261 -29.78 23.51 -26.03
N ALA B 262 -29.25 22.32 -25.78
CA ALA B 262 -30.06 21.14 -25.48
C ALA B 262 -30.96 21.40 -24.30
N ASP B 263 -32.18 20.87 -24.35
CA ASP B 263 -33.11 20.93 -23.22
C ASP B 263 -32.80 19.89 -22.16
N ILE B 264 -31.81 20.16 -21.33
CA ILE B 264 -31.38 19.24 -20.28
C ILE B 264 -30.93 19.97 -19.00
N SER B 265 -31.01 19.28 -17.88
CA SER B 265 -30.58 19.81 -16.59
C SER B 265 -29.27 20.56 -16.72
N THR B 266 -29.06 21.54 -15.85
CA THR B 266 -27.76 22.20 -15.80
C THR B 266 -26.72 21.21 -15.29
N THR B 267 -27.14 20.27 -14.49
CA THR B 267 -26.22 19.24 -14.11
C THR B 267 -25.95 18.41 -15.32
N SER B 268 -27.00 18.01 -15.98
CA SER B 268 -26.86 17.14 -17.15
C SER B 268 -25.83 17.74 -18.09
N ARG B 269 -25.95 19.05 -18.30
CA ARG B 269 -25.09 19.80 -19.20
C ARG B 269 -23.63 19.75 -18.72
N SER B 270 -23.36 20.00 -17.48
CA SER B 270 -22.01 19.95 -17.08
C SER B 270 -21.53 18.57 -17.27
N LEU B 271 -22.26 17.61 -16.81
CA LEU B 271 -21.82 16.22 -16.99
C LEU B 271 -21.43 15.94 -18.44
N VAL B 272 -22.36 16.22 -19.35
CA VAL B 272 -22.09 16.05 -20.78
C VAL B 272 -20.76 16.69 -21.14
N GLN B 273 -20.54 17.91 -20.68
CA GLN B 273 -19.33 18.64 -21.01
C GLN B 273 -18.06 18.04 -20.39
N ASP B 274 -18.11 17.77 -19.09
CA ASP B 274 -16.97 17.17 -18.41
C ASP B 274 -16.60 15.83 -19.03
N THR B 275 -17.63 15.07 -19.40
CA THR B 275 -17.41 13.79 -20.04
C THR B 275 -16.69 14.01 -21.36
N ALA B 276 -17.16 14.97 -22.16
CA ALA B 276 -16.57 15.22 -23.46
C ALA B 276 -15.09 15.59 -23.32
N LYS B 277 -14.78 16.45 -22.39
CA LYS B 277 -13.43 16.84 -22.13
C LYS B 277 -12.59 15.69 -21.62
N ALA B 278 -13.17 14.83 -20.82
CA ALA B 278 -12.44 13.71 -20.23
C ALA B 278 -11.98 12.73 -21.29
N VAL B 279 -12.80 12.57 -22.32
CA VAL B 279 -12.49 11.69 -23.45
C VAL B 279 -11.46 12.36 -24.33
N TYR B 280 -11.79 13.55 -24.81
CA TYR B 280 -10.85 14.39 -25.52
C TYR B 280 -9.47 14.24 -24.90
N ARG B 281 -9.39 14.33 -23.57
CA ARG B 281 -8.10 14.23 -22.90
C ARG B 281 -7.53 12.83 -23.03
N ALA B 282 -8.33 11.82 -22.72
CA ALA B 282 -7.87 10.43 -22.76
C ALA B 282 -7.38 10.06 -24.15
N LEU B 283 -8.06 10.59 -25.17
CA LEU B 283 -7.74 10.24 -26.55
C LEU B 283 -6.57 11.04 -27.11
N GLY B 284 -6.04 11.97 -26.30
CA GLY B 284 -4.92 12.81 -26.74
C GLY B 284 -5.28 13.83 -27.80
N CYS B 285 -6.57 14.09 -28.00
CA CYS B 285 -7.01 15.07 -28.99
C CYS B 285 -6.31 16.42 -28.86
N ARG B 286 -6.31 17.18 -29.94
CA ARG B 286 -5.65 18.46 -29.97
C ARG B 286 -6.34 19.40 -30.90
N GLY B 287 -6.39 20.66 -30.55
CA GLY B 287 -6.96 21.69 -31.40
C GLY B 287 -8.45 21.68 -31.22
N LEU B 288 -9.12 20.71 -31.84
CA LEU B 288 -10.57 20.59 -31.73
C LEU B 288 -11.05 19.16 -31.94
N SER B 289 -12.35 18.96 -31.76
CA SER B 289 -13.02 17.67 -31.90
C SER B 289 -14.49 17.93 -31.60
N ARG B 290 -15.37 17.06 -32.09
CA ARG B 290 -16.77 17.16 -31.71
C ARG B 290 -17.14 15.81 -31.12
N VAL B 291 -17.33 15.81 -29.80
CA VAL B 291 -17.78 14.62 -29.09
C VAL B 291 -19.29 14.43 -29.29
N ASP B 292 -19.67 13.21 -29.65
CA ASP B 292 -21.06 12.83 -29.82
C ASP B 292 -21.46 11.90 -28.67
N LEU B 293 -22.58 12.15 -28.02
CA LEU B 293 -22.91 11.36 -26.83
C LEU B 293 -24.37 10.96 -26.74
N PHE B 294 -24.62 9.95 -25.92
CA PHE B 294 -25.98 9.56 -25.55
C PHE B 294 -26.21 9.93 -24.09
N LEU B 295 -27.43 10.39 -23.79
CA LEU B 295 -27.85 10.69 -22.43
C LEU B 295 -29.11 9.88 -22.17
N THR B 296 -28.97 8.85 -21.33
CA THR B 296 -30.09 7.95 -21.05
C THR B 296 -31.11 8.61 -20.13
N GLU B 297 -32.28 8.00 -20.01
CA GLU B 297 -33.30 8.47 -19.06
C GLU B 297 -32.75 8.46 -17.63
N ASP B 298 -31.95 7.50 -17.23
CA ASP B 298 -31.45 7.57 -15.87
C ASP B 298 -30.52 8.70 -15.66
N GLY B 299 -30.19 9.39 -16.73
CA GLY B 299 -29.37 10.60 -16.59
C GLY B 299 -27.88 10.37 -16.73
N LYS B 300 -27.51 9.19 -17.18
CA LYS B 300 -26.13 8.81 -17.30
C LYS B 300 -25.65 9.01 -18.69
N VAL B 301 -24.34 9.04 -18.92
CA VAL B 301 -23.84 9.44 -20.23
C VAL B 301 -23.04 8.35 -20.94
N VAL B 302 -23.34 8.13 -22.21
CA VAL B 302 -22.58 7.18 -23.03
C VAL B 302 -21.93 7.85 -24.23
N LEU B 303 -20.72 7.42 -24.57
CA LEU B 303 -20.01 7.96 -25.73
C LEU B 303 -20.57 7.41 -27.04
N ASN B 304 -20.65 8.23 -28.07
CA ASN B 304 -20.94 7.80 -29.41
C ASN B 304 -19.65 7.71 -30.17
N GLU B 305 -19.03 8.85 -30.42
CA GLU B 305 -18.03 9.00 -31.47
C GLU B 305 -17.18 10.19 -31.04
N VAL B 306 -15.95 10.25 -31.44
CA VAL B 306 -15.23 11.51 -31.36
C VAL B 306 -14.90 11.96 -32.77
N ASN B 307 -15.48 13.09 -33.18
CA ASN B 307 -15.26 13.64 -34.51
C ASN B 307 -14.09 14.63 -34.45
N THR B 308 -12.95 14.26 -35.05
CA THR B 308 -11.69 14.98 -34.79
C THR B 308 -11.57 16.21 -35.68
N PHE B 309 -11.97 16.08 -36.94
CA PHE B 309 -12.16 17.30 -37.71
C PHE B 309 -13.59 17.38 -38.25
N PRO B 310 -14.53 17.81 -37.39
CA PRO B 310 -15.96 17.82 -37.67
C PRO B 310 -16.31 18.79 -38.79
N GLY B 311 -17.53 18.65 -39.32
CA GLY B 311 -18.04 19.52 -40.37
C GLY B 311 -17.99 20.97 -39.92
N MET B 312 -17.67 21.86 -40.87
CA MET B 312 -17.58 23.28 -40.59
C MET B 312 -18.45 24.05 -41.56
N THR B 313 -19.49 23.39 -42.07
CA THR B 313 -20.35 24.01 -43.06
C THR B 313 -21.31 24.99 -42.41
N SER B 314 -21.98 25.78 -43.23
CA SER B 314 -22.95 26.76 -42.74
C SER B 314 -24.04 26.09 -41.91
N TYR B 315 -24.20 24.79 -42.07
CA TYR B 315 -25.26 24.06 -41.39
C TYR B 315 -24.69 23.07 -40.38
N SER B 316 -23.38 23.10 -40.17
CA SER B 316 -22.71 22.10 -39.35
C SER B 316 -22.92 22.33 -37.86
N ARG B 317 -22.79 21.27 -37.08
CA ARG B 317 -23.11 21.30 -35.67
C ARG B 317 -22.11 22.00 -34.79
N TYR B 318 -20.83 21.78 -35.01
CA TYR B 318 -19.77 22.32 -34.18
C TYR B 318 -19.77 23.84 -34.19
N PRO B 319 -19.80 24.42 -35.40
CA PRO B 319 -19.90 25.86 -35.43
C PRO B 319 -21.14 26.28 -34.63
N ARG B 320 -22.31 25.77 -35.00
CA ARG B 320 -23.52 26.22 -34.33
C ARG B 320 -23.30 26.21 -32.83
N MET B 321 -22.47 25.26 -32.39
CA MET B 321 -22.25 25.06 -30.97
C MET B 321 -21.30 26.06 -30.34
N MET B 322 -20.22 26.38 -31.04
CA MET B 322 -19.31 27.41 -30.56
C MET B 322 -19.94 28.80 -30.61
N THR B 323 -20.61 29.08 -31.72
CA THR B 323 -21.26 30.37 -31.90
C THR B 323 -22.21 30.67 -30.75
N ALA B 324 -23.07 29.72 -30.38
CA ALA B 324 -24.04 29.95 -29.32
C ALA B 324 -23.37 30.16 -27.95
N ALA B 325 -22.08 29.86 -27.89
CA ALA B 325 -21.30 30.01 -26.66
C ALA B 325 -20.46 31.28 -26.68
N GLY B 326 -20.67 32.12 -27.70
CA GLY B 326 -20.00 33.40 -27.83
C GLY B 326 -18.71 33.40 -28.63
N LEU B 327 -18.47 32.36 -29.41
CA LEU B 327 -17.28 32.34 -30.25
C LEU B 327 -17.64 32.38 -31.72
N SER B 328 -17.36 33.49 -32.39
CA SER B 328 -17.70 33.63 -33.80
C SER B 328 -16.90 32.63 -34.63
N ARG B 329 -17.27 32.44 -35.88
CA ARG B 329 -16.52 31.58 -36.73
C ARG B 329 -15.13 32.09 -36.91
N ALA B 330 -14.97 33.39 -37.05
CA ALA B 330 -13.63 33.97 -37.15
C ALA B 330 -12.83 33.82 -35.85
N ASP B 331 -13.50 33.87 -34.70
CA ASP B 331 -12.85 33.58 -33.42
C ASP B 331 -12.31 32.16 -33.37
N VAL B 332 -13.15 31.19 -33.75
CA VAL B 332 -12.74 29.80 -33.69
C VAL B 332 -11.50 29.62 -34.54
N ILE B 333 -11.50 30.15 -35.76
CA ILE B 333 -10.36 30.00 -36.64
C ILE B 333 -9.13 30.69 -36.03
N ASP B 334 -9.32 31.89 -35.51
CA ASP B 334 -8.22 32.59 -34.85
C ASP B 334 -7.60 31.68 -33.82
N ARG B 335 -8.44 31.06 -33.01
CA ARG B 335 -7.98 30.29 -31.85
C ARG B 335 -7.35 28.96 -32.27
N LEU B 336 -7.97 28.27 -33.22
CA LEU B 336 -7.37 27.07 -33.76
C LEU B 336 -5.97 27.39 -34.31
N VAL B 337 -5.84 28.54 -34.98
CA VAL B 337 -4.58 28.90 -35.61
C VAL B 337 -3.48 29.04 -34.57
N SER B 338 -3.73 29.82 -33.53
CA SER B 338 -2.72 30.02 -32.50
C SER B 338 -2.43 28.72 -31.76
N LEU B 339 -3.48 27.94 -31.53
CA LEU B 339 -3.30 26.64 -30.91
C LEU B 339 -2.33 25.75 -31.68
N ALA B 340 -2.34 25.86 -33.01
CA ALA B 340 -1.52 24.97 -33.82
C ALA B 340 -0.07 25.36 -33.69
N LEU B 341 0.19 26.65 -33.48
CA LEU B 341 1.55 27.17 -33.37
C LEU B 341 2.00 27.16 -31.91
N ALA B 342 1.14 26.64 -31.04
CA ALA B 342 1.31 26.78 -29.60
C ALA B 342 2.64 26.35 -29.01
N GLY B 343 3.41 25.50 -29.68
CA GLY B 343 4.76 25.23 -29.19
C GLY B 343 5.77 24.99 -30.32
N SER C 2 -7.61 -27.29 -13.02
CA SER C 2 -7.52 -26.32 -11.89
C SER C 2 -7.03 -27.02 -10.62
N HIS C 3 -6.84 -26.24 -9.56
CA HIS C 3 -6.58 -26.74 -8.23
C HIS C 3 -7.57 -26.05 -7.37
N MET C 4 -7.75 -26.51 -6.14
CA MET C 4 -8.77 -25.94 -5.27
C MET C 4 -8.28 -24.72 -4.49
N LYS C 5 -8.86 -23.59 -4.79
CA LYS C 5 -8.48 -22.35 -4.19
C LYS C 5 -8.88 -22.27 -2.76
N ILE C 6 -7.89 -22.30 -1.89
CA ILE C 6 -8.14 -22.32 -0.45
C ILE C 6 -7.48 -21.13 0.23
N GLY C 7 -8.31 -20.22 0.75
CA GLY C 7 -7.80 -19.07 1.48
C GLY C 7 -7.43 -19.51 2.89
N ILE C 8 -6.16 -19.34 3.25
CA ILE C 8 -5.71 -19.72 4.59
C ILE C 8 -5.36 -18.49 5.42
N ILE C 9 -6.16 -18.23 6.45
CA ILE C 9 -5.94 -17.08 7.34
C ILE C 9 -5.26 -17.50 8.64
N PHE C 10 -4.25 -16.72 9.04
CA PHE C 10 -3.50 -17.00 10.26
C PHE C 10 -3.09 -15.69 10.90
N GLY C 11 -2.40 -15.77 12.04
CA GLY C 11 -2.01 -14.58 12.78
C GLY C 11 -3.15 -14.08 13.66
N GLY C 12 -3.64 -12.88 13.38
CA GLY C 12 -4.78 -12.32 14.09
C GLY C 12 -4.40 -11.53 15.32
N VAL C 13 -5.22 -10.54 15.67
CA VAL C 13 -4.99 -9.73 16.87
C VAL C 13 -5.40 -10.56 18.07
N SER C 14 -4.49 -11.42 18.52
CA SER C 14 -4.83 -12.41 19.54
C SER C 14 -3.63 -12.70 20.40
N GLU C 15 -3.88 -12.98 21.68
CA GLU C 15 -2.86 -13.44 22.61
C GLU C 15 -2.16 -14.65 22.02
N GLU C 16 -2.92 -15.46 21.29
CA GLU C 16 -2.40 -16.69 20.74
C GLU C 16 -1.94 -16.54 19.30
N HIS C 17 -1.66 -15.29 18.91
CA HIS C 17 -1.18 -14.97 17.57
C HIS C 17 -0.07 -15.92 17.13
N ASP C 18 0.90 -16.07 17.98
CA ASP C 18 2.06 -16.79 17.60
C ASP C 18 1.82 -18.25 17.42
N ILE C 19 0.85 -18.77 18.14
CA ILE C 19 0.46 -20.17 18.03
C ILE C 19 -0.28 -20.41 16.73
N SER C 20 -0.99 -19.38 16.26
CA SER C 20 -1.71 -19.45 14.99
C SER C 20 -0.71 -19.60 13.84
N VAL C 21 0.36 -18.84 13.91
CA VAL C 21 1.38 -18.87 12.87
C VAL C 21 2.08 -20.23 12.81
N LYS C 22 2.29 -20.85 13.98
CA LYS C 22 2.84 -22.20 14.02
C LYS C 22 1.85 -23.24 13.49
N SER C 23 0.57 -23.07 13.79
CA SER C 23 -0.49 -23.93 13.24
C SER C 23 -0.54 -23.80 11.72
N ALA C 24 -0.56 -22.56 11.24
CA ALA C 24 -0.64 -22.33 9.82
C ALA C 24 0.59 -22.92 9.15
N ARG C 25 1.75 -22.77 9.77
CA ARG C 25 2.99 -23.31 9.23
C ARG C 25 2.96 -24.83 9.02
N GLU C 26 2.45 -25.56 10.01
CA GLU C 26 2.17 -26.99 9.86
C GLU C 26 1.19 -27.30 8.72
N VAL C 27 0.01 -26.71 8.81
CA VAL C 27 -1.02 -26.92 7.81
C VAL C 27 -0.42 -26.78 6.41
N ALA C 28 0.40 -25.74 6.23
CA ALA C 28 0.92 -25.39 4.91
C ALA C 28 1.78 -26.49 4.34
N THR C 29 2.39 -27.28 5.23
CA THR C 29 3.29 -28.33 4.80
C THR C 29 2.53 -29.62 4.47
N HIS C 30 1.22 -29.61 4.64
CA HIS C 30 0.45 -30.84 4.49
C HIS C 30 -0.65 -30.87 3.48
N LEU C 31 -0.70 -29.85 2.64
CA LEU C 31 -1.59 -29.82 1.48
C LEU C 31 -0.73 -30.20 0.29
N GLY C 32 -1.02 -31.35 -0.31
CA GLY C 32 -0.10 -31.96 -1.27
C GLY C 32 -0.09 -31.17 -2.56
N THR C 33 0.80 -31.57 -3.46
CA THR C 33 1.05 -30.83 -4.70
C THR C 33 -0.14 -30.53 -5.64
N GLY C 34 -1.01 -31.51 -5.85
CA GLY C 34 -1.98 -31.46 -6.93
C GLY C 34 -3.34 -30.85 -6.62
N VAL C 35 -3.72 -30.87 -5.34
CA VAL C 35 -5.07 -30.49 -4.95
C VAL C 35 -5.34 -28.99 -4.75
N PHE C 36 -4.47 -28.30 -4.01
CA PHE C 36 -4.79 -26.95 -3.56
C PHE C 36 -3.97 -25.83 -4.23
N GLU C 37 -4.63 -24.72 -4.53
CA GLU C 37 -3.97 -23.43 -4.70
C GLU C 37 -4.24 -22.58 -3.47
N PRO C 38 -3.24 -22.46 -2.60
CA PRO C 38 -3.44 -21.84 -1.30
C PRO C 38 -3.26 -20.31 -1.29
N PHE C 39 -4.00 -19.64 -0.41
CA PHE C 39 -3.90 -18.20 -0.27
C PHE C 39 -3.70 -17.82 1.18
N TYR C 40 -2.44 -17.63 1.56
CA TYR C 40 -2.07 -17.35 2.94
C TYR C 40 -2.30 -15.89 3.32
N LEU C 41 -3.46 -15.64 3.92
CA LEU C 41 -3.80 -14.34 4.47
C LEU C 41 -3.30 -14.27 5.90
N GLY C 42 -2.33 -13.39 6.13
CA GLY C 42 -1.83 -13.18 7.48
C GLY C 42 -2.41 -11.90 8.08
N ILE C 43 -3.00 -12.01 9.26
CA ILE C 43 -3.47 -10.83 9.96
C ILE C 43 -2.41 -10.48 10.99
N THR C 44 -1.78 -9.32 10.83
CA THR C 44 -0.74 -8.86 11.76
C THR C 44 -1.27 -8.68 13.18
N LYS C 45 -0.35 -8.60 14.14
CA LYS C 45 -0.74 -8.47 15.55
C LYS C 45 -1.55 -7.20 15.77
N SER C 46 -1.39 -6.21 14.89
CA SER C 46 -2.11 -4.96 15.06
C SER C 46 -3.27 -4.84 14.08
N GLY C 47 -3.68 -5.95 13.48
CA GLY C 47 -4.92 -6.00 12.70
C GLY C 47 -4.88 -5.75 11.21
N ALA C 48 -3.70 -5.52 10.65
CA ALA C 48 -3.56 -5.36 9.21
C ALA C 48 -3.53 -6.64 8.38
N TRP C 49 -4.36 -6.68 7.35
CA TRP C 49 -4.51 -7.88 6.54
C TRP C 49 -3.55 -7.88 5.36
N GLN C 50 -2.90 -9.01 5.14
CA GLN C 50 -1.94 -9.14 4.04
C GLN C 50 -1.85 -10.51 3.41
N LEU C 51 -1.76 -10.51 2.09
CA LEU C 51 -1.51 -11.72 1.35
C LEU C 51 0.00 -11.94 1.35
N CYS C 52 0.45 -13.09 1.86
CA CYS C 52 1.88 -13.34 1.99
C CYS C 52 2.29 -14.69 1.39
N ASP C 53 3.60 -14.88 1.25
CA ASP C 53 4.15 -16.09 0.64
C ASP C 53 3.87 -17.35 1.44
N GLY C 54 3.61 -17.20 2.73
CA GLY C 54 3.31 -18.33 3.59
C GLY C 54 3.29 -17.89 5.03
N PRO C 55 2.93 -18.82 5.91
CA PRO C 55 2.94 -18.61 7.36
C PRO C 55 4.07 -19.44 7.91
N GLY C 56 5.07 -18.79 8.50
CA GLY C 56 6.34 -19.40 8.68
C GLY C 56 6.58 -18.07 9.30
N GLU C 57 7.70 -17.95 10.00
CA GLU C 57 7.97 -16.75 10.73
C GLU C 57 8.76 -15.84 9.87
N ASN C 58 8.70 -14.58 10.21
CA ASN C 58 9.23 -13.56 9.39
C ASN C 58 8.48 -13.65 8.10
N TRP C 59 7.19 -13.92 8.17
CA TRP C 59 6.37 -13.75 6.99
C TRP C 59 5.98 -12.36 6.65
N GLU C 60 5.81 -11.54 7.65
CA GLU C 60 5.57 -10.14 7.40
C GLU C 60 6.73 -9.53 6.68
N ASP C 61 7.90 -9.94 7.09
CA ASP C 61 9.13 -9.44 6.52
C ASP C 61 9.00 -9.79 5.05
N GLY C 62 8.47 -10.96 4.74
CA GLY C 62 8.39 -11.39 3.37
C GLY C 62 7.60 -10.59 2.39
N ASN C 63 7.26 -11.16 1.26
CA ASN C 63 6.47 -10.41 0.31
C ASN C 63 5.03 -10.38 0.62
N CYS C 64 4.48 -9.19 0.86
CA CYS C 64 3.11 -9.08 1.30
C CYS C 64 2.43 -8.02 0.51
N ARG C 65 1.16 -8.28 0.19
CA ARG C 65 0.26 -7.40 -0.53
C ARG C 65 -1.01 -7.24 0.29
N PRO C 66 -1.43 -5.98 0.56
CA PRO C 66 -2.64 -5.77 1.35
C PRO C 66 -3.86 -6.43 0.68
N ALA C 67 -4.65 -7.16 1.46
CA ALA C 67 -5.81 -7.82 0.90
C ALA C 67 -6.79 -8.26 1.99
N VAL C 68 -8.07 -8.17 1.69
CA VAL C 68 -9.10 -8.57 2.65
C VAL C 68 -10.11 -9.56 2.06
N LEU C 69 -10.68 -10.36 2.94
CA LEU C 69 -11.84 -11.18 2.63
C LEU C 69 -13.06 -10.27 2.56
N SER C 70 -13.72 -10.24 1.40
CA SER C 70 -14.84 -9.31 1.23
C SER C 70 -16.14 -9.88 1.74
N PRO C 71 -16.89 -9.08 2.50
CA PRO C 71 -18.20 -9.53 2.97
C PRO C 71 -19.18 -9.64 1.80
N ASP C 72 -18.80 -9.06 0.66
CA ASP C 72 -19.67 -9.04 -0.51
C ASP C 72 -19.77 -10.41 -1.19
N ARG C 73 -21.01 -10.84 -1.42
CA ARG C 73 -21.29 -12.19 -1.92
C ARG C 73 -20.99 -12.38 -3.40
N SER C 74 -21.08 -11.29 -4.16
CA SER C 74 -20.77 -11.36 -5.58
C SER C 74 -19.28 -11.55 -5.79
N VAL C 75 -18.48 -11.18 -4.80
CA VAL C 75 -17.03 -11.41 -4.87
C VAL C 75 -16.70 -12.86 -4.54
N HIS C 76 -17.17 -13.35 -3.40
CA HIS C 76 -16.95 -14.74 -3.01
C HIS C 76 -15.47 -15.06 -2.82
N GLY C 77 -14.74 -14.12 -2.25
CA GLY C 77 -13.28 -14.23 -2.11
C GLY C 77 -12.59 -12.97 -1.63
N LEU C 78 -11.48 -12.61 -2.28
CA LEU C 78 -10.61 -11.59 -1.72
C LEU C 78 -10.54 -10.35 -2.58
N LEU C 79 -10.26 -9.22 -1.94
CA LEU C 79 -9.85 -8.01 -2.65
C LEU C 79 -8.37 -7.80 -2.36
N VAL C 80 -7.58 -7.64 -3.42
CA VAL C 80 -6.17 -7.35 -3.27
C VAL C 80 -5.97 -5.86 -3.53
N LEU C 81 -5.57 -5.13 -2.50
CA LEU C 81 -5.54 -3.68 -2.56
C LEU C 81 -4.09 -3.18 -2.69
N GLU C 82 -3.70 -2.86 -3.91
CA GLU C 82 -2.30 -2.56 -4.16
C GLU C 82 -2.21 -1.13 -4.65
N GLN C 83 -1.72 -0.25 -3.78
CA GLN C 83 -1.52 1.17 -4.10
C GLN C 83 -2.53 1.92 -4.96
N GLY C 84 -3.81 1.84 -4.59
CA GLY C 84 -4.86 2.62 -5.23
C GLY C 84 -5.64 1.85 -6.29
N LYS C 85 -5.22 0.62 -6.54
CA LYS C 85 -5.90 -0.24 -7.50
C LYS C 85 -6.29 -1.50 -6.75
N TYR C 86 -7.24 -2.26 -7.29
CA TYR C 86 -7.68 -3.51 -6.66
C TYR C 86 -7.96 -4.64 -7.63
N GLU C 87 -7.84 -5.86 -7.16
CA GLU C 87 -8.10 -7.04 -7.97
C GLU C 87 -8.76 -8.09 -7.10
N THR C 88 -9.70 -8.83 -7.67
CA THR C 88 -10.44 -9.82 -6.90
C THR C 88 -9.95 -11.24 -7.17
N ILE C 89 -9.86 -12.04 -6.11
CA ILE C 89 -9.59 -13.47 -6.26
C ILE C 89 -10.72 -14.31 -5.69
N ARG C 90 -11.32 -15.17 -6.47
CA ARG C 90 -12.40 -15.99 -5.98
C ARG C 90 -11.89 -17.13 -5.22
N LEU C 91 -12.54 -17.49 -4.15
CA LEU C 91 -12.11 -18.63 -3.34
C LEU C 91 -13.18 -19.70 -3.28
N ASP C 92 -12.73 -20.95 -3.20
CA ASP C 92 -13.65 -22.07 -3.07
C ASP C 92 -14.01 -22.32 -1.62
N LEU C 93 -13.18 -21.84 -0.71
CA LEU C 93 -13.19 -22.32 0.66
C LEU C 93 -12.18 -21.56 1.51
N VAL C 94 -12.51 -21.32 2.78
CA VAL C 94 -11.59 -20.64 3.67
C VAL C 94 -11.32 -21.47 4.94
N LEU C 95 -10.05 -21.57 5.31
CA LEU C 95 -9.64 -22.35 6.46
C LEU C 95 -9.00 -21.44 7.50
N PRO C 96 -9.76 -21.04 8.52
CA PRO C 96 -9.36 -20.01 9.48
C PRO C 96 -8.46 -20.64 10.54
N VAL C 97 -7.17 -20.69 10.26
CA VAL C 97 -6.21 -21.24 11.20
C VAL C 97 -5.92 -20.06 12.14
N LEU C 98 -6.87 -19.80 13.02
CA LEU C 98 -6.74 -18.74 13.99
C LEU C 98 -7.09 -19.29 15.38
N HIS C 99 -6.37 -18.84 16.39
CA HIS C 99 -6.68 -19.25 17.75
C HIS C 99 -7.12 -18.07 18.59
N GLY C 100 -7.93 -18.33 19.60
CA GLY C 100 -8.29 -17.33 20.59
C GLY C 100 -9.10 -16.15 20.09
N LYS C 101 -8.86 -14.98 20.68
CA LYS C 101 -9.68 -13.80 20.42
C LYS C 101 -9.80 -13.41 18.96
N LEU C 102 -11.04 -13.28 18.49
CA LEU C 102 -11.35 -12.96 17.09
C LEU C 102 -11.12 -14.12 16.12
N GLY C 103 -10.78 -15.29 16.65
CA GLY C 103 -10.50 -16.44 15.81
C GLY C 103 -11.56 -17.45 16.19
N GLU C 104 -11.62 -17.77 17.47
CA GLU C 104 -12.50 -18.83 17.95
C GLU C 104 -13.78 -18.31 18.58
N ASP C 105 -13.92 -16.99 18.65
CA ASP C 105 -15.03 -16.40 19.40
C ASP C 105 -16.18 -15.94 18.52
N GLY C 106 -16.22 -16.40 17.28
CA GLY C 106 -17.25 -15.94 16.35
C GLY C 106 -16.93 -14.78 15.41
N ALA C 107 -15.82 -14.09 15.60
CA ALA C 107 -15.55 -12.91 14.79
C ALA C 107 -15.28 -13.22 13.32
N ILE C 108 -14.19 -13.93 13.05
CA ILE C 108 -13.87 -14.26 11.68
C ILE C 108 -15.00 -15.05 11.03
N GLN C 109 -15.81 -15.72 11.81
CA GLN C 109 -16.88 -16.50 11.24
C GLN C 109 -18.08 -15.68 10.92
N GLY C 110 -18.25 -14.56 11.56
CA GLY C 110 -19.26 -13.60 11.16
C GLY C 110 -18.98 -13.04 9.77
N LEU C 111 -17.74 -12.65 9.51
CA LEU C 111 -17.40 -12.13 8.20
C LEU C 111 -17.58 -13.27 7.20
N LEU C 112 -17.18 -14.46 7.63
CA LEU C 112 -17.23 -15.60 6.73
C LEU C 112 -18.67 -15.83 6.30
N GLU C 113 -19.58 -15.84 7.26
CA GLU C 113 -21.00 -16.02 6.97
C GLU C 113 -21.51 -14.97 5.98
N LEU C 114 -21.25 -13.73 6.26
CA LEU C 114 -21.58 -12.71 5.35
C LEU C 114 -21.11 -13.09 3.98
N SER C 115 -19.83 -13.32 3.79
CA SER C 115 -19.29 -13.64 2.47
C SER C 115 -20.04 -14.80 1.79
N GLY C 116 -20.65 -15.66 2.58
CA GLY C 116 -21.35 -16.81 2.04
C GLY C 116 -20.38 -17.90 1.58
N ILE C 117 -19.09 -17.61 1.66
CA ILE C 117 -18.06 -18.59 1.33
C ILE C 117 -18.08 -19.71 2.36
N PRO C 118 -17.87 -20.96 1.90
CA PRO C 118 -17.77 -22.12 2.79
C PRO C 118 -16.49 -22.04 3.63
N TYR C 119 -16.49 -22.66 4.81
CA TYR C 119 -15.33 -22.60 5.68
C TYR C 119 -15.23 -23.73 6.69
N VAL C 120 -13.99 -24.16 6.92
CA VAL C 120 -13.71 -25.19 7.91
C VAL C 120 -14.08 -24.75 9.33
N GLY C 121 -14.63 -25.68 10.11
CA GLY C 121 -14.79 -25.43 11.54
C GLY C 121 -16.16 -25.01 12.05
N CYS C 122 -16.20 -24.52 13.27
CA CYS C 122 -17.46 -24.18 13.92
C CYS C 122 -18.05 -22.87 13.39
N ASP C 123 -19.34 -22.64 13.66
CA ASP C 123 -20.00 -21.41 13.26
C ASP C 123 -19.90 -20.30 14.31
N ILE C 124 -20.76 -19.29 14.20
CA ILE C 124 -20.71 -18.15 15.09
C ILE C 124 -21.23 -18.52 16.48
N GLN C 125 -22.38 -19.19 16.48
CA GLN C 125 -23.07 -19.54 17.71
C GLN C 125 -22.20 -20.46 18.56
N SER C 126 -21.63 -21.50 17.97
CA SER C 126 -20.86 -22.47 18.73
C SER C 126 -19.45 -21.96 19.07
N SER C 127 -18.86 -21.16 18.19
CA SER C 127 -17.60 -20.48 18.51
C SER C 127 -17.78 -19.58 19.73
N ALA C 128 -18.88 -18.82 19.76
CA ALA C 128 -19.26 -18.01 20.90
C ALA C 128 -19.45 -18.83 22.17
N LEU C 129 -20.31 -19.86 22.11
CA LEU C 129 -20.62 -20.71 23.27
C LEU C 129 -19.40 -21.47 23.78
N CYS C 130 -18.44 -21.74 22.90
CA CYS C 130 -17.22 -22.43 23.32
C CYS C 130 -16.15 -21.46 23.80
N MET C 131 -16.19 -20.22 23.39
CA MET C 131 -15.19 -19.30 23.81
C MET C 131 -15.39 -18.90 25.22
N ASP C 132 -16.63 -18.74 25.62
CA ASP C 132 -16.95 -18.33 26.98
C ASP C 132 -17.20 -19.54 27.74
N LYS C 133 -16.25 -19.89 28.55
CA LYS C 133 -16.31 -21.16 29.27
C LYS C 133 -17.59 -21.31 30.09
N SER C 134 -18.02 -20.23 30.71
CA SER C 134 -19.22 -20.29 31.54
C SER C 134 -20.44 -20.64 30.70
N LEU C 135 -20.46 -20.15 29.47
CA LEU C 135 -21.54 -20.50 28.54
C LEU C 135 -21.53 -22.00 28.24
N THR C 136 -20.32 -22.54 28.09
CA THR C 136 -20.18 -23.97 27.85
C THR C 136 -20.74 -24.74 29.04
N TYR C 137 -20.39 -24.31 30.24
CA TYR C 137 -20.87 -25.00 31.44
C TYR C 137 -22.40 -25.00 31.48
N LEU C 138 -22.99 -23.90 31.06
CA LEU C 138 -24.44 -23.78 31.01
C LEU C 138 -25.00 -24.80 30.05
N VAL C 139 -24.41 -24.85 28.87
CA VAL C 139 -24.91 -25.75 27.83
C VAL C 139 -24.69 -27.19 28.27
N ALA C 140 -23.45 -27.50 28.62
CA ALA C 140 -23.10 -28.86 29.03
C ALA C 140 -24.08 -29.40 30.07
N ARG C 141 -24.50 -28.56 30.97
CA ARG C 141 -25.35 -28.99 32.03
C ARG C 141 -26.75 -29.33 31.57
N SER C 142 -27.27 -28.64 30.59
CA SER C 142 -28.58 -29.00 30.05
C SER C 142 -28.50 -30.33 29.31
N ALA C 143 -27.30 -30.68 28.85
CA ALA C 143 -27.15 -31.96 28.17
C ALA C 143 -26.90 -33.07 29.18
N GLY C 144 -26.81 -32.69 30.46
CA GLY C 144 -26.57 -33.64 31.53
C GLY C 144 -25.11 -34.02 31.68
N ILE C 145 -24.23 -33.14 31.22
CA ILE C 145 -22.80 -33.37 31.26
C ILE C 145 -22.24 -32.62 32.46
N ALA C 146 -21.34 -33.25 33.20
CA ALA C 146 -20.81 -32.64 34.42
C ALA C 146 -19.86 -31.47 34.13
N THR C 147 -19.90 -30.43 34.95
CA THR C 147 -18.89 -29.39 34.87
C THR C 147 -18.39 -29.11 36.28
N PRO C 148 -17.33 -28.31 36.41
CA PRO C 148 -16.89 -27.79 37.69
C PRO C 148 -17.97 -26.92 38.30
N ASN C 149 -17.85 -26.61 39.58
CA ASN C 149 -18.66 -25.55 40.18
C ASN C 149 -18.00 -24.22 39.84
N PHE C 150 -18.75 -23.30 39.26
CA PHE C 150 -18.14 -22.06 38.82
C PHE C 150 -18.95 -20.84 39.24
N TRP C 151 -18.25 -19.73 39.43
CA TRP C 151 -18.85 -18.41 39.61
C TRP C 151 -18.24 -17.45 38.60
N THR C 152 -19.00 -16.43 38.22
CA THR C 152 -18.50 -15.42 37.31
C THR C 152 -18.52 -14.07 38.01
N VAL C 153 -17.60 -13.20 37.61
CA VAL C 153 -17.44 -11.92 38.29
C VAL C 153 -16.95 -10.88 37.29
N THR C 154 -17.81 -9.93 36.94
CA THR C 154 -17.38 -8.81 36.11
C THR C 154 -16.84 -7.69 36.99
N ALA C 155 -16.29 -6.66 36.35
CA ALA C 155 -15.65 -5.55 37.05
C ALA C 155 -16.51 -5.03 38.19
N ASP C 156 -17.79 -4.87 37.95
CA ASP C 156 -18.63 -4.40 39.01
C ASP C 156 -18.98 -5.19 40.23
N GLU C 157 -19.23 -6.46 40.00
CA GLU C 157 -19.72 -7.34 41.00
C GLU C 157 -18.60 -7.58 41.98
N LYS C 158 -18.97 -7.95 43.19
CA LYS C 158 -18.01 -8.32 44.24
C LYS C 158 -17.81 -9.84 44.25
N ILE C 159 -16.54 -10.28 44.29
CA ILE C 159 -16.20 -11.70 44.31
C ILE C 159 -16.78 -12.36 45.56
N PRO C 160 -17.52 -13.47 45.38
CA PRO C 160 -18.34 -14.07 46.44
C PRO C 160 -17.52 -14.91 47.43
N THR C 161 -16.56 -14.23 48.02
CA THR C 161 -15.52 -14.80 48.80
C THR C 161 -16.02 -15.99 49.47
N ASP C 162 -17.25 -15.89 49.88
CA ASP C 162 -17.68 -16.75 50.93
C ASP C 162 -17.92 -18.15 50.45
N GLN C 163 -18.74 -18.28 49.41
CA GLN C 163 -19.28 -19.56 49.00
C GLN C 163 -18.28 -20.52 48.46
N LEU C 164 -17.01 -20.18 48.53
CA LEU C 164 -16.01 -20.99 47.88
C LEU C 164 -15.33 -22.01 48.75
N THR C 165 -15.01 -23.13 48.12
CA THR C 165 -14.24 -24.22 48.71
C THR C 165 -12.93 -24.34 47.95
N TYR C 166 -11.81 -24.26 48.67
CA TYR C 166 -10.49 -24.26 48.05
C TYR C 166 -9.87 -25.67 47.95
N PRO C 167 -8.86 -25.82 47.09
CA PRO C 167 -8.33 -24.80 46.18
C PRO C 167 -9.22 -24.58 44.95
N VAL C 168 -8.96 -23.45 44.29
CA VAL C 168 -9.83 -22.95 43.25
C VAL C 168 -8.99 -22.38 42.11
N PHE C 169 -9.53 -22.46 40.90
CA PHE C 169 -8.84 -21.92 39.72
C PHE C 169 -9.50 -20.63 39.28
N VAL C 170 -8.67 -19.69 38.80
CA VAL C 170 -9.20 -18.43 38.31
C VAL C 170 -8.71 -18.25 36.88
N LYS C 171 -9.59 -17.76 36.01
CA LYS C 171 -9.27 -17.63 34.59
C LYS C 171 -10.12 -16.58 33.88
N PRO C 172 -9.62 -16.02 32.77
CA PRO C 172 -10.53 -15.23 31.95
C PRO C 172 -11.67 -16.14 31.51
N ALA C 173 -12.89 -15.61 31.52
CA ALA C 173 -14.03 -16.38 31.07
C ALA C 173 -13.84 -16.73 29.60
N ARG C 174 -12.99 -15.97 28.92
CA ARG C 174 -12.87 -16.13 27.49
C ARG C 174 -11.43 -15.96 27.03
N SER C 175 -10.59 -16.94 27.37
CA SER C 175 -9.26 -16.97 26.79
C SER C 175 -8.86 -18.39 26.48
N GLY C 176 -7.55 -18.61 26.39
CA GLY C 176 -7.05 -19.94 26.04
C GLY C 176 -5.53 -19.94 26.06
N SER C 177 -4.96 -21.14 25.93
CA SER C 177 -3.52 -21.32 26.01
C SER C 177 -3.06 -20.94 27.41
N SER C 178 -3.94 -21.17 28.39
CA SER C 178 -3.65 -20.89 29.79
C SER C 178 -3.33 -19.45 30.15
N PHE C 179 -3.61 -18.52 29.25
CA PHE C 179 -3.37 -17.11 29.53
C PHE C 179 -4.28 -16.62 30.64
N GLY C 180 -3.70 -16.18 31.75
CA GLY C 180 -4.51 -15.61 32.81
C GLY C 180 -4.98 -16.61 33.84
N VAL C 181 -4.66 -17.88 33.61
CA VAL C 181 -5.07 -18.94 34.54
C VAL C 181 -4.17 -19.02 35.77
N SER C 182 -4.74 -19.13 36.96
CA SER C 182 -3.96 -19.27 38.18
C SER C 182 -4.61 -20.27 39.11
N LYS C 183 -3.84 -20.83 40.01
CA LYS C 183 -4.37 -21.67 41.06
C LYS C 183 -4.27 -20.95 42.40
N VAL C 184 -5.40 -20.68 43.02
CA VAL C 184 -5.37 -20.03 44.33
C VAL C 184 -5.65 -21.06 45.42
N ALA C 185 -4.99 -20.90 46.56
CA ALA C 185 -5.14 -21.85 47.65
C ALA C 185 -5.74 -21.21 48.91
N ARG C 186 -5.43 -19.93 49.13
CA ARG C 186 -6.00 -19.15 50.22
C ARG C 186 -6.80 -17.99 49.62
N GLU C 187 -7.66 -17.36 50.42
CA GLU C 187 -8.49 -16.28 49.95
C GLU C 187 -7.71 -14.99 49.66
N GLU C 188 -6.65 -14.78 50.43
CA GLU C 188 -5.81 -13.59 50.29
C GLU C 188 -5.29 -13.52 48.85
N ASP C 189 -4.85 -14.65 48.40
CA ASP C 189 -4.20 -14.77 47.15
C ASP C 189 -5.14 -14.52 45.98
N LEU C 190 -6.41 -14.34 46.29
CA LEU C 190 -7.51 -14.33 45.32
C LEU C 190 -7.59 -13.09 44.42
N GLN C 191 -7.68 -11.90 45.04
CA GLN C 191 -7.76 -10.66 44.26
C GLN C 191 -6.65 -10.52 43.20
N GLY C 192 -5.45 -11.00 43.50
CA GLY C 192 -4.36 -10.96 42.56
C GLY C 192 -4.69 -11.71 41.27
N ALA C 193 -5.15 -12.96 41.41
CA ALA C 193 -5.44 -13.82 40.26
C ALA C 193 -6.66 -13.39 39.47
N VAL C 194 -7.49 -12.56 40.10
CA VAL C 194 -8.57 -11.88 39.42
C VAL C 194 -7.96 -10.80 38.51
N GLU C 195 -7.10 -9.97 39.11
CA GLU C 195 -6.41 -8.90 38.40
C GLU C 195 -5.55 -9.45 37.27
N ALA C 196 -4.84 -10.53 37.57
CA ALA C 196 -4.08 -11.26 36.56
C ALA C 196 -4.98 -11.59 35.38
N ALA C 197 -6.13 -12.18 35.67
CA ALA C 197 -7.03 -12.66 34.63
C ALA C 197 -7.78 -11.54 33.91
N ARG C 198 -7.94 -10.39 34.56
CA ARG C 198 -8.62 -9.26 33.92
C ARG C 198 -7.78 -8.67 32.79
N GLU C 199 -6.58 -9.17 32.67
CA GLU C 199 -5.69 -8.66 31.68
C GLU C 199 -6.19 -9.13 30.37
N TYR C 200 -6.98 -10.17 30.40
CA TYR C 200 -7.43 -10.86 29.21
C TYR C 200 -8.94 -10.81 29.05
N ASP C 201 -9.67 -10.59 30.13
CA ASP C 201 -11.12 -10.54 30.05
C ASP C 201 -11.73 -9.88 31.26
N SER C 202 -12.64 -8.93 31.05
CA SER C 202 -13.27 -8.22 32.16
C SER C 202 -14.18 -9.15 32.96
N LYS C 203 -14.66 -10.20 32.30
CA LYS C 203 -15.44 -11.24 32.95
C LYS C 203 -14.44 -12.27 33.44
N VAL C 204 -14.36 -12.44 34.76
CA VAL C 204 -13.49 -13.45 35.32
C VAL C 204 -14.30 -14.64 35.80
N LEU C 205 -13.75 -15.83 35.62
CA LEU C 205 -14.42 -17.07 35.95
C LEU C 205 -13.62 -17.78 37.04
N ILE C 206 -14.30 -18.19 38.10
CA ILE C 206 -13.68 -18.89 39.23
C ILE C 206 -14.23 -20.32 39.31
N GLU C 207 -13.35 -21.29 39.50
CA GLU C 207 -13.73 -22.69 39.45
C GLU C 207 -13.18 -23.50 40.62
N GLU C 208 -14.04 -24.17 41.35
CA GLU C 208 -13.57 -25.05 42.36
C GLU C 208 -12.85 -26.14 41.69
N ALA C 209 -11.72 -26.52 42.26
CA ALA C 209 -10.81 -27.50 41.66
C ALA C 209 -11.49 -28.81 41.27
N VAL C 210 -11.04 -29.45 40.20
CA VAL C 210 -11.52 -30.77 39.86
C VAL C 210 -10.35 -31.75 40.01
N ILE C 211 -10.56 -32.85 40.72
CA ILE C 211 -9.47 -33.79 40.97
C ILE C 211 -9.54 -35.02 40.05
N GLY C 212 -8.46 -35.32 39.36
CA GLY C 212 -8.43 -36.50 38.51
C GLY C 212 -7.53 -36.34 37.31
N THR C 213 -7.63 -37.26 36.37
CA THR C 213 -6.72 -37.26 35.23
C THR C 213 -7.22 -36.29 34.18
N GLU C 214 -6.29 -35.54 33.60
CA GLU C 214 -6.66 -34.63 32.53
C GLU C 214 -6.63 -35.38 31.21
N ILE C 215 -7.80 -35.49 30.61
CA ILE C 215 -7.98 -36.22 29.37
C ILE C 215 -8.34 -35.24 28.26
N GLY C 216 -7.94 -35.57 27.03
CA GLY C 216 -8.35 -34.83 25.85
C GLY C 216 -8.96 -35.77 24.83
N CYS C 217 -9.87 -35.26 24.01
CA CYS C 217 -10.44 -36.07 22.96
C CYS C 217 -10.71 -35.26 21.71
N ALA C 218 -10.07 -35.64 20.60
CA ALA C 218 -10.19 -34.91 19.35
C ALA C 218 -11.42 -35.35 18.52
N VAL C 219 -12.27 -34.40 18.17
CA VAL C 219 -13.50 -34.72 17.44
C VAL C 219 -13.49 -34.16 16.01
N MET C 220 -14.08 -34.92 15.09
CA MET C 220 -14.24 -34.49 13.71
C MET C 220 -15.64 -34.86 13.24
N GLY C 221 -16.24 -34.01 12.40
CA GLY C 221 -17.56 -34.33 11.84
C GLY C 221 -18.54 -33.19 11.83
N ASN C 222 -19.59 -33.37 11.03
CA ASN C 222 -20.73 -32.46 10.97
C ASN C 222 -21.95 -33.15 11.55
N GLY C 223 -22.79 -32.38 12.23
CA GLY C 223 -24.03 -32.94 12.75
C GLY C 223 -23.75 -34.08 13.72
N PRO C 224 -24.48 -35.19 13.56
CA PRO C 224 -24.43 -36.33 14.47
C PRO C 224 -23.38 -37.38 14.12
N GLU C 225 -23.13 -37.62 12.84
CA GLU C 225 -22.10 -38.56 12.41
C GLU C 225 -20.68 -37.99 12.59
N LEU C 226 -20.05 -38.40 13.69
CA LEU C 226 -18.74 -37.87 14.11
C LEU C 226 -17.70 -38.98 14.31
N ILE C 227 -16.43 -38.60 14.25
CA ILE C 227 -15.35 -39.52 14.62
C ILE C 227 -14.40 -38.85 15.63
N THR C 228 -13.67 -39.67 16.37
CA THR C 228 -12.78 -39.16 17.40
C THR C 228 -11.44 -39.86 17.27
N GLY C 229 -10.37 -39.14 17.55
CA GLY C 229 -9.06 -39.77 17.55
C GLY C 229 -8.88 -40.50 18.85
N GLU C 230 -7.71 -41.10 19.03
CA GLU C 230 -7.30 -41.62 20.32
C GLU C 230 -7.46 -40.57 21.42
N VAL C 231 -7.70 -41.05 22.63
CA VAL C 231 -7.78 -40.15 23.79
C VAL C 231 -6.37 -39.85 24.28
N ASP C 232 -6.06 -38.59 24.54
CA ASP C 232 -4.79 -38.29 25.18
C ASP C 232 -4.94 -38.00 26.68
N GLN C 233 -3.80 -37.92 27.35
CA GLN C 233 -3.73 -37.79 28.79
C GLN C 233 -2.53 -36.89 29.14
N ILE C 234 -2.81 -35.76 29.79
CA ILE C 234 -1.73 -34.92 30.30
C ILE C 234 -0.88 -35.79 31.19
N THR C 235 0.39 -35.95 30.85
CA THR C 235 1.25 -36.98 31.45
C THR C 235 1.45 -36.81 32.95
N LEU C 236 1.53 -35.60 33.43
CA LEU C 236 1.86 -35.39 34.81
C LEU C 236 0.67 -35.52 35.73
N SER C 237 -0.42 -36.03 35.23
CA SER C 237 -1.65 -36.20 36.01
C SER C 237 -1.71 -37.48 36.84
N HIS C 238 -1.37 -38.62 36.22
CA HIS C 238 -1.78 -39.90 36.77
C HIS C 238 -0.80 -40.60 37.68
N GLY C 239 0.51 -40.44 37.47
CA GLY C 239 1.44 -41.32 38.17
C GLY C 239 2.40 -40.64 39.11
N PHE C 240 2.55 -39.35 38.96
CA PHE C 240 3.56 -38.68 39.72
C PHE C 240 2.98 -38.21 41.03
N SER C 251 3.34 -22.08 28.16
CA SER C 251 2.97 -23.48 28.24
C SER C 251 1.56 -23.63 28.74
N GLY C 252 0.62 -23.68 27.82
CA GLY C 252 -0.69 -24.21 28.16
C GLY C 252 -0.79 -25.70 27.89
N SER C 253 -1.97 -26.27 27.94
CA SER C 253 -2.09 -27.70 27.80
C SER C 253 -1.59 -28.27 26.52
N ASP C 254 -1.77 -27.55 25.45
CA ASP C 254 -1.31 -28.03 24.15
C ASP C 254 0.19 -28.36 24.15
N ASN C 255 0.94 -27.57 24.90
CA ASN C 255 2.39 -27.63 24.89
C ASN C 255 2.91 -28.64 25.91
N SER C 256 1.99 -29.23 26.67
CA SER C 256 2.34 -30.08 27.81
C SER C 256 2.71 -31.50 27.44
N ALA C 257 3.55 -32.12 28.28
CA ALA C 257 3.77 -33.55 28.18
C ALA C 257 2.43 -34.30 28.15
N VAL C 258 2.21 -35.07 27.09
CA VAL C 258 1.02 -35.91 26.97
C VAL C 258 1.36 -37.35 26.60
N THR C 259 0.46 -38.27 26.92
CA THR C 259 0.60 -39.67 26.51
C THR C 259 -0.53 -40.08 25.57
N VAL C 260 -0.19 -40.62 24.41
CA VAL C 260 -1.22 -41.12 23.49
C VAL C 260 -1.02 -42.60 23.12
N PRO C 261 -2.02 -43.45 23.39
CA PRO C 261 -3.32 -43.09 23.95
C PRO C 261 -3.27 -42.99 25.48
N ALA C 262 -4.39 -42.59 26.09
CA ALA C 262 -4.46 -42.46 27.54
C ALA C 262 -4.52 -43.83 28.22
N ASP C 263 -3.77 -43.99 29.31
CA ASP C 263 -3.74 -45.24 30.04
C ASP C 263 -4.95 -45.36 30.95
N ILE C 264 -6.06 -45.86 30.42
CA ILE C 264 -7.33 -45.92 31.14
C ILE C 264 -8.14 -47.18 30.78
N SER C 265 -9.22 -47.46 31.51
CA SER C 265 -10.08 -48.60 31.21
C SER C 265 -10.62 -48.47 29.80
N THR C 266 -10.90 -49.58 29.13
CA THR C 266 -11.55 -49.49 27.81
C THR C 266 -12.97 -48.94 27.97
N THR C 267 -13.56 -49.13 29.14
CA THR C 267 -14.89 -48.60 29.35
C THR C 267 -14.85 -47.10 29.59
N SER C 268 -13.81 -46.58 30.24
CA SER C 268 -13.74 -45.13 30.42
C SER C 268 -13.23 -44.41 29.17
N ARG C 269 -12.52 -45.11 28.32
CA ARG C 269 -12.14 -44.53 27.08
C ARG C 269 -13.28 -44.44 26.11
N SER C 270 -14.21 -45.38 26.14
CA SER C 270 -15.43 -45.29 25.36
C SER C 270 -16.33 -44.18 25.92
N LEU C 271 -16.37 -44.07 27.25
CA LEU C 271 -17.11 -43.03 27.95
C LEU C 271 -16.54 -41.64 27.66
N VAL C 272 -15.21 -41.53 27.65
CA VAL C 272 -14.58 -40.27 27.34
C VAL C 272 -14.99 -39.83 25.94
N GLN C 273 -15.02 -40.78 25.02
CA GLN C 273 -15.33 -40.46 23.63
C GLN C 273 -16.81 -40.07 23.46
N ASP C 274 -17.70 -40.87 24.05
CA ASP C 274 -19.13 -40.63 23.92
C ASP C 274 -19.47 -39.25 24.46
N THR C 275 -18.87 -38.92 25.60
CA THR C 275 -19.13 -37.66 26.27
C THR C 275 -18.66 -36.55 25.35
N ALA C 276 -17.45 -36.69 24.82
CA ALA C 276 -16.91 -35.66 23.96
C ALA C 276 -17.88 -35.35 22.84
N LYS C 277 -18.40 -36.37 22.18
CA LYS C 277 -19.35 -36.18 21.09
C LYS C 277 -20.64 -35.55 21.60
N ALA C 278 -21.13 -36.05 22.73
CA ALA C 278 -22.30 -35.47 23.37
C ALA C 278 -22.16 -33.94 23.50
N VAL C 279 -21.05 -33.50 24.07
CA VAL C 279 -20.80 -32.07 24.19
C VAL C 279 -20.83 -31.43 22.82
N TYR C 280 -19.90 -31.84 21.97
CA TYR C 280 -19.82 -31.43 20.57
C TYR C 280 -21.19 -31.31 19.91
N ARG C 281 -22.08 -32.26 20.18
CA ARG C 281 -23.41 -32.19 19.62
C ARG C 281 -24.25 -31.11 20.29
N ALA C 282 -24.28 -31.10 21.62
CA ALA C 282 -25.07 -30.15 22.40
C ALA C 282 -24.66 -28.71 22.17
N LEU C 283 -23.39 -28.50 21.87
CA LEU C 283 -22.88 -27.17 21.61
C LEU C 283 -23.04 -26.82 20.14
N GLY C 284 -23.32 -27.83 19.33
CA GLY C 284 -23.53 -27.65 17.89
C GLY C 284 -22.26 -27.24 17.17
N CYS C 285 -21.15 -27.85 17.53
CA CYS C 285 -19.90 -27.68 16.81
C CYS C 285 -19.97 -28.34 15.44
N ARG C 286 -18.98 -28.02 14.62
CA ARG C 286 -18.92 -28.50 13.27
C ARG C 286 -17.50 -28.61 12.78
N GLY C 287 -17.25 -29.50 11.86
CA GLY C 287 -15.91 -29.70 11.35
C GLY C 287 -15.06 -30.42 12.38
N LEU C 288 -14.44 -29.66 13.28
CA LEU C 288 -13.58 -30.22 14.31
C LEU C 288 -13.61 -29.40 15.60
N SER C 289 -13.06 -29.99 16.67
CA SER C 289 -12.92 -29.36 17.98
C SER C 289 -12.11 -30.28 18.88
N ARG C 290 -11.47 -29.71 19.90
CA ARG C 290 -10.78 -30.56 20.86
C ARG C 290 -11.40 -30.41 22.25
N VAL C 291 -11.97 -31.49 22.75
CA VAL C 291 -12.71 -31.46 24.01
C VAL C 291 -11.81 -31.89 25.15
N ASP C 292 -11.58 -30.98 26.09
CA ASP C 292 -10.74 -31.24 27.25
C ASP C 292 -11.59 -31.78 28.41
N LEU C 293 -11.12 -32.82 29.07
CA LEU C 293 -11.93 -33.44 30.12
C LEU C 293 -11.15 -33.82 31.38
N PHE C 294 -11.90 -34.10 32.45
CA PHE C 294 -11.34 -34.64 33.69
C PHE C 294 -11.93 -36.02 33.92
N LEU C 295 -11.07 -36.97 34.31
CA LEU C 295 -11.52 -38.30 34.69
C LEU C 295 -11.29 -38.53 36.19
N THR C 296 -12.36 -38.51 36.97
CA THR C 296 -12.24 -38.61 38.43
C THR C 296 -11.87 -40.01 38.89
N GLU C 297 -11.39 -40.13 40.12
CA GLU C 297 -11.06 -41.43 40.69
C GLU C 297 -12.24 -42.40 40.61
N ASP C 298 -13.46 -41.85 40.72
CA ASP C 298 -14.66 -42.67 40.73
C ASP C 298 -15.06 -43.17 39.34
N GLY C 299 -14.35 -42.70 38.31
CA GLY C 299 -14.63 -43.12 36.94
C GLY C 299 -15.56 -42.20 36.18
N LYS C 300 -15.88 -41.05 36.80
CA LYS C 300 -16.76 -40.08 36.19
C LYS C 300 -15.98 -39.03 35.41
N VAL C 301 -16.63 -38.41 34.43
CA VAL C 301 -16.02 -37.46 33.49
C VAL C 301 -16.58 -36.05 33.69
N VAL C 302 -15.69 -35.09 33.88
CA VAL C 302 -16.13 -33.71 34.03
C VAL C 302 -15.59 -32.91 32.86
N LEU C 303 -16.37 -31.96 32.37
CA LEU C 303 -15.97 -31.14 31.23
C LEU C 303 -14.99 -30.07 31.68
N ASN C 304 -13.92 -29.87 30.94
CA ASN C 304 -13.04 -28.76 31.12
C ASN C 304 -13.40 -27.64 30.17
N GLU C 305 -13.30 -27.89 28.89
CA GLU C 305 -13.31 -26.81 27.90
C GLU C 305 -13.61 -27.43 26.55
N VAL C 306 -14.13 -26.65 25.61
CA VAL C 306 -14.22 -27.15 24.22
C VAL C 306 -13.39 -26.22 23.34
N ASN C 307 -12.22 -26.69 22.93
CA ASN C 307 -11.34 -25.93 22.03
C ASN C 307 -11.77 -26.11 20.57
N THR C 308 -12.34 -25.05 20.03
CA THR C 308 -13.00 -25.13 18.73
C THR C 308 -12.05 -25.14 17.61
N PHE C 309 -11.08 -24.29 17.64
CA PHE C 309 -9.99 -24.52 16.68
C PHE C 309 -8.66 -24.72 17.40
N PRO C 310 -8.41 -25.97 17.83
CA PRO C 310 -7.27 -26.32 18.67
C PRO C 310 -5.98 -26.11 17.91
N GLY C 311 -4.86 -25.98 18.62
CA GLY C 311 -3.55 -25.92 17.97
C GLY C 311 -3.36 -27.04 16.96
N MET C 312 -2.63 -26.75 15.89
CA MET C 312 -2.35 -27.74 14.86
C MET C 312 -0.85 -27.73 14.57
N THR C 313 -0.06 -27.34 15.55
CA THR C 313 1.38 -27.24 15.36
C THR C 313 2.01 -28.62 15.34
N SER C 314 3.33 -28.67 15.21
CA SER C 314 4.04 -29.94 15.20
C SER C 314 4.09 -30.57 16.59
N TYR C 315 3.66 -29.86 17.61
CA TYR C 315 3.69 -30.42 18.91
C TYR C 315 2.38 -30.29 19.59
N SER C 316 1.34 -30.01 18.83
CA SER C 316 -0.02 -29.91 19.35
C SER C 316 -0.69 -31.24 19.69
N ARG C 317 -1.76 -31.17 20.46
CA ARG C 317 -2.44 -32.35 20.96
C ARG C 317 -3.37 -33.00 19.92
N TYR C 318 -4.14 -32.19 19.22
CA TYR C 318 -5.13 -32.70 18.27
C TYR C 318 -4.50 -33.59 17.20
N PRO C 319 -3.43 -33.11 16.54
CA PRO C 319 -2.89 -33.95 15.49
C PRO C 319 -2.37 -35.26 16.06
N ARG C 320 -1.82 -35.21 17.27
CA ARG C 320 -1.25 -36.40 17.89
C ARG C 320 -2.34 -37.45 18.07
N MET C 321 -3.53 -36.99 18.44
CA MET C 321 -4.64 -37.90 18.70
C MET C 321 -5.18 -38.48 17.40
N MET C 322 -5.32 -37.65 16.37
CA MET C 322 -5.79 -38.15 15.08
C MET C 322 -4.81 -39.10 14.42
N THR C 323 -3.53 -38.74 14.33
CA THR C 323 -2.59 -39.62 13.64
C THR C 323 -2.54 -40.95 14.38
N ALA C 324 -2.74 -40.90 15.69
CA ALA C 324 -2.76 -42.09 16.53
C ALA C 324 -3.92 -43.00 16.16
N ALA C 325 -4.97 -42.43 15.56
CA ALA C 325 -6.14 -43.20 15.14
C ALA C 325 -6.07 -43.50 13.64
N GLY C 326 -4.90 -43.33 13.05
CA GLY C 326 -4.69 -43.65 11.65
C GLY C 326 -5.13 -42.56 10.70
N LEU C 327 -5.21 -41.32 11.15
CA LEU C 327 -5.44 -40.22 10.24
C LEU C 327 -4.24 -39.28 10.14
N SER C 328 -3.53 -39.32 9.02
CA SER C 328 -2.36 -38.47 8.81
C SER C 328 -2.82 -37.01 8.85
N ARG C 329 -1.91 -36.09 9.03
CA ARG C 329 -2.27 -34.69 9.00
C ARG C 329 -2.69 -34.26 7.67
N ALA C 330 -2.18 -34.90 6.65
CA ALA C 330 -2.71 -34.72 5.31
C ALA C 330 -4.15 -35.20 5.24
N ASP C 331 -4.44 -36.37 5.81
CA ASP C 331 -5.78 -36.91 5.86
C ASP C 331 -6.74 -35.95 6.54
N VAL C 332 -6.26 -35.29 7.59
CA VAL C 332 -7.12 -34.41 8.36
C VAL C 332 -7.52 -33.18 7.56
N ILE C 333 -6.56 -32.49 6.95
CA ILE C 333 -6.92 -31.33 6.14
C ILE C 333 -7.84 -31.70 4.97
N ASP C 334 -7.69 -32.89 4.43
CA ASP C 334 -8.53 -33.37 3.36
C ASP C 334 -9.95 -33.48 3.80
N ARG C 335 -10.18 -34.22 4.87
CA ARG C 335 -11.51 -34.40 5.42
C ARG C 335 -12.15 -33.12 5.95
N LEU C 336 -11.35 -32.27 6.59
CA LEU C 336 -11.80 -30.94 7.00
C LEU C 336 -12.33 -30.13 5.80
N VAL C 337 -11.55 -30.13 4.73
CA VAL C 337 -11.97 -29.43 3.53
C VAL C 337 -13.30 -29.98 3.02
N SER C 338 -13.40 -31.29 2.82
CA SER C 338 -14.62 -31.76 2.20
C SER C 338 -15.78 -31.54 3.15
N LEU C 339 -15.50 -31.57 4.45
CA LEU C 339 -16.56 -31.32 5.45
C LEU C 339 -17.17 -29.94 5.31
N ALA C 340 -16.30 -28.93 5.16
CA ALA C 340 -16.75 -27.56 4.96
C ALA C 340 -17.53 -27.38 3.66
N LEU C 341 -17.30 -28.24 2.67
CA LEU C 341 -17.93 -28.07 1.37
C LEU C 341 -19.18 -28.93 1.22
N ALA C 342 -19.52 -29.68 2.26
CA ALA C 342 -20.72 -30.50 2.26
C ALA C 342 -21.94 -29.58 2.30
N HIS D 3 -18.10 17.21 12.20
CA HIS D 3 -19.09 16.22 11.85
C HIS D 3 -18.68 14.78 12.18
N MET D 4 -19.63 13.88 12.09
CA MET D 4 -19.39 12.51 12.41
C MET D 4 -19.59 11.70 11.21
N LYS D 5 -18.58 10.96 10.84
CA LYS D 5 -18.77 10.03 9.78
C LYS D 5 -19.31 8.79 10.39
N ILE D 6 -20.58 8.56 10.15
CA ILE D 6 -21.31 7.41 10.67
C ILE D 6 -21.68 6.44 9.54
N GLY D 7 -21.43 5.16 9.77
CA GLY D 7 -21.77 4.14 8.78
C GLY D 7 -23.09 3.46 9.06
N ILE D 8 -24.10 3.74 8.24
CA ILE D 8 -25.43 3.20 8.46
C ILE D 8 -25.77 2.04 7.53
N ILE D 9 -25.62 0.82 8.03
CA ILE D 9 -25.83 -0.40 7.24
C ILE D 9 -27.25 -0.97 7.33
N PHE D 10 -27.79 -1.41 6.19
CA PHE D 10 -29.17 -1.88 6.12
C PHE D 10 -29.42 -2.83 4.96
N GLY D 11 -30.59 -3.46 4.98
CA GLY D 11 -30.96 -4.45 3.98
C GLY D 11 -30.73 -5.86 4.48
N GLY D 12 -29.73 -6.52 3.90
CA GLY D 12 -29.32 -7.84 4.36
C GLY D 12 -29.81 -8.99 3.51
N VAL D 13 -29.24 -10.17 3.72
CA VAL D 13 -29.71 -11.36 3.10
C VAL D 13 -30.55 -11.99 4.14
N SER D 14 -31.64 -11.34 4.47
CA SER D 14 -32.47 -11.83 5.52
C SER D 14 -33.89 -11.61 5.14
N GLU D 15 -34.72 -12.49 5.61
CA GLU D 15 -36.13 -12.42 5.41
C GLU D 15 -36.74 -11.15 5.93
N GLU D 16 -36.05 -10.45 6.81
CA GLU D 16 -36.59 -9.26 7.42
C GLU D 16 -35.99 -8.12 6.71
N HIS D 17 -35.47 -8.41 5.54
CA HIS D 17 -34.77 -7.37 4.78
C HIS D 17 -35.54 -6.07 4.66
N ASP D 18 -36.80 -6.17 4.27
CA ASP D 18 -37.61 -5.02 3.94
C ASP D 18 -38.03 -4.25 5.16
N ILE D 19 -38.12 -4.89 6.31
CA ILE D 19 -38.23 -4.19 7.56
C ILE D 19 -36.96 -3.46 7.83
N SER D 20 -35.83 -4.09 7.62
CA SER D 20 -34.57 -3.38 7.78
C SER D 20 -34.62 -2.03 7.06
N VAL D 21 -35.16 -2.00 5.88
CA VAL D 21 -35.17 -0.79 5.09
C VAL D 21 -36.02 0.30 5.66
N LYS D 22 -37.11 -0.05 6.30
CA LYS D 22 -37.98 0.93 6.84
C LYS D 22 -37.36 1.50 8.08
N SER D 23 -36.62 0.67 8.77
CA SER D 23 -35.96 1.05 9.98
C SER D 23 -34.86 1.96 9.68
N ALA D 24 -34.22 1.75 8.57
CA ALA D 24 -33.10 2.60 8.19
C ALA D 24 -33.59 3.97 7.73
N ARG D 25 -34.64 3.96 6.96
CA ARG D 25 -35.20 5.20 6.49
C ARG D 25 -35.82 6.04 7.57
N GLU D 26 -36.22 5.45 8.67
CA GLU D 26 -36.58 6.22 9.86
C GLU D 26 -35.35 6.81 10.53
N VAL D 27 -34.36 5.97 10.81
CA VAL D 27 -33.15 6.45 11.47
C VAL D 27 -32.53 7.59 10.68
N ALA D 28 -32.70 7.54 9.36
CA ALA D 28 -32.09 8.54 8.50
C ALA D 28 -32.79 9.90 8.61
N THR D 29 -34.08 9.88 8.95
CA THR D 29 -34.82 11.14 9.08
C THR D 29 -34.58 11.82 10.42
N HIS D 30 -34.14 11.04 11.41
CA HIS D 30 -33.97 11.55 12.77
C HIS D 30 -32.53 11.65 13.25
N LEU D 31 -31.66 12.09 12.38
CA LEU D 31 -30.28 12.40 12.74
C LEU D 31 -30.02 13.84 12.28
N GLY D 32 -29.93 14.78 13.21
CA GLY D 32 -29.94 16.17 12.85
C GLY D 32 -28.86 16.49 11.85
N THR D 33 -28.58 17.77 11.71
CA THR D 33 -27.67 18.30 10.70
C THR D 33 -26.17 18.30 11.00
N GLY D 34 -25.75 18.88 12.11
CA GLY D 34 -24.34 19.16 12.30
C GLY D 34 -23.45 18.21 13.06
N VAL D 35 -23.89 16.99 13.22
CA VAL D 35 -23.17 16.04 14.00
C VAL D 35 -22.69 15.05 13.00
N PHE D 36 -23.58 14.67 12.12
CA PHE D 36 -23.37 13.48 11.37
C PHE D 36 -23.27 13.65 9.90
N GLU D 37 -22.26 13.01 9.33
CA GLU D 37 -22.20 12.75 7.90
C GLU D 37 -22.50 11.26 7.73
N PRO D 38 -23.70 10.94 7.21
CA PRO D 38 -24.06 9.52 7.17
C PRO D 38 -23.54 8.81 5.93
N PHE D 39 -23.34 7.50 6.05
CA PHE D 39 -22.96 6.68 4.90
C PHE D 39 -23.85 5.45 4.83
N TYR D 40 -24.74 5.44 3.86
CA TYR D 40 -25.70 4.35 3.78
C TYR D 40 -25.16 3.15 3.01
N LEU D 41 -24.79 2.12 3.75
CA LEU D 41 -24.39 0.85 3.16
C LEU D 41 -25.60 -0.07 3.04
N GLY D 42 -26.00 -0.35 1.81
CA GLY D 42 -27.14 -1.22 1.57
C GLY D 42 -26.67 -2.59 1.15
N ILE D 43 -27.01 -3.61 1.94
CA ILE D 43 -26.77 -4.98 1.50
C ILE D 43 -28.01 -5.47 0.79
N THR D 44 -27.84 -5.86 -0.47
CA THR D 44 -28.94 -6.30 -1.31
C THR D 44 -29.44 -7.68 -0.89
N LYS D 45 -30.70 -7.98 -1.22
CA LYS D 45 -31.28 -9.27 -0.91
C LYS D 45 -30.32 -10.40 -1.29
N SER D 46 -29.60 -10.21 -2.40
CA SER D 46 -28.68 -11.25 -2.87
C SER D 46 -27.25 -11.12 -2.33
N GLY D 47 -27.04 -10.22 -1.38
CA GLY D 47 -25.78 -10.17 -0.64
C GLY D 47 -24.71 -9.21 -1.15
N ALA D 48 -25.06 -8.38 -2.13
CA ALA D 48 -24.12 -7.39 -2.65
C ALA D 48 -24.15 -6.12 -1.81
N TRP D 49 -22.98 -5.53 -1.60
CA TRP D 49 -22.84 -4.32 -0.79
C TRP D 49 -22.72 -3.06 -1.64
N GLN D 50 -23.43 -2.01 -1.30
CA GLN D 50 -23.41 -0.81 -2.11
C GLN D 50 -23.71 0.46 -1.39
N LEU D 51 -22.86 1.43 -1.58
CA LEU D 51 -23.00 2.75 -0.98
C LEU D 51 -24.04 3.52 -1.78
N CYS D 52 -25.08 4.01 -1.09
CA CYS D 52 -26.20 4.65 -1.76
C CYS D 52 -26.61 5.99 -1.14
N ASP D 53 -27.47 6.71 -1.87
CA ASP D 53 -27.96 8.02 -1.47
C ASP D 53 -28.77 7.97 -0.18
N GLY D 54 -29.41 6.84 0.08
CA GLY D 54 -30.16 6.68 1.31
C GLY D 54 -31.15 5.54 1.28
N PRO D 55 -31.47 5.00 2.42
CA PRO D 55 -32.35 3.86 2.46
C PRO D 55 -33.69 4.28 1.97
N GLY D 56 -34.34 3.43 1.21
CA GLY D 56 -35.64 3.76 0.69
C GLY D 56 -36.12 2.58 -0.09
N GLU D 57 -37.34 2.63 -0.61
CA GLU D 57 -37.96 1.45 -1.18
C GLU D 57 -37.27 0.67 -2.25
N ASN D 58 -36.62 1.38 -3.15
CA ASN D 58 -35.88 0.75 -4.24
C ASN D 58 -34.69 1.64 -4.34
N TRP D 59 -33.71 1.41 -3.49
CA TRP D 59 -32.56 2.27 -3.44
C TRP D 59 -31.68 1.42 -4.27
N GLU D 60 -32.06 0.17 -4.42
CA GLU D 60 -31.29 -0.75 -5.26
C GLU D 60 -31.23 -0.21 -6.68
N ASP D 61 -32.29 0.45 -7.11
CA ASP D 61 -32.33 1.11 -8.38
C ASP D 61 -32.25 2.60 -8.20
N GLY D 62 -31.49 3.02 -7.22
CA GLY D 62 -31.05 4.41 -7.05
C GLY D 62 -29.62 4.55 -7.54
N ASN D 63 -28.88 5.55 -7.10
CA ASN D 63 -27.50 5.63 -7.58
C ASN D 63 -26.51 5.25 -6.53
N CYS D 64 -26.08 4.00 -6.55
CA CYS D 64 -25.12 3.54 -5.57
C CYS D 64 -23.85 3.03 -6.18
N ARG D 65 -22.79 3.07 -5.42
CA ARG D 65 -21.53 2.55 -5.86
C ARG D 65 -21.23 1.36 -4.99
N PRO D 66 -20.56 0.35 -5.53
CA PRO D 66 -20.18 -0.81 -4.72
C PRO D 66 -19.07 -0.47 -3.73
N ALA D 67 -19.20 -1.00 -2.52
CA ALA D 67 -18.24 -0.74 -1.46
C ALA D 67 -18.53 -1.70 -0.34
N VAL D 68 -17.52 -1.99 0.48
CA VAL D 68 -17.72 -2.85 1.63
C VAL D 68 -17.06 -2.25 2.86
N LEU D 69 -17.51 -2.69 4.04
CA LEU D 69 -16.79 -2.40 5.27
C LEU D 69 -15.56 -3.30 5.29
N SER D 70 -14.41 -2.75 5.66
CA SER D 70 -13.20 -3.57 5.68
C SER D 70 -12.94 -4.17 7.06
N PRO D 71 -12.48 -5.43 7.08
CA PRO D 71 -12.06 -6.01 8.34
C PRO D 71 -10.69 -5.46 8.75
N ASP D 72 -10.01 -4.83 7.80
CA ASP D 72 -8.66 -4.34 8.07
C ASP D 72 -8.68 -3.11 8.97
N ARG D 73 -8.00 -3.19 10.12
CA ARG D 73 -8.14 -2.18 11.15
C ARG D 73 -7.42 -0.89 10.79
N SER D 74 -6.34 -1.00 10.02
CA SER D 74 -5.70 0.18 9.45
C SER D 74 -6.72 1.02 8.69
N VAL D 75 -7.62 0.35 7.97
CA VAL D 75 -8.63 1.04 7.17
C VAL D 75 -9.65 1.76 8.04
N HIS D 76 -10.12 1.09 9.08
CA HIS D 76 -11.10 1.64 10.02
C HIS D 76 -12.29 2.32 9.32
N GLY D 77 -12.83 1.67 8.29
CA GLY D 77 -13.95 2.21 7.51
C GLY D 77 -14.30 1.44 6.24
N LEU D 78 -14.71 2.17 5.21
CA LEU D 78 -15.16 1.54 3.96
C LEU D 78 -14.17 1.64 2.80
N LEU D 79 -14.05 0.56 2.04
CA LEU D 79 -13.45 0.66 0.72
C LEU D 79 -14.58 0.93 -0.27
N VAL D 80 -14.38 1.84 -1.22
CA VAL D 80 -15.35 2.00 -2.30
C VAL D 80 -14.74 1.50 -3.59
N LEU D 81 -15.47 0.65 -4.32
CA LEU D 81 -14.87 -0.07 -5.44
C LEU D 81 -15.46 0.28 -6.80
N GLU D 82 -14.82 1.21 -7.50
CA GLU D 82 -15.31 1.70 -8.78
C GLU D 82 -14.33 1.51 -9.93
N GLN D 83 -14.59 0.52 -10.77
CA GLN D 83 -13.83 0.34 -12.01
C GLN D 83 -12.35 0.07 -11.78
N GLY D 84 -12.05 -1.00 -11.05
CA GLY D 84 -10.66 -1.43 -10.86
C GLY D 84 -9.88 -0.61 -9.84
N LYS D 85 -10.37 0.60 -9.57
CA LYS D 85 -9.73 1.52 -8.64
C LYS D 85 -10.59 1.77 -7.40
N TYR D 86 -9.95 1.77 -6.23
CA TYR D 86 -10.66 1.94 -4.96
C TYR D 86 -10.27 3.21 -4.19
N GLU D 87 -11.00 3.48 -3.12
CA GLU D 87 -10.76 4.66 -2.28
C GLU D 87 -11.28 4.34 -0.89
N THR D 88 -10.62 4.87 0.14
CA THR D 88 -11.00 4.56 1.52
C THR D 88 -11.66 5.73 2.26
N ILE D 89 -12.76 5.42 2.93
CA ILE D 89 -13.47 6.37 3.77
C ILE D 89 -13.43 5.86 5.21
N ARG D 90 -12.87 6.63 6.12
CA ARG D 90 -12.72 6.15 7.46
C ARG D 90 -13.83 6.60 8.35
N LEU D 91 -14.58 5.66 8.86
CA LEU D 91 -15.76 5.92 9.68
C LEU D 91 -15.40 6.05 11.16
N ASP D 92 -16.14 6.90 11.87
CA ASP D 92 -15.92 7.06 13.29
C ASP D 92 -16.82 6.08 14.04
N LEU D 93 -17.73 5.45 13.32
CA LEU D 93 -18.80 4.72 13.98
C LEU D 93 -19.69 3.99 12.97
N VAL D 94 -20.19 2.83 13.35
CA VAL D 94 -21.12 2.06 12.53
C VAL D 94 -22.43 1.77 13.27
N LEU D 95 -23.54 2.04 12.60
CA LEU D 95 -24.85 1.78 13.15
C LEU D 95 -25.50 0.71 12.29
N PRO D 96 -25.57 -0.54 12.79
CA PRO D 96 -26.08 -1.65 11.98
C PRO D 96 -27.59 -1.82 12.14
N VAL D 97 -28.35 -1.14 11.29
CA VAL D 97 -29.80 -1.31 11.27
C VAL D 97 -30.14 -2.53 10.42
N LEU D 98 -29.81 -3.70 10.96
CA LEU D 98 -30.11 -4.98 10.33
C LEU D 98 -30.90 -5.87 11.29
N HIS D 99 -31.98 -6.47 10.79
CA HIS D 99 -32.80 -7.38 11.61
C HIS D 99 -32.65 -8.83 11.18
N GLY D 100 -32.80 -9.73 12.15
CA GLY D 100 -32.79 -11.17 11.87
C GLY D 100 -31.50 -11.87 11.54
N LYS D 101 -31.56 -12.82 10.64
CA LYS D 101 -30.43 -13.47 10.01
C LYS D 101 -29.30 -12.61 9.46
N LEU D 102 -28.10 -12.86 9.93
CA LEU D 102 -26.92 -12.13 9.48
C LEU D 102 -26.72 -10.72 10.04
N GLY D 103 -27.66 -10.23 10.87
CA GLY D 103 -27.55 -8.87 11.39
C GLY D 103 -27.82 -8.76 12.87
N GLU D 104 -28.42 -9.80 13.40
CA GLU D 104 -28.80 -9.86 14.77
C GLU D 104 -28.35 -11.14 15.38
N ASP D 105 -27.66 -11.92 14.59
CA ASP D 105 -27.19 -13.23 15.01
C ASP D 105 -25.67 -13.25 15.20
N GLY D 106 -25.05 -12.08 15.24
CA GLY D 106 -23.62 -11.99 15.48
C GLY D 106 -22.80 -11.76 14.22
N ALA D 107 -23.30 -12.22 13.09
CA ALA D 107 -22.57 -12.11 11.81
C ALA D 107 -21.97 -10.73 11.52
N ILE D 108 -22.79 -9.69 11.42
CA ILE D 108 -22.26 -8.36 11.13
C ILE D 108 -21.35 -7.87 12.25
N GLN D 109 -21.57 -8.20 13.50
CA GLN D 109 -20.70 -7.67 14.50
C GLN D 109 -19.43 -8.45 14.56
N GLY D 110 -19.40 -9.59 13.93
CA GLY D 110 -18.14 -10.27 13.68
C GLY D 110 -17.23 -9.39 12.84
N LEU D 111 -17.73 -8.95 11.69
CA LEU D 111 -16.95 -8.10 10.80
C LEU D 111 -16.63 -6.78 11.49
N LEU D 112 -17.60 -6.25 12.24
CA LEU D 112 -17.38 -5.01 12.98
C LEU D 112 -16.24 -5.16 13.98
N GLU D 113 -16.19 -6.30 14.66
CA GLU D 113 -15.21 -6.53 15.70
C GLU D 113 -13.82 -6.66 15.08
N LEU D 114 -13.77 -7.13 13.85
CA LEU D 114 -12.50 -7.26 13.15
C LEU D 114 -12.03 -5.88 12.76
N SER D 115 -12.97 -5.06 12.31
CA SER D 115 -12.67 -3.73 11.79
C SER D 115 -12.12 -2.81 12.86
N GLY D 116 -12.45 -3.10 14.12
CA GLY D 116 -11.98 -2.25 15.21
C GLY D 116 -12.85 -1.02 15.40
N ILE D 117 -13.73 -0.78 14.42
CA ILE D 117 -14.65 0.35 14.49
C ILE D 117 -15.61 0.16 15.66
N PRO D 118 -15.96 1.25 16.35
CA PRO D 118 -17.00 1.17 17.38
C PRO D 118 -18.35 1.02 16.69
N TYR D 119 -19.32 0.41 17.38
CA TYR D 119 -20.65 0.24 16.79
C TYR D 119 -21.77 0.16 17.82
N VAL D 120 -22.96 0.62 17.42
CA VAL D 120 -24.15 0.56 18.25
C VAL D 120 -24.67 -0.87 18.42
N GLY D 121 -25.18 -1.18 19.61
CA GLY D 121 -25.93 -2.41 19.80
C GLY D 121 -25.15 -3.51 20.50
N CYS D 122 -25.75 -4.70 20.55
CA CYS D 122 -25.16 -5.84 21.24
C CYS D 122 -23.98 -6.44 20.49
N ASP D 123 -23.09 -7.13 21.19
CA ASP D 123 -21.94 -7.76 20.55
C ASP D 123 -22.21 -9.18 20.07
N ILE D 124 -21.20 -9.77 19.44
CA ILE D 124 -21.30 -11.15 18.96
C ILE D 124 -21.98 -12.06 19.98
N GLN D 125 -21.42 -12.18 21.17
CA GLN D 125 -21.96 -13.13 22.14
C GLN D 125 -23.46 -12.97 22.39
N SER D 126 -23.85 -11.77 22.82
CA SER D 126 -25.24 -11.52 23.19
C SER D 126 -26.15 -11.63 21.97
N SER D 127 -25.71 -11.22 20.83
CA SER D 127 -26.54 -11.43 19.70
C SER D 127 -26.70 -12.88 19.33
N ALA D 128 -25.73 -13.73 19.59
CA ALA D 128 -25.92 -15.17 19.40
C ALA D 128 -26.85 -15.77 20.45
N LEU D 129 -26.71 -15.31 21.69
CA LEU D 129 -27.55 -15.80 22.78
C LEU D 129 -29.01 -15.42 22.63
N CYS D 130 -29.30 -14.26 22.06
CA CYS D 130 -30.68 -13.82 21.94
C CYS D 130 -31.30 -14.34 20.64
N MET D 131 -30.47 -14.75 19.69
CA MET D 131 -31.00 -15.18 18.41
C MET D 131 -31.58 -16.56 18.58
N ASP D 132 -30.79 -17.48 19.12
CA ASP D 132 -31.30 -18.80 19.40
C ASP D 132 -32.10 -18.75 20.70
N LYS D 133 -33.42 -18.61 20.55
CA LYS D 133 -34.29 -18.48 21.71
C LYS D 133 -34.03 -19.54 22.78
N SER D 134 -33.59 -20.74 22.38
CA SER D 134 -33.39 -21.79 23.37
C SER D 134 -32.16 -21.50 24.22
N LEU D 135 -31.16 -20.87 23.61
CA LEU D 135 -30.01 -20.40 24.37
C LEU D 135 -30.46 -19.34 25.38
N THR D 136 -31.26 -18.39 24.90
CA THR D 136 -31.78 -17.37 25.78
C THR D 136 -32.45 -17.96 27.01
N TYR D 137 -33.39 -18.88 26.82
CA TYR D 137 -34.08 -19.48 27.96
C TYR D 137 -33.06 -20.04 28.94
N LEU D 138 -32.04 -20.70 28.40
CA LEU D 138 -31.03 -21.38 29.20
C LEU D 138 -30.29 -20.39 30.09
N VAL D 139 -29.99 -19.23 29.52
CA VAL D 139 -29.36 -18.14 30.24
C VAL D 139 -30.33 -17.56 31.28
N ALA D 140 -31.45 -17.01 30.82
CA ALA D 140 -32.47 -16.48 31.71
C ALA D 140 -32.77 -17.37 32.93
N ARG D 141 -32.77 -18.65 32.75
CA ARG D 141 -33.06 -19.53 33.84
C ARG D 141 -31.98 -19.39 34.82
N SER D 142 -30.77 -19.44 34.33
CA SER D 142 -29.60 -19.39 35.21
C SER D 142 -29.59 -18.12 36.04
N ALA D 143 -30.35 -17.12 35.61
CA ALA D 143 -30.46 -15.90 36.40
C ALA D 143 -31.81 -15.77 37.12
N GLY D 144 -32.50 -16.91 37.29
CA GLY D 144 -33.72 -16.97 38.09
C GLY D 144 -34.96 -16.47 37.40
N ILE D 145 -34.88 -16.29 36.08
CA ILE D 145 -36.00 -15.79 35.30
C ILE D 145 -36.79 -16.95 34.72
N ALA D 146 -38.12 -16.82 34.71
CA ALA D 146 -38.95 -17.88 34.17
C ALA D 146 -38.93 -17.89 32.65
N THR D 147 -39.09 -19.08 32.06
CA THR D 147 -39.24 -19.21 30.62
C THR D 147 -40.39 -20.18 30.38
N PRO D 148 -40.79 -20.35 29.11
CA PRO D 148 -41.76 -21.39 28.76
C PRO D 148 -41.13 -22.76 28.85
N ASN D 149 -41.97 -23.78 29.01
CA ASN D 149 -41.53 -25.17 28.89
C ASN D 149 -41.22 -25.44 27.42
N PHE D 150 -40.04 -25.94 27.12
CA PHE D 150 -39.63 -26.08 25.73
C PHE D 150 -38.74 -27.27 25.43
N TRP D 151 -38.79 -27.71 24.18
CA TRP D 151 -37.93 -28.77 23.64
C TRP D 151 -37.38 -28.29 22.31
N THR D 152 -36.26 -28.88 21.88
CA THR D 152 -35.68 -28.54 20.59
C THR D 152 -35.58 -29.76 19.67
N VAL D 153 -35.86 -29.57 18.38
CA VAL D 153 -35.78 -30.66 17.42
C VAL D 153 -35.01 -30.27 16.17
N THR D 154 -33.91 -30.96 15.96
CA THR D 154 -33.05 -30.81 14.81
C THR D 154 -33.47 -31.72 13.68
N ALA D 155 -32.92 -31.46 12.53
CA ALA D 155 -33.24 -32.20 11.36
C ALA D 155 -33.29 -33.67 11.73
N ASP D 156 -32.33 -34.13 12.51
CA ASP D 156 -32.19 -35.56 12.76
C ASP D 156 -33.25 -36.01 13.73
N GLU D 157 -33.28 -35.33 14.85
CA GLU D 157 -34.04 -35.71 15.99
C GLU D 157 -35.50 -35.89 15.71
N LYS D 158 -36.13 -36.77 16.48
CA LYS D 158 -37.52 -37.06 16.32
C LYS D 158 -38.41 -36.43 17.35
N ILE D 159 -39.53 -35.88 16.90
CA ILE D 159 -40.39 -35.13 17.75
C ILE D 159 -40.64 -35.95 18.98
N PRO D 160 -40.59 -35.33 20.13
CA PRO D 160 -40.79 -36.03 21.40
C PRO D 160 -42.26 -35.77 21.67
N THR D 161 -43.10 -36.65 21.13
CA THR D 161 -44.56 -36.51 21.16
C THR D 161 -45.07 -36.72 22.59
N ASP D 162 -44.53 -37.71 23.29
CA ASP D 162 -45.08 -38.14 24.58
C ASP D 162 -45.16 -37.03 25.63
N GLN D 163 -44.25 -36.08 25.53
CA GLN D 163 -44.01 -35.09 26.56
C GLN D 163 -44.81 -33.80 26.47
N LEU D 164 -45.71 -33.71 25.53
CA LEU D 164 -46.35 -32.42 25.24
C LEU D 164 -47.70 -32.25 25.92
N THR D 165 -47.96 -31.01 26.36
CA THR D 165 -49.29 -30.59 26.80
C THR D 165 -49.80 -29.48 25.90
N TYR D 166 -50.87 -29.74 25.16
CA TYR D 166 -51.40 -28.78 24.21
C TYR D 166 -52.31 -27.78 24.92
N PRO D 167 -52.40 -26.55 24.39
CA PRO D 167 -51.79 -26.04 23.17
C PRO D 167 -50.28 -25.86 23.22
N VAL D 168 -49.69 -25.72 22.03
CA VAL D 168 -48.24 -25.71 21.84
C VAL D 168 -47.83 -24.75 20.72
N PHE D 169 -46.66 -24.10 20.86
CA PHE D 169 -46.12 -23.25 19.80
C PHE D 169 -44.88 -23.83 19.12
N VAL D 170 -44.91 -23.80 17.79
CA VAL D 170 -43.84 -24.32 16.94
C VAL D 170 -43.18 -23.14 16.26
N LYS D 171 -41.85 -23.09 16.32
CA LYS D 171 -41.11 -21.96 15.77
C LYS D 171 -39.64 -22.27 15.52
N PRO D 172 -39.07 -21.68 14.47
CA PRO D 172 -37.63 -21.71 14.26
C PRO D 172 -36.88 -21.21 15.50
N ALA D 173 -35.87 -21.96 15.90
CA ALA D 173 -35.05 -21.58 17.03
C ALA D 173 -34.50 -20.18 16.80
N ARG D 174 -34.18 -19.88 15.54
CA ARG D 174 -33.53 -18.61 15.22
C ARG D 174 -34.25 -17.93 14.06
N SER D 175 -35.24 -17.10 14.39
CA SER D 175 -35.88 -16.23 13.41
C SER D 175 -36.60 -15.11 14.17
N GLY D 176 -37.31 -14.27 13.45
CA GLY D 176 -38.03 -13.15 14.05
C GLY D 176 -39.24 -12.76 13.23
N SER D 177 -39.87 -11.66 13.61
CA SER D 177 -41.09 -11.20 12.94
C SER D 177 -42.13 -12.30 12.72
N SER D 178 -42.12 -13.31 13.58
CA SER D 178 -43.10 -14.40 13.56
C SER D 178 -43.04 -15.32 12.34
N PHE D 179 -41.98 -15.26 11.57
CA PHE D 179 -41.85 -16.18 10.49
C PHE D 179 -41.77 -17.56 11.03
N GLY D 180 -42.37 -18.53 10.36
CA GLY D 180 -42.29 -19.92 10.78
C GLY D 180 -42.92 -20.23 12.13
N VAL D 181 -43.67 -19.33 12.70
CA VAL D 181 -44.32 -19.62 13.96
C VAL D 181 -45.73 -20.04 13.72
N SER D 182 -46.11 -21.14 14.36
CA SER D 182 -47.46 -21.69 14.30
C SER D 182 -47.94 -22.05 15.70
N LYS D 183 -49.23 -21.91 15.93
CA LYS D 183 -49.85 -22.44 17.11
C LYS D 183 -50.50 -23.73 16.70
N VAL D 184 -50.18 -24.80 17.38
CA VAL D 184 -50.80 -26.10 17.11
C VAL D 184 -51.68 -26.52 18.27
N ALA D 185 -52.77 -27.23 17.97
CA ALA D 185 -53.74 -27.60 18.99
C ALA D 185 -53.80 -29.10 19.22
N ARG D 186 -53.71 -29.87 18.14
CA ARG D 186 -53.73 -31.32 18.21
C ARG D 186 -52.41 -31.89 17.68
N GLU D 187 -52.11 -33.11 18.07
CA GLU D 187 -50.82 -33.68 17.81
C GLU D 187 -50.66 -34.02 16.37
N GLU D 188 -51.74 -34.24 15.68
CA GLU D 188 -51.61 -34.62 14.29
C GLU D 188 -51.41 -33.39 13.47
N ASP D 189 -51.41 -32.26 14.13
CA ASP D 189 -51.51 -31.01 13.42
C ASP D 189 -50.17 -30.32 13.20
N LEU D 190 -49.16 -30.82 13.90
CA LEU D 190 -47.91 -30.13 14.03
C LEU D 190 -46.71 -30.60 13.21
N GLN D 191 -46.71 -31.87 12.81
CA GLN D 191 -45.53 -32.40 12.21
C GLN D 191 -45.49 -31.47 11.02
N GLY D 192 -46.64 -31.03 10.56
CA GLY D 192 -46.67 -30.22 9.37
C GLY D 192 -46.08 -28.87 9.58
N ALA D 193 -46.32 -28.33 10.76
CA ALA D 193 -45.79 -27.08 11.19
C ALA D 193 -44.31 -27.08 11.24
N VAL D 194 -43.79 -28.15 11.79
CA VAL D 194 -42.34 -28.22 11.98
C VAL D 194 -41.71 -28.07 10.59
N GLU D 195 -42.34 -28.62 9.59
CA GLU D 195 -41.83 -28.51 8.26
C GLU D 195 -41.92 -27.11 7.83
N ALA D 196 -42.93 -26.40 8.30
CA ALA D 196 -43.09 -24.99 7.98
C ALA D 196 -42.01 -24.16 8.65
N ALA D 197 -41.67 -24.51 9.87
CA ALA D 197 -40.64 -23.78 10.61
C ALA D 197 -39.25 -24.09 10.06
N ARG D 198 -39.10 -25.29 9.50
CA ARG D 198 -37.80 -25.71 8.98
C ARG D 198 -37.40 -24.94 7.72
N GLU D 199 -38.33 -24.14 7.20
CA GLU D 199 -38.01 -23.30 6.06
C GLU D 199 -36.93 -22.32 6.47
N TYR D 200 -36.87 -22.04 7.77
CA TYR D 200 -36.11 -20.91 8.30
C TYR D 200 -34.95 -21.33 9.21
N ASP D 201 -35.07 -22.50 9.81
CA ASP D 201 -34.03 -23.03 10.70
C ASP D 201 -34.12 -24.54 10.81
N SER D 202 -33.02 -25.22 10.55
CA SER D 202 -32.97 -26.67 10.72
C SER D 202 -33.14 -27.02 12.19
N LYS D 203 -33.00 -26.04 13.06
CA LYS D 203 -33.25 -26.25 14.48
C LYS D 203 -34.66 -25.76 14.74
N VAL D 204 -35.49 -26.61 15.33
CA VAL D 204 -36.89 -26.26 15.55
C VAL D 204 -37.20 -26.28 17.04
N LEU D 205 -37.92 -25.26 17.49
CA LEU D 205 -38.21 -25.11 18.91
C LEU D 205 -39.70 -25.29 19.18
N ILE D 206 -40.03 -26.06 20.22
CA ILE D 206 -41.42 -26.33 20.58
C ILE D 206 -41.73 -25.89 22.01
N GLU D 207 -42.65 -24.94 22.16
CA GLU D 207 -42.92 -24.37 23.48
C GLU D 207 -44.34 -24.61 23.98
N GLU D 208 -44.48 -24.82 25.27
CA GLU D 208 -45.77 -24.95 25.86
C GLU D 208 -46.37 -23.61 26.00
N ALA D 209 -47.54 -23.39 25.44
CA ALA D 209 -48.21 -22.09 25.41
C ALA D 209 -48.29 -21.41 26.77
N VAL D 210 -47.83 -20.15 26.83
CA VAL D 210 -47.91 -19.34 28.05
C VAL D 210 -49.23 -18.56 28.10
N ILE D 211 -49.93 -18.62 29.24
CA ILE D 211 -51.17 -17.88 29.37
C ILE D 211 -50.98 -16.54 30.06
N GLY D 212 -51.32 -15.46 29.35
CA GLY D 212 -51.28 -14.13 29.93
C GLY D 212 -51.27 -12.97 28.96
N THR D 213 -50.99 -11.78 29.48
CA THR D 213 -50.92 -10.56 28.67
C THR D 213 -49.52 -10.42 28.11
N GLU D 214 -49.44 -10.20 26.80
CA GLU D 214 -48.13 -10.03 26.18
C GLU D 214 -47.62 -8.61 26.36
N ILE D 215 -46.59 -8.49 27.19
CA ILE D 215 -46.04 -7.21 27.56
C ILE D 215 -44.70 -7.03 26.82
N GLY D 216 -44.34 -5.77 26.54
CA GLY D 216 -43.03 -5.50 25.96
C GLY D 216 -42.25 -4.45 26.73
N CYS D 217 -40.92 -4.50 26.64
CA CYS D 217 -40.10 -3.54 27.36
C CYS D 217 -38.87 -3.15 26.56
N ALA D 218 -38.74 -1.87 26.26
CA ALA D 218 -37.57 -1.39 25.53
C ALA D 218 -36.51 -0.99 26.54
N VAL D 219 -35.28 -1.46 26.34
CA VAL D 219 -34.19 -1.17 27.27
C VAL D 219 -33.05 -0.46 26.57
N MET D 220 -32.37 0.39 27.32
CA MET D 220 -31.23 1.10 26.78
C MET D 220 -30.11 1.16 27.82
N GLY D 221 -28.88 1.16 27.34
CA GLY D 221 -27.75 1.44 28.20
C GLY D 221 -26.66 0.40 28.03
N ASN D 222 -25.54 0.66 28.71
CA ASN D 222 -24.45 -0.30 28.77
C ASN D 222 -24.31 -0.85 30.19
N GLY D 223 -24.01 -2.13 30.30
CA GLY D 223 -23.65 -2.71 31.59
C GLY D 223 -24.82 -2.81 32.56
N PRO D 224 -24.60 -2.33 33.79
CA PRO D 224 -25.58 -2.31 34.88
C PRO D 224 -26.48 -1.08 34.87
N GLU D 225 -25.93 0.07 34.43
CA GLU D 225 -26.68 1.30 34.36
C GLU D 225 -27.58 1.31 33.13
N LEU D 226 -28.87 1.06 33.35
CA LEU D 226 -29.83 0.93 32.27
C LEU D 226 -31.11 1.71 32.53
N ILE D 227 -31.71 2.20 31.45
CA ILE D 227 -33.04 2.77 31.50
C ILE D 227 -34.04 2.00 30.66
N THR D 228 -35.33 2.19 30.93
CA THR D 228 -36.33 1.58 30.08
C THR D 228 -37.39 2.59 29.65
N GLY D 229 -38.05 2.30 28.55
CA GLY D 229 -39.15 3.13 28.08
C GLY D 229 -40.41 2.72 28.82
N GLU D 230 -41.57 3.11 28.34
CA GLU D 230 -42.77 2.71 29.00
C GLU D 230 -43.03 1.27 28.67
N VAL D 231 -43.85 0.59 29.44
CA VAL D 231 -44.15 -0.80 29.12
C VAL D 231 -45.29 -0.86 28.10
N ASP D 232 -45.12 -1.63 27.03
CA ASP D 232 -46.22 -1.74 26.08
C ASP D 232 -47.00 -3.04 26.29
N GLN D 233 -48.18 -3.12 25.69
CA GLN D 233 -49.07 -4.24 25.85
C GLN D 233 -49.83 -4.55 24.61
N ILE D 234 -49.66 -5.72 24.07
CA ILE D 234 -50.37 -6.18 22.87
C ILE D 234 -51.86 -6.22 23.20
N THR D 235 -52.62 -5.27 22.68
CA THR D 235 -54.07 -5.32 22.83
C THR D 235 -54.60 -6.53 22.08
N LEU D 236 -55.47 -7.30 22.73
CA LEU D 236 -56.15 -8.41 22.06
C LEU D 236 -57.28 -7.87 21.18
N SER D 251 -49.05 -10.83 12.46
CA SER D 251 -47.72 -11.40 12.46
C SER D 251 -46.77 -10.56 11.61
N GLY D 252 -45.71 -10.05 12.20
CA GLY D 252 -45.27 -10.40 13.53
C GLY D 252 -45.73 -9.50 14.63
N SER D 253 -44.94 -9.31 15.66
CA SER D 253 -45.37 -8.57 16.82
C SER D 253 -45.16 -7.10 16.66
N ASP D 254 -44.02 -6.72 16.14
CA ASP D 254 -43.72 -5.31 15.93
C ASP D 254 -44.85 -4.56 15.24
N ASN D 255 -45.61 -5.31 14.44
CA ASN D 255 -46.70 -4.78 13.63
C ASN D 255 -47.99 -4.68 14.41
N SER D 256 -48.03 -5.29 15.59
CA SER D 256 -49.26 -5.44 16.36
C SER D 256 -49.78 -4.18 17.07
N ALA D 257 -51.07 -4.15 17.32
CA ALA D 257 -51.64 -3.04 17.99
C ALA D 257 -51.31 -3.19 19.42
N VAL D 258 -50.68 -2.20 20.01
CA VAL D 258 -50.37 -2.23 21.41
C VAL D 258 -50.94 -1.03 22.02
N THR D 259 -50.94 -0.99 23.34
CA THR D 259 -51.42 0.10 24.11
C THR D 259 -50.27 0.52 24.98
N VAL D 260 -49.92 1.78 24.99
CA VAL D 260 -48.83 2.24 25.81
C VAL D 260 -49.32 3.43 26.61
N PRO D 261 -49.12 3.52 27.92
CA PRO D 261 -48.53 2.46 28.74
C PRO D 261 -49.51 1.32 29.03
N ALA D 262 -48.98 0.11 29.19
CA ALA D 262 -49.83 -1.06 29.46
C ALA D 262 -50.72 -0.78 30.65
N ASP D 263 -51.95 -1.29 30.60
CA ASP D 263 -52.86 -1.21 31.74
C ASP D 263 -52.37 -2.31 32.67
N ILE D 264 -51.58 -1.92 33.68
CA ILE D 264 -51.09 -2.88 34.65
C ILE D 264 -50.70 -2.13 35.92
N SER D 265 -50.83 -2.81 37.06
CA SER D 265 -50.54 -2.18 38.35
C SER D 265 -49.11 -1.68 38.39
N THR D 266 -48.92 -0.49 38.98
CA THR D 266 -47.58 0.08 39.06
C THR D 266 -46.58 -0.91 39.61
N THR D 267 -47.04 -1.88 40.41
CA THR D 267 -46.16 -2.92 40.90
C THR D 267 -45.85 -3.94 39.80
N SER D 268 -46.85 -4.24 38.97
CA SER D 268 -46.62 -5.13 37.85
C SER D 268 -45.58 -4.53 36.91
N ARG D 269 -45.75 -3.24 36.64
CA ARG D 269 -44.87 -2.53 35.73
C ARG D 269 -43.44 -2.47 36.27
N SER D 270 -43.32 -2.10 37.55
CA SER D 270 -42.01 -2.10 38.20
C SER D 270 -41.34 -3.46 38.00
N LEU D 271 -42.10 -4.53 38.17
CA LEU D 271 -41.60 -5.89 38.02
C LEU D 271 -41.26 -6.20 36.57
N VAL D 272 -42.19 -5.92 35.67
CA VAL D 272 -41.92 -6.08 34.24
C VAL D 272 -40.55 -5.48 33.90
N GLN D 273 -40.41 -4.17 34.09
CA GLN D 273 -39.15 -3.46 33.86
C GLN D 273 -37.95 -4.12 34.55
N ASP D 274 -38.06 -4.36 35.85
CA ASP D 274 -36.92 -4.94 36.57
C ASP D 274 -36.46 -6.27 35.97
N THR D 275 -37.43 -7.07 35.54
CA THR D 275 -37.15 -8.35 34.89
C THR D 275 -36.36 -8.10 33.62
N ALA D 276 -36.91 -7.27 32.73
CA ALA D 276 -36.29 -7.03 31.45
C ALA D 276 -34.82 -6.69 31.69
N LYS D 277 -34.58 -5.71 32.54
CA LYS D 277 -33.21 -5.30 32.84
C LYS D 277 -32.39 -6.49 33.31
N ALA D 278 -32.94 -7.26 34.24
CA ALA D 278 -32.27 -8.45 34.74
C ALA D 278 -31.86 -9.34 33.56
N VAL D 279 -32.80 -9.59 32.65
CA VAL D 279 -32.51 -10.40 31.47
C VAL D 279 -31.44 -9.74 30.62
N TYR D 280 -31.66 -8.46 30.32
CA TYR D 280 -30.67 -7.64 29.64
C TYR D 280 -29.29 -7.90 30.24
N ARG D 281 -29.14 -7.77 31.54
CA ARG D 281 -27.86 -7.91 32.16
C ARG D 281 -27.33 -9.28 32.04
N ALA D 282 -28.17 -10.24 32.32
CA ALA D 282 -27.80 -11.64 32.29
C ALA D 282 -27.25 -12.04 30.93
N LEU D 283 -27.89 -11.58 29.86
CA LEU D 283 -27.48 -11.90 28.50
C LEU D 283 -26.29 -11.10 27.97
N GLY D 284 -25.78 -10.17 28.78
CA GLY D 284 -24.66 -9.32 28.36
C GLY D 284 -24.99 -8.39 27.20
N CYS D 285 -26.23 -7.95 27.16
CA CYS D 285 -26.72 -7.08 26.10
C CYS D 285 -26.07 -5.72 26.24
N ARG D 286 -26.04 -4.96 25.16
CA ARG D 286 -25.40 -3.67 25.17
C ARG D 286 -26.10 -2.72 24.24
N GLY D 287 -26.10 -1.43 24.54
CA GLY D 287 -26.74 -0.45 23.68
C GLY D 287 -28.24 -0.47 23.83
N LEU D 288 -28.90 -1.37 23.10
CA LEU D 288 -30.34 -1.51 23.19
C LEU D 288 -30.86 -2.92 22.92
N SER D 289 -32.06 -3.20 23.42
CA SER D 289 -32.80 -4.42 23.10
C SER D 289 -34.27 -4.19 23.44
N ARG D 290 -35.15 -4.96 22.81
CA ARG D 290 -36.55 -4.91 23.22
C ARG D 290 -36.88 -6.28 23.77
N VAL D 291 -37.24 -6.31 25.05
CA VAL D 291 -37.65 -7.54 25.72
C VAL D 291 -39.16 -7.76 25.63
N ASP D 292 -39.53 -8.91 25.09
CA ASP D 292 -40.91 -9.36 25.02
C ASP D 292 -41.19 -10.29 26.21
N LEU D 293 -42.27 -10.03 26.94
CA LEU D 293 -42.58 -10.84 28.11
C LEU D 293 -44.00 -11.38 28.11
N PHE D 294 -44.33 -12.17 29.12
CA PHE D 294 -45.69 -12.60 29.40
C PHE D 294 -45.98 -12.30 30.85
N LEU D 295 -47.04 -11.58 31.12
CA LEU D 295 -47.53 -11.35 32.48
C LEU D 295 -48.73 -12.24 32.75
N THR D 296 -48.55 -13.21 33.65
CA THR D 296 -49.61 -14.17 33.97
C THR D 296 -50.66 -13.58 34.88
N GLU D 297 -51.87 -14.15 34.83
CA GLU D 297 -52.93 -13.73 35.74
C GLU D 297 -52.35 -13.66 37.16
N ASP D 298 -51.59 -14.69 37.52
CA ASP D 298 -50.98 -14.80 38.86
C ASP D 298 -49.97 -13.68 39.17
N GLY D 299 -49.78 -12.77 38.23
CA GLY D 299 -48.93 -11.59 38.43
C GLY D 299 -47.45 -11.88 38.26
N LYS D 300 -47.15 -13.11 37.87
CA LYS D 300 -45.77 -13.56 37.66
C LYS D 300 -45.31 -13.29 36.22
N VAL D 301 -43.99 -13.23 36.00
CA VAL D 301 -43.44 -12.83 34.71
C VAL D 301 -42.58 -13.88 34.00
N VAL D 302 -42.85 -14.11 32.72
CA VAL D 302 -42.11 -15.10 31.93
C VAL D 302 -41.45 -14.41 30.76
N LEU D 303 -40.25 -14.85 30.40
CA LEU D 303 -39.59 -14.29 29.22
C LEU D 303 -40.16 -14.86 27.94
N ASN D 304 -40.31 -14.03 26.92
CA ASN D 304 -40.61 -14.45 25.57
C ASN D 304 -39.36 -14.52 24.77
N GLU D 305 -38.74 -13.38 24.58
CA GLU D 305 -37.73 -13.22 23.55
C GLU D 305 -36.81 -12.08 23.99
N VAL D 306 -35.60 -12.00 23.46
CA VAL D 306 -34.91 -10.73 23.49
C VAL D 306 -34.70 -10.36 22.02
N ASN D 307 -35.18 -9.19 21.63
CA ASN D 307 -34.91 -8.65 20.30
C ASN D 307 -33.77 -7.64 20.41
N THR D 308 -32.57 -7.99 19.94
CA THR D 308 -31.41 -7.15 20.17
C THR D 308 -31.35 -5.91 19.28
N PHE D 309 -31.66 -6.06 18.00
CA PHE D 309 -31.91 -4.86 17.21
C PHE D 309 -33.32 -4.88 16.68
N PRO D 310 -34.27 -4.41 17.51
CA PRO D 310 -35.70 -4.48 17.20
C PRO D 310 -36.06 -3.51 16.10
N GLY D 311 -37.28 -3.58 15.61
CA GLY D 311 -37.73 -2.69 14.54
C GLY D 311 -37.78 -1.24 14.97
N MET D 312 -37.19 -0.38 14.15
CA MET D 312 -37.16 1.07 14.43
C MET D 312 -38.02 1.81 13.43
N THR D 313 -39.03 1.12 12.89
CA THR D 313 -39.94 1.70 11.92
C THR D 313 -40.92 2.69 12.56
N SER D 314 -41.67 3.41 11.74
CA SER D 314 -42.63 4.40 12.21
C SER D 314 -43.81 3.75 12.95
N TYR D 315 -44.00 2.45 12.76
CA TYR D 315 -45.05 1.74 13.47
C TYR D 315 -44.46 0.81 14.53
N SER D 316 -43.14 0.85 14.69
CA SER D 316 -42.41 -0.07 15.57
C SER D 316 -42.54 0.18 17.07
N ARG D 317 -42.47 -0.91 17.83
CA ARG D 317 -42.75 -0.90 19.26
C ARG D 317 -41.69 -0.17 20.08
N TYR D 318 -40.44 -0.51 19.84
CA TYR D 318 -39.34 0.10 20.54
C TYR D 318 -39.38 1.61 20.53
N PRO D 319 -39.49 2.24 19.37
CA PRO D 319 -39.64 3.67 19.33
C PRO D 319 -40.84 4.16 20.15
N ARG D 320 -41.99 3.62 19.89
CA ARG D 320 -43.15 4.04 20.61
C ARG D 320 -42.91 4.03 22.06
N MET D 321 -42.23 3.03 22.55
CA MET D 321 -42.03 2.86 23.98
C MET D 321 -41.12 3.89 24.60
N MET D 322 -40.14 4.34 23.82
CA MET D 322 -39.21 5.37 24.29
C MET D 322 -39.82 6.77 24.23
N THR D 323 -40.40 7.14 23.10
CA THR D 323 -40.94 8.50 22.98
C THR D 323 -42.06 8.73 23.98
N ALA D 324 -42.71 7.65 24.41
CA ALA D 324 -43.79 7.73 25.38
C ALA D 324 -43.25 7.93 26.79
N ALA D 325 -41.94 7.79 26.91
CA ALA D 325 -41.22 8.01 28.16
C ALA D 325 -40.35 9.26 28.05
N GLY D 326 -40.48 9.98 26.94
CA GLY D 326 -39.87 11.30 26.79
C GLY D 326 -38.54 11.29 26.07
N LEU D 327 -38.27 10.25 25.30
CA LEU D 327 -37.03 10.20 24.52
C LEU D 327 -37.34 10.09 23.03
N SER D 328 -37.29 11.24 22.35
CA SER D 328 -37.61 11.33 20.93
C SER D 328 -36.78 10.35 20.12
N ARG D 329 -37.25 10.02 18.92
CA ARG D 329 -36.44 9.21 18.04
C ARG D 329 -35.06 9.82 17.93
N ALA D 330 -34.97 11.14 17.95
CA ALA D 330 -33.68 11.82 17.84
C ALA D 330 -32.80 11.69 19.08
N ASP D 331 -33.40 11.54 20.24
CA ASP D 331 -32.62 11.32 21.44
C ASP D 331 -32.16 9.91 21.60
N VAL D 332 -32.93 8.96 21.13
CA VAL D 332 -32.48 7.57 21.13
C VAL D 332 -31.23 7.46 20.26
N ILE D 333 -31.26 8.01 19.05
CA ILE D 333 -30.10 7.87 18.20
C ILE D 333 -28.89 8.52 18.85
N ASP D 334 -29.02 9.73 19.32
CA ASP D 334 -27.91 10.34 19.99
C ASP D 334 -27.41 9.39 21.01
N ARG D 335 -28.26 9.05 21.95
CA ARG D 335 -27.84 8.31 23.13
C ARG D 335 -27.25 6.93 22.82
N LEU D 336 -27.70 6.32 21.73
CA LEU D 336 -27.14 5.04 21.29
C LEU D 336 -25.75 5.25 20.71
N VAL D 337 -25.54 6.42 20.12
CA VAL D 337 -24.26 6.73 19.49
C VAL D 337 -23.21 6.89 20.58
N SER D 338 -23.51 7.75 21.55
CA SER D 338 -22.55 8.05 22.61
C SER D 338 -22.23 6.80 23.42
N LEU D 339 -23.24 5.96 23.59
CA LEU D 339 -23.05 4.67 24.23
C LEU D 339 -22.05 3.81 23.45
N ALA D 340 -22.18 3.75 22.13
CA ALA D 340 -21.32 2.88 21.36
C ALA D 340 -19.88 3.34 21.49
N LEU D 341 -19.68 4.66 21.52
CA LEU D 341 -18.34 5.25 21.63
C LEU D 341 -17.88 5.31 23.07
N ALA D 342 -18.70 4.83 23.98
CA ALA D 342 -18.32 4.80 25.37
C ALA D 342 -17.41 3.60 25.59
N GLY D 343 -16.71 3.18 24.55
CA GLY D 343 -15.82 2.04 24.64
C GLY D 343 -15.78 1.45 26.03
N SER E 2 -6.01 -9.04 25.12
CA SER E 2 -5.64 -7.99 26.03
C SER E 2 -5.53 -6.70 25.26
N HIS E 3 -5.62 -5.57 25.93
CA HIS E 3 -5.41 -4.29 25.27
C HIS E 3 -3.93 -4.24 24.91
N MET E 4 -3.54 -3.30 24.06
CA MET E 4 -2.14 -3.06 23.74
C MET E 4 -1.52 -2.25 24.82
N LYS E 5 -0.44 -2.72 25.38
CA LYS E 5 0.17 -1.91 26.38
C LYS E 5 1.19 -1.06 25.71
N ILE E 6 1.02 0.24 25.86
CA ILE E 6 1.92 1.23 25.28
C ILE E 6 2.50 2.12 26.38
N GLY E 7 3.83 2.14 26.45
CA GLY E 7 4.49 3.04 27.38
C GLY E 7 4.62 4.40 26.72
N ILE E 8 4.00 5.41 27.33
CA ILE E 8 4.07 6.77 26.82
C ILE E 8 4.93 7.59 27.77
N ILE E 9 6.20 7.80 27.38
CA ILE E 9 7.13 8.53 28.23
C ILE E 9 7.05 10.03 27.98
N PHE E 10 7.21 10.85 29.02
CA PHE E 10 7.07 12.31 28.87
C PHE E 10 7.75 13.09 30.00
N GLY E 11 7.89 14.40 29.77
CA GLY E 11 8.54 15.27 30.74
C GLY E 11 9.97 15.49 30.31
N GLY E 12 10.92 14.87 31.02
CA GLY E 12 12.33 14.95 30.63
C GLY E 12 13.15 16.00 31.36
N VAL E 13 14.46 15.77 31.40
CA VAL E 13 15.39 16.77 31.90
C VAL E 13 15.91 17.55 30.70
N SER E 14 15.02 18.44 30.23
CA SER E 14 15.20 19.15 28.98
C SER E 14 14.58 20.54 29.16
N GLU E 15 14.96 21.47 28.33
CA GLU E 15 14.40 22.80 28.44
C GLU E 15 12.97 22.75 28.03
N GLU E 16 12.66 21.81 27.17
CA GLU E 16 11.34 21.70 26.53
C GLU E 16 10.40 20.79 27.30
N HIS E 17 10.74 20.54 28.56
CA HIS E 17 9.97 19.66 29.45
C HIS E 17 8.49 20.02 29.44
N ASP E 18 8.18 21.32 29.51
CA ASP E 18 6.79 21.73 29.63
C ASP E 18 5.99 21.46 28.37
N ILE E 19 6.65 21.47 27.24
CA ILE E 19 6.00 21.19 26.00
C ILE E 19 5.80 19.70 25.86
N SER E 20 6.80 18.93 26.21
CA SER E 20 6.66 17.49 26.23
C SER E 20 5.37 17.08 26.95
N VAL E 21 5.11 17.71 28.08
CA VAL E 21 3.94 17.41 28.89
C VAL E 21 2.63 17.76 28.19
N LYS E 22 2.62 18.89 27.47
CA LYS E 22 1.46 19.31 26.69
C LYS E 22 1.21 18.45 25.46
N SER E 23 2.30 18.00 24.82
CA SER E 23 2.20 17.05 23.73
C SER E 23 1.62 15.75 24.26
N ALA E 24 2.22 15.24 25.33
CA ALA E 24 1.75 13.99 25.92
C ALA E 24 0.29 14.10 26.31
N ARG E 25 -0.10 15.25 26.79
CA ARG E 25 -1.49 15.53 27.08
C ARG E 25 -2.35 15.28 25.86
N GLU E 26 -2.03 15.93 24.77
CA GLU E 26 -2.76 15.72 23.53
C GLU E 26 -2.80 14.24 23.13
N VAL E 27 -1.63 13.66 22.91
CA VAL E 27 -1.54 12.25 22.54
C VAL E 27 -2.47 11.42 23.42
N ALA E 28 -2.52 11.76 24.70
CA ALA E 28 -3.35 11.03 25.65
C ALA E 28 -4.84 11.06 25.32
N THR E 29 -5.36 12.24 24.97
CA THR E 29 -6.78 12.37 24.67
C THR E 29 -7.18 11.63 23.38
N HIS E 30 -6.20 11.27 22.57
CA HIS E 30 -6.50 10.73 21.24
C HIS E 30 -6.21 9.24 21.02
N LEU E 31 -5.97 8.52 22.10
CA LEU E 31 -5.95 7.05 22.07
C LEU E 31 -7.29 6.56 22.61
N GLY E 32 -8.07 5.91 21.75
CA GLY E 32 -9.46 5.58 22.09
C GLY E 32 -9.68 4.42 23.05
N THR E 33 -10.91 4.26 23.49
CA THR E 33 -11.26 3.33 24.58
C THR E 33 -10.50 2.00 24.66
N GLY E 34 -10.72 1.13 23.68
CA GLY E 34 -10.44 -0.29 23.76
C GLY E 34 -8.97 -0.51 23.43
N VAL E 35 -8.51 -0.01 22.29
CA VAL E 35 -7.21 -0.41 21.77
C VAL E 35 -5.97 -0.49 22.64
N PHE E 36 -5.77 0.52 23.48
CA PHE E 36 -4.55 0.66 24.25
C PHE E 36 -4.74 0.68 25.76
N GLU E 37 -3.84 0.00 26.48
CA GLU E 37 -3.67 0.27 27.91
C GLU E 37 -2.42 1.12 27.99
N PRO E 38 -2.59 2.39 28.38
CA PRO E 38 -1.48 3.32 28.40
C PRO E 38 -0.77 3.33 29.74
N PHE E 39 0.56 3.46 29.69
CA PHE E 39 1.38 3.61 30.89
C PHE E 39 2.12 4.93 30.81
N TYR E 40 1.74 5.87 31.68
CA TYR E 40 2.33 7.20 31.61
C TYR E 40 3.58 7.36 32.47
N LEU E 41 4.73 7.24 31.83
CA LEU E 41 6.01 7.47 32.49
C LEU E 41 6.45 8.93 32.42
N GLY E 42 6.34 9.62 33.54
CA GLY E 42 6.78 11.00 33.62
C GLY E 42 8.15 11.12 34.25
N ILE E 43 9.11 11.65 33.48
CA ILE E 43 10.40 11.99 34.05
C ILE E 43 10.29 13.43 34.57
N THR E 44 10.59 13.64 35.84
CA THR E 44 10.47 14.97 36.45
C THR E 44 11.61 15.88 35.99
N LYS E 45 11.52 17.17 36.24
CA LYS E 45 12.52 18.07 35.67
C LYS E 45 13.91 17.69 36.15
N SER E 46 13.98 16.92 37.23
CA SER E 46 15.24 16.60 37.88
C SER E 46 15.73 15.17 37.61
N GLY E 47 15.07 14.49 36.67
CA GLY E 47 15.52 13.17 36.23
C GLY E 47 14.98 11.99 37.00
N ALA E 48 13.90 12.19 37.77
CA ALA E 48 13.26 11.08 38.46
C ALA E 48 12.08 10.53 37.66
N TRP E 49 12.04 9.21 37.52
CA TRP E 49 11.02 8.51 36.76
C TRP E 49 9.84 8.09 37.63
N GLN E 50 8.63 8.27 37.12
CA GLN E 50 7.42 7.91 37.87
C GLN E 50 6.27 7.47 37.00
N LEU E 51 5.57 6.45 37.44
CA LEU E 51 4.36 6.02 36.75
C LEU E 51 3.18 6.74 37.36
N CYS E 52 2.45 7.50 36.53
CA CYS E 52 1.37 8.35 37.02
C CYS E 52 0.07 8.11 36.28
N ASP E 53 -0.97 8.84 36.68
CA ASP E 53 -2.30 8.67 36.10
C ASP E 53 -2.44 9.29 34.73
N GLY E 54 -1.59 10.27 34.42
CA GLY E 54 -1.64 10.93 33.12
C GLY E 54 -0.77 12.16 33.03
N PRO E 55 -0.41 12.56 31.80
CA PRO E 55 0.37 13.78 31.60
C PRO E 55 -0.52 14.99 31.83
N GLY E 56 0.03 16.18 31.70
CA GLY E 56 -0.71 17.40 32.06
C GLY E 56 -0.34 17.80 33.47
N GLU E 57 -0.39 19.09 33.76
CA GLU E 57 0.11 19.57 35.04
C GLU E 57 -1.03 19.65 36.07
N ASN E 58 -0.71 19.45 37.34
CA ASN E 58 0.63 19.07 37.75
C ASN E 58 0.62 17.56 37.98
N TRP E 59 1.16 16.82 37.01
CA TRP E 59 1.14 15.36 37.10
C TRP E 59 1.93 14.90 38.32
N GLU E 60 3.08 15.53 38.58
CA GLU E 60 3.95 15.15 39.70
C GLU E 60 3.22 15.09 41.04
N ASP E 61 2.46 16.14 41.34
CA ASP E 61 1.66 16.21 42.55
C ASP E 61 0.38 15.39 42.39
N GLY E 62 0.35 14.56 41.36
CA GLY E 62 -0.75 13.61 41.18
C GLY E 62 -0.48 12.39 42.04
N ASN E 63 -0.76 11.21 41.49
CA ASN E 63 -0.44 9.95 42.15
C ASN E 63 0.70 9.24 41.44
N CYS E 64 1.87 9.17 42.06
CA CYS E 64 3.05 8.69 41.35
C CYS E 64 3.76 7.55 42.06
N ARG E 65 4.05 6.48 41.33
CA ARG E 65 4.81 5.36 41.86
C ARG E 65 6.12 5.31 41.09
N PRO E 66 7.26 5.19 41.78
CA PRO E 66 8.52 5.15 41.05
C PRO E 66 8.53 3.99 40.07
N ALA E 67 9.27 4.13 38.96
CA ALA E 67 9.31 3.06 37.97
C ALA E 67 10.26 3.42 36.84
N VAL E 68 10.95 2.44 36.28
CA VAL E 68 11.85 2.75 35.16
C VAL E 68 11.61 1.84 33.97
N LEU E 69 11.98 2.31 32.80
CA LEU E 69 12.09 1.40 31.67
C LEU E 69 13.38 0.63 31.94
N SER E 70 13.34 -0.69 31.79
CA SER E 70 14.50 -1.52 32.06
C SER E 70 15.26 -1.85 30.79
N PRO E 71 16.60 -1.73 30.83
CA PRO E 71 17.40 -2.10 29.68
C PRO E 71 17.36 -3.61 29.45
N ASP E 72 16.88 -4.34 30.45
CA ASP E 72 16.89 -5.81 30.41
C ASP E 72 15.83 -6.35 29.46
N ARG E 73 16.25 -7.21 28.54
CA ARG E 73 15.34 -7.72 27.49
C ARG E 73 14.43 -8.84 27.99
N SER E 74 14.83 -9.53 29.05
CA SER E 74 13.95 -10.52 29.62
C SER E 74 12.67 -9.85 30.11
N VAL E 75 12.78 -8.59 30.51
CA VAL E 75 11.66 -7.84 31.09
C VAL E 75 10.75 -7.24 30.01
N HIS E 76 11.36 -6.56 29.06
CA HIS E 76 10.65 -6.06 27.89
C HIS E 76 9.54 -5.09 28.29
N GLY E 77 9.87 -4.15 29.18
CA GLY E 77 8.90 -3.19 29.65
C GLY E 77 9.38 -2.48 30.91
N LEU E 78 8.55 -2.47 31.95
CA LEU E 78 8.80 -1.60 33.09
C LEU E 78 9.02 -2.37 34.39
N LEU E 79 9.98 -1.90 35.18
CA LEU E 79 10.06 -2.28 36.58
C LEU E 79 9.27 -1.22 37.34
N VAL E 80 8.46 -1.64 38.30
CA VAL E 80 7.72 -0.73 39.17
C VAL E 80 8.25 -0.86 40.59
N LEU E 81 8.63 0.25 41.21
CA LEU E 81 9.41 0.19 42.44
C LEU E 81 8.71 0.80 43.65
N GLU E 82 8.14 -0.07 44.48
CA GLU E 82 7.42 0.37 45.68
C GLU E 82 7.77 -0.51 46.88
N GLN E 83 8.12 0.12 47.99
CA GLN E 83 8.47 -0.59 49.21
C GLN E 83 9.58 -1.64 49.10
N GLY E 84 10.61 -1.40 48.34
CA GLY E 84 11.72 -2.34 48.37
C GLY E 84 11.35 -3.66 47.76
N LYS E 85 10.16 -3.76 47.24
CA LYS E 85 9.65 -4.83 46.39
C LYS E 85 9.36 -4.26 45.00
N TYR E 86 9.70 -5.03 43.97
CA TYR E 86 9.49 -4.60 42.60
C TYR E 86 8.57 -5.55 41.83
N GLU E 87 7.90 -5.01 40.83
CA GLU E 87 7.04 -5.79 39.97
C GLU E 87 7.27 -5.35 38.54
N THR E 88 7.15 -6.28 37.59
CA THR E 88 7.43 -5.95 36.20
C THR E 88 6.17 -5.92 35.37
N ILE E 89 6.03 -4.89 34.54
CA ILE E 89 4.99 -4.80 33.54
C ILE E 89 5.63 -4.88 32.16
N ARG E 90 5.24 -5.88 31.38
CA ARG E 90 5.76 -6.05 30.03
C ARG E 90 4.99 -5.14 29.08
N LEU E 91 5.72 -4.40 28.24
CA LEU E 91 5.11 -3.46 27.31
C LEU E 91 5.24 -4.00 25.90
N ASP E 92 4.38 -3.54 25.01
CA ASP E 92 4.38 -3.99 23.62
C ASP E 92 5.02 -2.95 22.73
N LEU E 93 5.29 -1.78 23.30
CA LEU E 93 5.55 -0.60 22.49
C LEU E 93 5.90 0.58 23.39
N VAL E 94 6.84 1.44 23.00
CA VAL E 94 7.04 2.70 23.71
C VAL E 94 6.83 3.90 22.79
N LEU E 95 6.16 4.93 23.30
CA LEU E 95 5.98 6.17 22.55
C LEU E 95 6.74 7.25 23.29
N PRO E 96 7.94 7.62 22.80
CA PRO E 96 8.76 8.61 23.48
C PRO E 96 8.33 10.04 23.14
N VAL E 97 7.33 10.54 23.85
CA VAL E 97 6.84 11.89 23.62
C VAL E 97 7.81 12.85 24.31
N LEU E 98 9.08 12.79 23.91
CA LEU E 98 10.10 13.62 24.52
C LEU E 98 10.72 14.59 23.52
N HIS E 99 10.78 15.86 23.88
CA HIS E 99 11.37 16.91 23.04
C HIS E 99 12.74 17.34 23.56
N GLY E 100 13.57 17.88 22.67
CA GLY E 100 14.83 18.49 23.06
C GLY E 100 15.86 17.54 23.65
N LYS E 101 16.63 18.06 24.61
CA LYS E 101 17.74 17.31 25.21
C LYS E 101 17.35 15.97 25.83
N LEU E 102 18.23 14.97 25.68
CA LEU E 102 17.98 13.60 26.14
C LEU E 102 16.69 12.97 25.59
N GLY E 103 16.05 13.62 24.63
CA GLY E 103 14.81 13.09 24.10
C GLY E 103 14.76 13.00 22.58
N GLU E 104 15.63 13.77 21.95
CA GLU E 104 15.67 13.86 20.49
C GLU E 104 17.10 13.65 20.03
N ASP E 105 17.98 13.35 20.99
CA ASP E 105 19.41 13.31 20.73
C ASP E 105 19.93 11.88 20.86
N GLY E 106 19.00 10.93 20.89
CA GLY E 106 19.35 9.52 20.89
C GLY E 106 19.46 8.89 22.26
N ALA E 107 19.51 9.72 23.29
CA ALA E 107 19.64 9.26 24.68
C ALA E 107 18.55 8.24 25.03
N ILE E 108 17.30 8.65 24.91
CA ILE E 108 16.18 7.82 25.32
C ILE E 108 15.98 6.63 24.37
N GLN E 109 16.43 6.79 23.13
CA GLN E 109 16.41 5.68 22.17
C GLN E 109 17.54 4.69 22.45
N GLY E 110 18.61 5.19 23.07
CA GLY E 110 19.68 4.34 23.55
C GLY E 110 19.14 3.32 24.52
N LEU E 111 18.45 3.79 25.56
CA LEU E 111 17.82 2.92 26.53
C LEU E 111 16.79 2.03 25.85
N LEU E 112 16.11 2.56 24.85
CA LEU E 112 15.10 1.78 24.16
C LEU E 112 15.74 0.62 23.41
N GLU E 113 16.80 0.93 22.66
CA GLU E 113 17.47 -0.08 21.86
C GLU E 113 17.95 -1.22 22.75
N LEU E 114 18.41 -0.86 23.94
CA LEU E 114 18.88 -1.86 24.88
C LEU E 114 17.74 -2.80 25.23
N SER E 115 16.57 -2.23 25.54
CA SER E 115 15.41 -3.01 25.97
C SER E 115 14.91 -3.92 24.86
N GLY E 116 15.23 -3.57 23.62
CA GLY E 116 14.77 -4.35 22.47
C GLY E 116 13.28 -4.21 22.29
N ILE E 117 12.69 -3.20 22.93
CA ILE E 117 11.27 -2.89 22.73
C ILE E 117 11.02 -2.01 21.53
N PRO E 118 10.02 -2.36 20.69
CA PRO E 118 9.59 -1.50 19.59
C PRO E 118 9.22 -0.11 20.08
N TYR E 119 9.65 0.92 19.36
CA TYR E 119 9.32 2.27 19.76
C TYR E 119 9.04 3.20 18.57
N VAL E 120 8.18 4.18 18.79
CA VAL E 120 7.83 5.11 17.74
C VAL E 120 8.96 6.11 17.52
N GLY E 121 9.20 6.47 16.26
CA GLY E 121 10.10 7.57 15.94
C GLY E 121 11.48 7.20 15.40
N CYS E 122 12.41 8.14 15.53
CA CYS E 122 13.75 7.98 14.97
C CYS E 122 14.74 7.26 15.87
N ASP E 123 15.62 6.47 15.27
CA ASP E 123 16.65 5.74 16.01
C ASP E 123 17.75 6.66 16.55
N ILE E 124 18.75 6.07 17.18
CA ILE E 124 19.87 6.81 17.76
C ILE E 124 20.65 7.60 16.73
N GLN E 125 20.81 7.04 15.55
CA GLN E 125 21.69 7.65 14.56
C GLN E 125 21.04 8.88 13.94
N SER E 126 19.84 8.71 13.37
CA SER E 126 19.13 9.83 12.77
C SER E 126 18.81 10.89 13.83
N SER E 127 18.45 10.43 15.03
CA SER E 127 18.25 11.34 16.15
C SER E 127 19.43 12.28 16.35
N ALA E 128 20.63 11.71 16.45
CA ALA E 128 21.83 12.51 16.71
C ALA E 128 22.07 13.52 15.59
N LEU E 129 22.12 13.01 14.37
CA LEU E 129 22.34 13.81 13.15
C LEU E 129 21.35 14.96 12.96
N CYS E 130 20.14 14.81 13.49
CA CYS E 130 19.13 15.85 13.37
C CYS E 130 19.23 16.85 14.52
N MET E 131 19.77 16.42 15.64
CA MET E 131 19.93 17.29 16.76
C MET E 131 21.02 18.28 16.59
N ASP E 132 22.17 17.83 16.14
CA ASP E 132 23.26 18.74 15.80
C ASP E 132 23.00 19.29 14.40
N LYS E 133 22.57 20.52 14.33
CA LYS E 133 22.22 21.09 13.08
C LYS E 133 23.28 20.90 12.11
N SER E 134 24.50 21.19 12.52
CA SER E 134 25.69 21.20 11.67
C SER E 134 25.95 19.82 11.07
N LEU E 135 25.55 18.76 11.78
CA LEU E 135 25.63 17.43 11.21
C LEU E 135 24.54 17.22 10.18
N THR E 136 23.40 17.90 10.37
CA THR E 136 22.31 17.74 9.42
C THR E 136 22.66 18.42 8.10
N TYR E 137 23.37 19.54 8.19
CA TYR E 137 23.79 20.23 6.98
C TYR E 137 24.77 19.38 6.20
N LEU E 138 25.74 18.79 6.90
CA LEU E 138 26.72 17.94 6.26
C LEU E 138 26.01 16.80 5.52
N VAL E 139 25.03 16.21 6.16
CA VAL E 139 24.35 15.06 5.54
C VAL E 139 23.49 15.50 4.37
N ALA E 140 22.78 16.61 4.54
CA ALA E 140 21.90 17.15 3.50
C ALA E 140 22.70 17.55 2.27
N ARG E 141 23.95 17.97 2.49
CA ARG E 141 24.82 18.37 1.39
C ARG E 141 25.21 17.17 0.55
N SER E 142 25.53 16.06 1.21
CA SER E 142 25.91 14.87 0.47
C SER E 142 24.71 14.24 -0.22
N ALA E 143 23.52 14.77 0.01
CA ALA E 143 22.35 14.33 -0.73
C ALA E 143 21.93 15.42 -1.69
N GLY E 144 22.82 16.41 -1.86
CA GLY E 144 22.61 17.48 -2.82
C GLY E 144 21.48 18.40 -2.45
N ILE E 145 21.29 18.61 -1.15
CA ILE E 145 20.26 19.50 -0.66
C ILE E 145 20.90 20.79 -0.17
N ALA E 146 20.35 21.93 -0.57
CA ALA E 146 20.92 23.21 -0.15
C ALA E 146 20.77 23.45 1.34
N THR E 147 21.83 23.99 1.94
CA THR E 147 21.80 24.45 3.34
C THR E 147 22.34 25.87 3.41
N PRO E 148 22.12 26.56 4.54
CA PRO E 148 22.67 27.91 4.63
C PRO E 148 24.19 27.85 4.56
N ASN E 149 24.84 28.97 4.75
CA ASN E 149 26.23 28.93 5.01
C ASN E 149 26.34 29.07 6.49
N PHE E 150 27.09 28.19 7.12
CA PHE E 150 27.26 28.25 8.56
C PHE E 150 28.72 28.26 8.95
N TRP E 151 28.95 28.38 10.26
CA TRP E 151 30.27 28.21 10.84
C TRP E 151 30.02 27.63 12.22
N THR E 152 30.93 26.78 12.70
CA THR E 152 30.84 26.25 14.06
C THR E 152 31.92 26.82 14.97
N VAL E 153 31.58 27.01 16.24
CA VAL E 153 32.54 27.46 17.25
C VAL E 153 32.41 26.63 18.54
N THR E 154 33.55 26.11 18.97
CA THR E 154 33.72 25.37 20.19
C THR E 154 34.52 26.15 21.19
N ALA E 155 34.34 25.80 22.45
CA ALA E 155 34.81 26.65 23.51
C ALA E 155 36.21 26.99 23.16
N ASP E 156 36.77 26.14 22.32
CA ASP E 156 38.14 26.21 21.91
C ASP E 156 38.37 27.28 20.89
N GLU E 157 37.59 27.22 19.82
CA GLU E 157 37.80 28.06 18.67
C GLU E 157 37.40 29.50 18.96
N LYS E 158 37.99 30.39 18.17
CA LYS E 158 37.72 31.83 18.13
C LYS E 158 36.71 32.18 17.05
N ILE E 159 35.82 33.13 17.35
CA ILE E 159 34.75 33.53 16.43
C ILE E 159 35.32 34.23 15.19
N PRO E 160 35.19 33.59 14.01
CA PRO E 160 35.80 34.09 12.78
C PRO E 160 34.93 35.19 12.18
N THR E 161 35.04 36.38 12.76
CA THR E 161 34.15 37.48 12.42
C THR E 161 34.40 38.05 11.03
N ASP E 162 35.52 37.67 10.42
CA ASP E 162 35.96 38.25 9.16
C ASP E 162 35.24 37.74 7.91
N GLN E 163 35.06 36.42 7.84
CA GLN E 163 34.38 35.78 6.71
C GLN E 163 32.98 36.41 6.67
N LEU E 164 32.45 36.77 7.85
CA LEU E 164 31.03 37.08 8.01
C LEU E 164 30.29 38.23 7.36
N THR E 165 29.04 37.98 6.95
CA THR E 165 28.17 39.01 6.34
C THR E 165 26.81 39.09 7.02
N TYR E 166 26.53 40.20 7.69
CA TYR E 166 25.27 40.37 8.42
C TYR E 166 24.13 40.74 7.47
N PRO E 167 22.89 40.35 7.83
CA PRO E 167 22.50 39.72 9.09
C PRO E 167 22.84 38.24 9.19
N VAL E 168 23.19 37.82 10.41
CA VAL E 168 23.57 36.44 10.72
C VAL E 168 22.66 35.90 11.82
N PHE E 169 22.49 34.59 11.84
CA PHE E 169 21.74 33.92 12.90
C PHE E 169 22.70 33.07 13.72
N VAL E 170 22.58 33.15 15.04
CA VAL E 170 23.44 32.42 15.94
C VAL E 170 22.53 31.46 16.70
N LYS E 171 23.05 30.29 17.04
CA LYS E 171 22.21 29.31 17.73
C LYS E 171 23.08 28.24 18.38
N PRO E 172 22.52 27.55 19.38
CA PRO E 172 23.14 26.31 19.83
C PRO E 172 23.08 25.31 18.69
N ALA E 173 24.17 24.59 18.48
CA ALA E 173 24.24 23.52 17.48
C ALA E 173 23.21 22.45 17.76
N ARG E 174 22.92 22.23 19.04
CA ARG E 174 21.94 21.23 19.43
C ARG E 174 20.93 21.82 20.41
N SER E 175 19.91 22.50 19.89
CA SER E 175 18.75 22.83 20.71
C SER E 175 17.49 22.85 19.87
N GLY E 176 16.40 23.36 20.44
CA GLY E 176 15.13 23.47 19.74
C GLY E 176 14.24 24.49 20.41
N SER E 177 13.12 24.81 19.77
CA SER E 177 12.13 25.73 20.36
C SER E 177 12.74 27.12 20.45
N SER E 178 13.61 27.44 19.48
CA SER E 178 14.33 28.70 19.44
C SER E 178 15.01 29.11 20.74
N PHE E 179 15.44 28.14 21.54
CA PHE E 179 16.24 28.42 22.71
C PHE E 179 17.64 28.81 22.29
N GLY E 180 18.12 29.94 22.79
CA GLY E 180 19.47 30.42 22.49
C GLY E 180 19.67 31.01 21.11
N VAL E 181 18.65 30.96 20.27
CA VAL E 181 18.76 31.55 18.93
C VAL E 181 18.58 33.07 18.92
N SER E 182 19.49 33.76 18.24
CA SER E 182 19.50 35.22 18.17
C SER E 182 19.77 35.72 16.75
N LYS E 183 19.16 36.84 16.38
CA LYS E 183 19.43 37.44 15.09
C LYS E 183 20.31 38.67 15.24
N VAL E 184 21.55 38.59 14.76
CA VAL E 184 22.52 39.67 14.93
C VAL E 184 22.64 40.49 13.66
N ALA E 185 22.90 41.80 13.81
CA ALA E 185 23.00 42.69 12.66
C ALA E 185 24.29 43.50 12.63
N ARG E 186 24.98 43.59 13.76
CA ARG E 186 26.23 44.34 13.82
C ARG E 186 27.27 43.46 14.52
N GLU E 187 28.55 43.69 14.25
CA GLU E 187 29.58 42.82 14.80
C GLU E 187 29.53 42.89 16.32
N GLU E 188 28.90 43.97 16.76
CA GLU E 188 28.82 44.36 18.15
C GLU E 188 28.02 43.38 18.93
N ASP E 189 27.09 42.77 18.24
CA ASP E 189 26.10 41.99 18.89
C ASP E 189 26.44 40.53 18.98
N LEU E 190 27.42 40.13 18.20
CA LEU E 190 27.91 38.78 18.23
C LEU E 190 28.27 38.29 19.61
N GLN E 191 29.30 38.83 20.19
CA GLN E 191 29.84 38.28 21.40
C GLN E 191 28.79 37.82 22.37
N GLY E 192 27.73 38.57 22.51
CA GLY E 192 26.68 38.30 23.48
C GLY E 192 25.65 37.28 23.02
N ALA E 193 25.44 37.21 21.72
CA ALA E 193 24.53 36.24 21.11
C ALA E 193 25.16 34.85 21.13
N VAL E 194 26.48 34.83 20.99
CA VAL E 194 27.22 33.60 21.20
C VAL E 194 26.93 33.15 22.64
N GLU E 195 27.35 33.91 23.62
CA GLU E 195 27.11 33.55 24.99
C GLU E 195 25.71 33.06 25.28
N ALA E 196 24.69 33.74 24.81
CA ALA E 196 23.33 33.29 25.02
C ALA E 196 23.10 31.89 24.45
N ALA E 197 23.83 31.55 23.40
CA ALA E 197 23.71 30.23 22.80
C ALA E 197 24.45 29.18 23.60
N ARG E 198 25.48 29.57 24.31
CA ARG E 198 26.25 28.64 25.06
C ARG E 198 25.61 28.32 26.36
N GLU E 199 24.53 28.98 26.67
CA GLU E 199 23.73 28.61 27.82
C GLU E 199 23.19 27.21 27.56
N TYR E 200 23.21 26.82 26.29
CA TYR E 200 22.48 25.68 25.78
C TYR E 200 23.30 24.57 25.20
N ASP E 201 24.42 24.92 24.62
CA ASP E 201 25.33 23.96 24.00
C ASP E 201 26.71 24.58 23.89
N SER E 202 27.74 23.78 24.16
CA SER E 202 29.12 24.27 24.10
C SER E 202 29.57 24.48 22.67
N LYS E 203 28.84 23.90 21.74
CA LYS E 203 29.10 24.08 20.33
C LYS E 203 28.09 25.02 19.77
N VAL E 204 28.56 26.15 19.27
CA VAL E 204 27.67 27.19 18.78
C VAL E 204 27.81 27.26 17.27
N LEU E 205 26.77 27.66 16.60
CA LEU E 205 26.70 27.62 15.16
C LEU E 205 26.29 28.97 14.65
N ILE E 206 27.00 29.46 13.66
CA ILE E 206 26.70 30.75 13.03
C ILE E 206 26.30 30.60 11.56
N GLU E 207 25.08 30.95 11.23
CA GLU E 207 24.58 30.80 9.89
C GLU E 207 24.30 32.12 9.25
N GLU E 208 24.36 32.16 7.94
CA GLU E 208 24.06 33.38 7.21
C GLU E 208 22.55 33.46 6.97
N ALA E 209 21.99 34.66 7.11
CA ALA E 209 20.55 34.85 6.90
C ALA E 209 20.05 34.29 5.57
N VAL E 210 19.09 33.36 5.64
CA VAL E 210 18.43 32.84 4.45
C VAL E 210 17.16 33.63 4.18
N ILE E 211 17.02 34.17 2.96
CA ILE E 211 15.93 35.09 2.69
C ILE E 211 14.79 34.50 1.84
N GLY E 212 13.68 34.17 2.49
CA GLY E 212 12.52 33.64 1.78
C GLY E 212 11.36 33.28 2.69
N THR E 213 10.41 32.52 2.17
CA THR E 213 9.28 32.10 2.98
C THR E 213 9.64 30.86 3.80
N GLU E 214 9.25 30.85 5.07
CA GLU E 214 9.61 29.73 5.92
C GLU E 214 8.53 28.66 5.83
N ILE E 215 8.88 27.54 5.23
CA ILE E 215 7.94 26.47 4.98
C ILE E 215 8.25 25.29 5.89
N GLY E 216 7.21 24.56 6.27
CA GLY E 216 7.39 23.34 7.07
C GLY E 216 6.68 22.19 6.38
N CYS E 217 7.16 20.97 6.65
CA CYS E 217 6.56 19.78 6.04
C CYS E 217 6.53 18.65 7.05
N ALA E 218 5.33 18.11 7.30
CA ALA E 218 5.17 17.01 8.24
C ALA E 218 5.33 15.70 7.49
N VAL E 219 6.21 14.83 7.96
CA VAL E 219 6.51 13.59 7.24
C VAL E 219 6.22 12.38 8.11
N MET E 220 5.84 11.27 7.48
CA MET E 220 5.53 10.05 8.21
C MET E 220 5.89 8.81 7.38
N GLY E 221 6.48 7.80 8.02
CA GLY E 221 6.74 6.53 7.36
C GLY E 221 8.05 5.87 7.74
N ASN E 222 8.19 4.60 7.36
CA ASN E 222 9.43 3.86 7.52
C ASN E 222 10.20 3.79 6.20
N GLY E 223 11.53 3.91 6.29
CA GLY E 223 12.38 3.70 5.12
C GLY E 223 12.10 4.59 3.92
N PRO E 224 11.72 3.98 2.78
CA PRO E 224 11.48 4.71 1.53
C PRO E 224 10.03 5.06 1.23
N GLU E 225 9.08 4.25 1.70
CA GLU E 225 7.66 4.54 1.47
C GLU E 225 7.18 5.58 2.48
N LEU E 226 7.13 6.84 2.06
CA LEU E 226 6.76 7.96 2.94
C LEU E 226 5.55 8.73 2.43
N ILE E 227 4.81 9.35 3.36
CA ILE E 227 3.72 10.27 3.00
C ILE E 227 3.89 11.58 3.76
N THR E 228 3.25 12.65 3.27
CA THR E 228 3.31 13.94 3.94
C THR E 228 1.94 14.57 4.06
N GLY E 229 1.73 15.31 5.15
CA GLY E 229 0.53 16.14 5.26
C GLY E 229 0.67 17.38 4.40
N GLU E 230 -0.14 18.38 4.68
CA GLU E 230 -0.02 19.61 3.95
C GLU E 230 1.29 20.26 4.27
N VAL E 231 1.68 21.22 3.45
CA VAL E 231 2.85 22.04 3.72
C VAL E 231 2.42 23.30 4.47
N ASP E 232 3.04 23.59 5.61
CA ASP E 232 2.66 24.79 6.36
C ASP E 232 3.57 25.99 6.11
N GLN E 233 3.10 27.16 6.51
CA GLN E 233 3.79 28.38 6.27
C GLN E 233 3.73 29.40 7.39
N ILE E 234 4.86 29.85 7.88
CA ILE E 234 4.93 30.82 8.96
C ILE E 234 4.33 32.12 8.43
N THR E 235 3.24 32.55 9.06
CA THR E 235 2.40 33.62 8.51
C THR E 235 3.14 34.94 8.29
N LEU E 236 4.17 35.22 9.08
CA LEU E 236 4.85 36.51 8.99
C LEU E 236 5.95 36.55 7.93
N SER E 237 6.25 35.41 7.36
CA SER E 237 7.41 35.25 6.52
C SER E 237 7.15 35.73 5.13
N HIS E 238 5.90 36.01 4.83
CA HIS E 238 5.59 36.47 3.52
C HIS E 238 4.53 37.50 3.57
N GLY E 239 4.71 38.57 2.84
CA GLY E 239 3.63 39.51 2.67
C GLY E 239 3.61 40.70 3.56
N PHE E 240 4.09 40.54 4.77
CA PHE E 240 4.16 41.62 5.72
C PHE E 240 5.37 42.42 5.37
N SER E 251 8.13 29.26 22.44
CA SER E 251 8.09 30.62 21.91
C SER E 251 8.91 30.66 20.62
N GLY E 252 8.97 29.51 19.94
CA GLY E 252 9.70 29.40 18.69
C GLY E 252 8.75 28.94 17.60
N SER E 253 9.30 28.32 16.56
CA SER E 253 8.54 27.93 15.37
C SER E 253 7.16 27.32 15.62
N ASP E 254 7.10 26.32 16.50
CA ASP E 254 5.89 25.54 16.76
C ASP E 254 4.75 26.40 17.32
N ASN E 255 5.13 27.46 18.03
CA ASN E 255 4.19 28.36 18.70
C ASN E 255 3.72 29.48 17.78
N SER E 256 4.27 29.52 16.57
CA SER E 256 4.06 30.61 15.63
C SER E 256 2.69 30.63 14.96
N ALA E 257 2.42 31.72 14.32
CA ALA E 257 1.27 31.85 13.53
C ALA E 257 1.61 31.14 12.27
N VAL E 258 0.75 30.25 11.82
CA VAL E 258 1.02 29.48 10.64
C VAL E 258 -0.19 29.44 9.75
N THR E 259 0.01 29.23 8.47
CA THR E 259 -1.08 29.12 7.50
C THR E 259 -1.02 27.73 6.85
N VAL E 260 -2.17 27.07 6.73
CA VAL E 260 -2.21 25.77 6.08
C VAL E 260 -3.41 25.71 5.14
N PRO E 261 -3.16 25.36 3.87
CA PRO E 261 -1.84 25.07 3.34
C PRO E 261 -1.08 26.34 2.99
N ALA E 262 0.20 26.20 2.64
CA ALA E 262 1.04 27.35 2.35
C ALA E 262 0.65 27.95 1.01
N ASP E 263 0.67 29.27 0.90
CA ASP E 263 0.33 29.96 -0.34
C ASP E 263 1.51 29.98 -1.31
N ILE E 264 1.67 28.88 -2.05
CA ILE E 264 2.81 28.66 -2.92
C ILE E 264 2.42 27.81 -4.14
N SER E 265 3.17 27.96 -5.24
CA SER E 265 2.94 27.20 -6.47
C SER E 265 2.71 25.71 -6.28
N THR E 266 1.70 25.17 -6.96
CA THR E 266 1.55 23.71 -6.99
C THR E 266 2.82 22.95 -7.32
N THR E 267 3.75 23.58 -8.04
CA THR E 267 5.06 22.98 -8.23
C THR E 267 5.98 23.27 -7.03
N SER E 268 5.87 24.47 -6.46
CA SER E 268 6.67 24.81 -5.27
C SER E 268 6.36 23.88 -4.10
N ARG E 269 5.10 23.53 -3.98
CA ARG E 269 4.68 22.59 -2.98
C ARG E 269 5.35 21.30 -3.29
N SER E 270 5.13 20.73 -4.46
CA SER E 270 5.67 19.42 -4.80
C SER E 270 7.17 19.45 -4.49
N LEU E 271 7.84 20.55 -4.80
CA LEU E 271 9.27 20.68 -4.53
C LEU E 271 9.59 20.56 -3.04
N VAL E 272 8.88 21.34 -2.23
CA VAL E 272 9.04 21.25 -0.77
C VAL E 272 8.87 19.82 -0.28
N GLN E 273 7.88 19.12 -0.73
CA GLN E 273 7.66 17.79 -0.24
C GLN E 273 8.66 16.76 -0.62
N ASP E 274 9.27 16.90 -1.78
CA ASP E 274 10.16 15.90 -2.25
C ASP E 274 11.46 16.14 -1.59
N THR E 275 11.78 17.40 -1.41
CA THR E 275 12.97 17.76 -0.68
C THR E 275 12.89 17.26 0.75
N ALA E 276 11.84 17.65 1.46
CA ALA E 276 11.60 17.15 2.81
C ALA E 276 11.85 15.64 2.84
N LYS E 277 11.14 14.93 1.96
CA LYS E 277 11.22 13.48 1.88
C LYS E 277 12.62 12.99 1.56
N ALA E 278 13.34 13.72 0.71
CA ALA E 278 14.71 13.35 0.37
C ALA E 278 15.63 13.46 1.59
N VAL E 279 15.52 14.57 2.31
CA VAL E 279 16.29 14.78 3.54
C VAL E 279 16.00 13.68 4.56
N TYR E 280 14.71 13.51 4.85
CA TYR E 280 14.22 12.46 5.74
C TYR E 280 14.87 11.12 5.43
N ARG E 281 15.02 10.79 4.17
CA ARG E 281 15.62 9.53 3.77
C ARG E 281 17.12 9.57 3.90
N ALA E 282 17.71 10.72 3.65
CA ALA E 282 19.16 10.85 3.72
C ALA E 282 19.64 10.84 5.17
N LEU E 283 18.72 11.12 6.09
CA LEU E 283 19.09 11.20 7.49
C LEU E 283 18.72 9.94 8.28
N GLY E 284 18.21 8.93 7.60
CA GLY E 284 17.82 7.68 8.26
C GLY E 284 16.67 7.86 9.24
N CYS E 285 15.83 8.86 8.99
CA CYS E 285 14.66 9.08 9.82
C CYS E 285 13.66 7.95 9.71
N ARG E 286 12.79 7.86 10.69
CA ARG E 286 11.83 6.79 10.74
C ARG E 286 10.68 7.15 11.64
N GLY E 287 9.47 6.79 11.27
CA GLY E 287 8.27 7.05 12.05
C GLY E 287 7.69 8.40 11.71
N LEU E 288 8.35 9.45 12.20
CA LEU E 288 7.95 10.82 11.87
C LEU E 288 9.14 11.78 11.90
N SER E 289 8.92 12.97 11.36
CA SER E 289 9.85 14.08 11.48
C SER E 289 9.08 15.29 11.02
N ARG E 290 9.55 16.48 11.40
CA ARG E 290 9.02 17.69 10.82
C ARG E 290 10.21 18.41 10.23
N VAL E 291 10.28 18.45 8.89
CA VAL E 291 11.37 19.12 8.21
C VAL E 291 10.94 20.55 8.04
N ASP E 292 11.71 21.47 8.62
CA ASP E 292 11.53 22.89 8.44
C ASP E 292 12.33 23.27 7.21
N LEU E 293 11.86 24.23 6.43
CA LEU E 293 12.58 24.65 5.22
C LEU E 293 12.52 26.16 4.94
N PHE E 294 13.32 26.61 3.97
CA PHE E 294 13.22 27.95 3.41
C PHE E 294 12.89 27.87 1.91
N LEU E 295 11.95 28.71 1.47
CA LEU E 295 11.67 28.84 0.05
C LEU E 295 12.15 30.21 -0.39
N THR E 296 13.20 30.24 -1.22
CA THR E 296 13.79 31.49 -1.68
C THR E 296 12.96 32.13 -2.79
N GLU E 297 13.06 33.45 -2.94
CA GLU E 297 12.28 34.20 -3.92
C GLU E 297 12.61 33.81 -5.36
N ASP E 298 13.63 32.96 -5.53
CA ASP E 298 14.00 32.44 -6.84
C ASP E 298 13.31 31.11 -7.15
N GLY E 299 12.62 30.55 -6.16
CA GLY E 299 11.89 29.29 -6.34
C GLY E 299 12.57 28.07 -5.75
N LYS E 300 13.77 28.25 -5.23
CA LYS E 300 14.55 27.15 -4.66
C LYS E 300 14.31 26.92 -3.17
N VAL E 301 14.73 25.74 -2.69
CA VAL E 301 14.55 25.30 -1.31
C VAL E 301 15.86 25.02 -0.59
N VAL E 302 15.99 25.58 0.62
CA VAL E 302 17.17 25.36 1.46
C VAL E 302 16.69 24.72 2.75
N LEU E 303 17.49 23.84 3.33
CA LEU E 303 17.09 23.17 4.56
C LEU E 303 17.28 24.04 5.81
N ASN E 304 16.30 24.10 6.68
CA ASN E 304 16.43 24.70 8.01
C ASN E 304 16.87 23.69 9.01
N GLU E 305 15.96 22.79 9.34
CA GLU E 305 16.11 21.92 10.50
C GLU E 305 15.35 20.62 10.22
N VAL E 306 15.70 19.53 10.90
CA VAL E 306 14.82 18.37 10.94
C VAL E 306 14.39 18.14 12.39
N ASN E 307 13.09 18.12 12.62
CA ASN E 307 12.57 17.91 13.96
C ASN E 307 12.09 16.47 14.12
N THR E 308 12.84 15.70 14.89
CA THR E 308 12.69 14.25 14.87
C THR E 308 11.44 13.85 15.64
N PHE E 309 11.19 14.53 16.75
CA PHE E 309 9.91 14.41 17.42
C PHE E 309 9.37 15.79 17.75
N PRO E 310 8.67 16.38 16.79
CA PRO E 310 8.23 17.76 16.89
C PRO E 310 7.08 17.86 17.89
N GLY E 311 6.62 19.07 18.17
CA GLY E 311 5.50 19.29 19.09
C GLY E 311 4.23 18.63 18.58
N MET E 312 3.42 18.12 19.49
CA MET E 312 2.16 17.48 19.13
C MET E 312 1.03 18.10 19.93
N THR E 313 1.28 19.29 20.47
CA THR E 313 0.32 20.01 21.30
C THR E 313 -0.89 20.44 20.49
N SER E 314 -1.84 21.10 21.16
CA SER E 314 -3.07 21.51 20.49
C SER E 314 -2.82 22.68 19.56
N TYR E 315 -1.69 23.35 19.75
CA TYR E 315 -1.35 24.51 18.93
C TYR E 315 -0.17 24.23 18.01
N SER E 316 0.23 22.97 17.94
CA SER E 316 1.47 22.56 17.25
C SER E 316 1.34 22.42 15.74
N ARG E 317 2.48 22.49 15.08
CA ARG E 317 2.55 22.52 13.62
C ARG E 317 2.25 21.16 12.97
N TYR E 318 3.00 20.15 13.39
CA TYR E 318 2.88 18.82 12.78
C TYR E 318 1.42 18.40 12.70
N PRO E 319 0.68 18.50 13.82
CA PRO E 319 -0.71 18.04 13.78
C PRO E 319 -1.56 18.86 12.83
N ARG E 320 -1.35 20.18 12.81
CA ARG E 320 -2.10 21.04 11.91
C ARG E 320 -1.92 20.54 10.47
N MET E 321 -0.66 20.36 10.08
CA MET E 321 -0.33 19.85 8.75
C MET E 321 -1.06 18.55 8.41
N MET E 322 -1.00 17.57 9.31
CA MET E 322 -1.64 16.28 9.07
C MET E 322 -3.16 16.35 8.98
N THR E 323 -3.82 16.92 9.98
CA THR E 323 -5.28 17.02 9.90
C THR E 323 -5.75 17.72 8.63
N ALA E 324 -4.88 18.52 8.02
CA ALA E 324 -5.22 19.21 6.79
C ALA E 324 -5.14 18.27 5.60
N ALA E 325 -4.37 17.19 5.75
CA ALA E 325 -4.28 16.18 4.72
C ALA E 325 -5.41 15.17 4.91
N GLY E 326 -6.16 15.35 5.99
CA GLY E 326 -7.29 14.49 6.28
C GLY E 326 -6.88 13.37 7.21
N LEU E 327 -5.76 13.56 7.91
CA LEU E 327 -5.32 12.60 8.92
C LEU E 327 -5.57 13.12 10.32
N SER E 328 -6.58 12.55 10.99
CA SER E 328 -6.93 12.98 12.34
C SER E 328 -5.80 12.68 13.31
N ARG E 329 -5.74 13.47 14.38
CA ARG E 329 -4.74 13.20 15.41
C ARG E 329 -4.77 11.72 15.75
N ALA E 330 -5.96 11.15 15.74
CA ALA E 330 -6.14 9.72 16.05
C ALA E 330 -5.46 8.87 14.99
N ASP E 331 -5.64 9.20 13.74
CA ASP E 331 -5.00 8.45 12.70
C ASP E 331 -3.54 8.44 12.90
N VAL E 332 -2.96 9.59 13.08
CA VAL E 332 -1.51 9.70 13.25
C VAL E 332 -0.99 8.67 14.25
N ILE E 333 -1.55 8.71 15.45
CA ILE E 333 -1.19 7.80 16.53
C ILE E 333 -1.30 6.34 16.06
N ASP E 334 -2.44 5.99 15.52
CA ASP E 334 -2.62 4.70 14.98
C ASP E 334 -1.53 4.35 14.00
N ARG E 335 -1.32 5.19 13.03
CA ARG E 335 -0.27 4.95 12.03
C ARG E 335 1.14 4.93 12.61
N LEU E 336 1.45 5.84 13.53
CA LEU E 336 2.76 5.82 14.20
C LEU E 336 2.97 4.50 14.92
N VAL E 337 1.92 4.05 15.63
CA VAL E 337 1.96 2.76 16.31
C VAL E 337 2.27 1.63 15.31
N SER E 338 1.42 1.47 14.31
CA SER E 338 1.55 0.35 13.39
C SER E 338 2.89 0.46 12.66
N LEU E 339 3.41 1.66 12.58
CA LEU E 339 4.68 1.85 11.97
C LEU E 339 5.76 1.36 12.87
N ALA E 340 5.62 1.61 14.16
CA ALA E 340 6.56 1.13 15.17
C ALA E 340 6.67 -0.39 15.21
N LEU E 341 5.53 -1.06 15.09
CA LEU E 341 5.46 -2.50 15.28
C LEU E 341 5.78 -3.30 14.02
N ALA E 342 6.14 -2.58 12.96
CA ALA E 342 6.50 -3.18 11.68
C ALA E 342 7.88 -3.85 11.73
N SER F 2 36.60 5.62 51.69
CA SER F 2 35.77 4.68 50.86
C SER F 2 36.42 4.53 49.49
N HIS F 3 36.22 3.36 48.88
CA HIS F 3 36.69 3.13 47.52
C HIS F 3 35.83 3.90 46.53
N MET F 4 36.26 3.94 45.28
CA MET F 4 35.41 4.45 44.22
C MET F 4 34.52 3.33 43.68
N LYS F 5 33.22 3.59 43.67
CA LYS F 5 32.24 2.63 43.18
C LYS F 5 32.19 2.74 41.67
N ILE F 6 32.90 1.86 40.98
CA ILE F 6 32.93 1.92 39.52
C ILE F 6 32.19 0.74 38.89
N GLY F 7 31.13 1.04 38.14
CA GLY F 7 30.40 -0.02 37.47
C GLY F 7 31.15 -0.43 36.22
N ILE F 8 31.25 -1.73 35.98
CA ILE F 8 31.97 -2.23 34.80
C ILE F 8 31.11 -3.13 33.92
N ILE F 9 30.47 -2.54 32.91
CA ILE F 9 29.54 -3.25 32.05
C ILE F 9 30.27 -3.94 30.90
N PHE F 10 29.93 -5.21 30.65
CA PHE F 10 30.60 -5.97 29.61
C PHE F 10 29.67 -7.00 28.98
N GLY F 11 30.16 -7.68 27.95
CA GLY F 11 29.34 -8.66 27.24
C GLY F 11 28.56 -7.97 26.15
N GLY F 12 27.24 -7.94 26.28
CA GLY F 12 26.39 -7.25 25.32
C GLY F 12 25.78 -8.22 24.33
N VAL F 13 24.69 -7.79 23.72
CA VAL F 13 24.03 -8.50 22.62
C VAL F 13 24.76 -8.04 21.37
N SER F 14 25.91 -8.65 21.09
CA SER F 14 26.82 -8.15 20.08
C SER F 14 27.60 -9.32 19.51
N GLU F 15 27.98 -9.21 18.26
CA GLU F 15 28.85 -10.17 17.64
C GLU F 15 30.11 -10.18 18.41
N GLU F 16 30.44 -9.03 18.95
CA GLU F 16 31.71 -8.82 19.62
C GLU F 16 31.63 -9.08 21.12
N HIS F 17 30.61 -9.80 21.56
CA HIS F 17 30.41 -10.16 22.96
C HIS F 17 31.62 -10.86 23.57
N ASP F 18 32.13 -11.86 22.90
CA ASP F 18 33.18 -12.66 23.43
C ASP F 18 34.46 -11.92 23.61
N ILE F 19 34.65 -10.87 22.82
CA ILE F 19 35.83 -10.01 22.94
C ILE F 19 35.64 -9.01 24.08
N SER F 20 34.40 -8.56 24.25
CA SER F 20 34.06 -7.66 25.33
C SER F 20 34.41 -8.29 26.68
N VAL F 21 34.14 -9.58 26.84
CA VAL F 21 34.51 -10.29 28.06
C VAL F 21 36.02 -10.24 28.33
N LYS F 22 36.81 -10.61 27.36
CA LYS F 22 38.23 -10.63 27.50
C LYS F 22 38.77 -9.28 27.78
N SER F 23 38.12 -8.28 27.24
CA SER F 23 38.52 -6.90 27.46
C SER F 23 38.21 -6.53 28.91
N ALA F 24 37.05 -6.94 29.40
CA ALA F 24 36.68 -6.66 30.78
C ALA F 24 37.57 -7.43 31.76
N ARG F 25 37.90 -8.67 31.43
CA ARG F 25 38.80 -9.44 32.25
C ARG F 25 40.13 -8.79 32.47
N GLU F 26 40.72 -8.24 31.43
CA GLU F 26 42.00 -7.57 31.57
C GLU F 26 41.89 -6.27 32.37
N VAL F 27 40.81 -5.53 32.16
CA VAL F 27 40.58 -4.33 32.97
C VAL F 27 40.56 -4.74 34.44
N ALA F 28 39.82 -5.80 34.73
CA ALA F 28 39.67 -6.29 36.09
C ALA F 28 41.00 -6.51 36.80
N THR F 29 41.93 -7.20 36.12
CA THR F 29 43.20 -7.53 36.75
C THR F 29 44.03 -6.28 36.99
N HIS F 30 43.60 -5.15 36.42
CA HIS F 30 44.43 -3.95 36.46
C HIS F 30 43.85 -2.74 37.17
N LEU F 31 42.96 -2.99 38.13
CA LEU F 31 42.50 -1.99 39.07
C LEU F 31 43.09 -2.37 40.42
N GLY F 32 43.91 -1.49 40.99
CA GLY F 32 44.74 -1.86 42.14
C GLY F 32 43.99 -2.01 43.45
N THR F 33 44.74 -2.46 44.46
CA THR F 33 44.18 -2.74 45.78
C THR F 33 43.16 -1.84 46.50
N GLY F 34 43.47 -0.55 46.62
CA GLY F 34 42.72 0.32 47.51
C GLY F 34 41.92 1.44 46.87
N VAL F 35 41.90 1.48 45.54
CA VAL F 35 41.17 2.56 44.86
C VAL F 35 39.73 2.29 44.46
N PHE F 36 39.47 1.12 43.89
CA PHE F 36 38.17 0.83 43.28
C PHE F 36 37.34 -0.22 44.02
N GLU F 37 36.05 0.04 44.16
CA GLU F 37 35.11 -1.04 44.43
C GLU F 37 34.43 -1.34 43.11
N PRO F 38 34.86 -2.41 42.44
CA PRO F 38 34.26 -2.74 41.16
C PRO F 38 32.87 -3.37 41.29
N PHE F 39 32.04 -3.10 40.29
CA PHE F 39 30.77 -3.79 40.18
C PHE F 39 30.66 -4.30 38.76
N TYR F 40 30.70 -5.62 38.61
CA TYR F 40 30.73 -6.18 37.29
C TYR F 40 29.33 -6.53 36.78
N LEU F 41 28.80 -5.64 35.94
CA LEU F 41 27.51 -5.81 35.27
C LEU F 41 27.62 -6.52 33.92
N GLY F 42 27.12 -7.75 33.84
CA GLY F 42 27.18 -8.48 32.59
C GLY F 42 25.91 -8.29 31.79
N ILE F 43 26.04 -8.15 30.48
CA ILE F 43 24.87 -8.25 29.62
C ILE F 43 24.99 -9.53 28.82
N THR F 44 24.11 -10.50 29.08
CA THR F 44 24.19 -11.79 28.41
C THR F 44 24.00 -11.69 26.90
N LYS F 45 24.47 -12.70 26.17
CA LYS F 45 24.34 -12.73 24.73
C LYS F 45 22.88 -12.63 24.30
N SER F 46 21.98 -12.69 25.28
CA SER F 46 20.54 -12.69 25.00
C SER F 46 19.83 -11.44 25.53
N GLY F 47 20.59 -10.49 26.07
CA GLY F 47 20.03 -9.24 26.52
C GLY F 47 19.72 -9.07 28.00
N ALA F 48 19.94 -10.12 28.79
CA ALA F 48 19.64 -10.08 30.22
C ALA F 48 20.77 -9.47 31.02
N TRP F 49 20.43 -8.70 32.06
CA TRP F 49 21.43 -8.00 32.86
C TRP F 49 21.68 -8.66 34.21
N GLN F 50 22.95 -8.97 34.47
CA GLN F 50 23.35 -9.65 35.70
C GLN F 50 24.65 -9.11 36.26
N LEU F 51 24.61 -8.81 37.55
CA LEU F 51 25.81 -8.42 38.30
C LEU F 51 26.48 -9.74 38.67
N CYS F 52 27.77 -9.87 38.36
CA CYS F 52 28.46 -11.13 38.66
C CYS F 52 29.78 -10.91 39.41
N ASP F 53 30.42 -12.02 39.78
CA ASP F 53 31.64 -12.01 40.56
C ASP F 53 32.79 -11.34 39.83
N GLY F 54 32.92 -11.66 38.55
CA GLY F 54 33.90 -11.03 37.69
C GLY F 54 33.66 -11.51 36.27
N PRO F 55 34.20 -10.77 35.29
CA PRO F 55 34.07 -11.17 33.90
C PRO F 55 35.03 -12.32 33.66
N GLY F 56 34.65 -13.17 32.75
CA GLY F 56 35.25 -14.45 32.64
C GLY F 56 34.48 -15.28 31.67
N GLU F 57 35.14 -16.27 31.10
CA GLU F 57 34.63 -17.02 29.97
C GLU F 57 33.24 -17.55 29.91
N ASN F 58 32.79 -18.16 30.97
CA ASN F 58 31.39 -18.46 31.09
C ASN F 58 31.11 -17.89 32.41
N TRP F 59 30.54 -16.71 32.47
CA TRP F 59 30.46 -16.07 33.76
C TRP F 59 29.06 -16.13 34.05
N GLU F 60 28.29 -16.21 32.97
CA GLU F 60 26.87 -16.25 33.06
C GLU F 60 26.48 -17.28 34.06
N ASP F 61 27.25 -18.34 34.13
CA ASP F 61 26.91 -19.49 34.96
C ASP F 61 27.62 -19.44 36.31
N GLY F 62 27.96 -18.23 36.74
CA GLY F 62 28.51 -18.02 38.08
C GLY F 62 27.42 -17.59 39.03
N ASN F 63 27.80 -16.94 40.13
CA ASN F 63 26.84 -16.30 41.00
C ASN F 63 26.41 -14.99 40.34
N CYS F 64 25.23 -15.02 39.72
CA CYS F 64 24.72 -13.84 39.03
C CYS F 64 23.40 -13.38 39.62
N ARG F 65 23.34 -12.13 39.99
CA ARG F 65 22.11 -11.58 40.44
C ARG F 65 21.65 -10.56 39.48
N PRO F 66 20.42 -10.69 39.02
CA PRO F 66 19.82 -9.71 38.12
C PRO F 66 19.97 -8.28 38.64
N ALA F 67 20.36 -7.38 37.75
CA ALA F 67 20.49 -5.98 38.13
C ALA F 67 20.42 -5.15 36.86
N VAL F 68 20.06 -3.88 36.99
CA VAL F 68 20.11 -2.97 35.86
C VAL F 68 20.73 -1.63 36.26
N LEU F 69 21.30 -0.95 35.28
CA LEU F 69 21.68 0.45 35.40
C LEU F 69 20.40 1.26 35.17
N SER F 70 20.11 2.16 36.11
CA SER F 70 18.83 2.86 36.11
C SER F 70 18.95 4.20 35.40
N PRO F 71 17.94 4.55 34.60
CA PRO F 71 17.89 5.85 33.94
C PRO F 71 17.58 6.96 34.93
N ASP F 72 17.13 6.57 36.12
CA ASP F 72 16.57 7.50 37.09
C ASP F 72 17.67 8.23 37.87
N ARG F 73 17.71 9.55 37.74
CA ARG F 73 18.82 10.31 38.29
C ARG F 73 18.89 10.34 39.82
N SER F 74 17.76 10.09 40.48
CA SER F 74 17.73 10.05 41.94
C SER F 74 18.49 8.82 42.46
N VAL F 75 18.70 7.83 41.60
CA VAL F 75 19.38 6.60 41.99
C VAL F 75 20.88 6.70 41.76
N HIS F 76 21.26 7.19 40.58
CA HIS F 76 22.67 7.41 40.25
C HIS F 76 23.46 6.11 40.41
N GLY F 77 22.87 4.99 40.00
CA GLY F 77 23.53 3.69 40.10
C GLY F 77 22.73 2.50 39.65
N LEU F 78 22.82 1.41 40.40
CA LEU F 78 22.23 0.14 40.02
C LEU F 78 20.99 -0.21 40.82
N LEU F 79 20.10 -0.97 40.19
CA LEU F 79 19.06 -1.70 40.90
C LEU F 79 19.45 -3.16 40.88
N VAL F 80 19.48 -3.80 42.05
CA VAL F 80 19.75 -5.23 42.16
C VAL F 80 18.42 -5.96 42.37
N LEU F 81 18.06 -6.88 41.47
CA LEU F 81 16.75 -7.54 41.54
C LEU F 81 16.84 -9.01 41.94
N GLU F 82 16.32 -9.34 43.12
CA GLU F 82 16.39 -10.71 43.63
C GLU F 82 14.98 -11.06 44.07
N GLN F 83 14.35 -11.98 43.32
CA GLN F 83 13.12 -12.62 43.74
C GLN F 83 11.90 -11.77 44.09
N GLY F 84 11.83 -10.58 43.48
CA GLY F 84 10.74 -9.64 43.73
C GLY F 84 11.10 -8.56 44.72
N LYS F 85 12.33 -8.61 45.24
CA LYS F 85 12.86 -7.59 46.15
C LYS F 85 14.06 -6.89 45.50
N TYR F 86 14.25 -5.61 45.76
CA TYR F 86 15.26 -4.83 45.10
C TYR F 86 16.05 -3.96 46.04
N GLU F 87 17.30 -3.67 45.71
CA GLU F 87 18.07 -2.70 46.47
C GLU F 87 18.91 -1.86 45.58
N THR F 88 19.20 -0.64 46.00
CA THR F 88 19.91 0.30 45.14
C THR F 88 21.36 0.46 45.57
N ILE F 89 22.23 0.57 44.57
CA ILE F 89 23.65 0.79 44.77
C ILE F 89 24.05 2.07 44.02
N ARG F 90 24.72 2.98 44.67
CA ARG F 90 25.07 4.23 44.06
C ARG F 90 26.46 4.17 43.54
N LEU F 91 26.62 4.51 42.28
CA LEU F 91 27.91 4.44 41.59
C LEU F 91 28.51 5.83 41.44
N ASP F 92 29.83 5.90 41.33
CA ASP F 92 30.52 7.16 41.11
C ASP F 92 30.88 7.37 39.65
N LEU F 93 30.80 6.28 38.88
CA LEU F 93 31.41 6.24 37.56
C LEU F 93 31.01 4.94 36.87
N VAL F 94 30.96 4.93 35.54
CA VAL F 94 30.73 3.70 34.81
C VAL F 94 31.73 3.50 33.66
N LEU F 95 32.37 2.36 33.63
CA LEU F 95 33.26 2.01 32.55
C LEU F 95 32.60 1.02 31.65
N PRO F 96 32.28 1.40 30.44
CA PRO F 96 31.53 0.53 29.55
C PRO F 96 32.45 -0.26 28.62
N VAL F 97 32.99 -1.37 29.10
CA VAL F 97 33.85 -2.23 28.30
C VAL F 97 32.84 -2.99 27.44
N LEU F 98 32.47 -2.40 26.30
CA LEU F 98 31.45 -2.94 25.41
C LEU F 98 31.89 -2.69 23.97
N HIS F 99 31.93 -3.74 23.16
CA HIS F 99 32.39 -3.61 21.78
C HIS F 99 31.27 -3.83 20.80
N GLY F 100 31.28 -3.10 19.69
CA GLY F 100 30.36 -3.36 18.60
C GLY F 100 28.95 -2.86 18.84
N LYS F 101 27.96 -3.61 18.41
CA LYS F 101 26.59 -3.21 18.47
C LYS F 101 26.07 -2.88 19.82
N LEU F 102 25.44 -1.74 19.95
CA LEU F 102 24.90 -1.29 21.23
C LEU F 102 25.95 -0.90 22.28
N GLY F 103 27.23 -0.97 21.91
CA GLY F 103 28.29 -0.67 22.86
C GLY F 103 29.13 0.50 22.36
N GLU F 104 29.24 0.62 21.06
CA GLU F 104 30.01 1.69 20.44
C GLU F 104 29.15 2.43 19.44
N ASP F 105 27.83 2.23 19.53
CA ASP F 105 26.92 2.87 18.61
C ASP F 105 26.01 3.90 19.28
N GLY F 106 26.24 4.17 20.55
CA GLY F 106 25.49 5.22 21.22
C GLY F 106 24.45 4.69 22.19
N ALA F 107 24.06 3.44 22.02
CA ALA F 107 23.04 2.85 22.88
C ALA F 107 23.37 3.01 24.37
N ILE F 108 24.45 2.37 24.81
CA ILE F 108 24.77 2.36 26.23
C ILE F 108 25.01 3.76 26.76
N GLN F 109 25.58 4.64 25.93
CA GLN F 109 25.81 6.02 26.34
C GLN F 109 24.48 6.75 26.47
N GLY F 110 23.46 6.30 25.73
CA GLY F 110 22.12 6.86 25.92
C GLY F 110 21.65 6.67 27.35
N LEU F 111 21.65 5.42 27.81
CA LEU F 111 21.24 5.12 29.17
C LEU F 111 22.13 5.84 30.16
N LEU F 112 23.42 5.95 29.86
CA LEU F 112 24.32 6.64 30.78
C LEU F 112 23.94 8.12 30.86
N GLU F 113 23.67 8.71 29.71
CA GLU F 113 23.35 10.13 29.66
C GLU F 113 22.06 10.35 30.44
N LEU F 114 21.13 9.42 30.31
CA LEU F 114 19.93 9.49 31.12
C LEU F 114 20.34 9.49 32.59
N SER F 115 20.99 8.43 33.03
CA SER F 115 21.32 8.27 34.44
C SER F 115 21.93 9.52 35.06
N GLY F 116 22.69 10.26 34.25
CA GLY F 116 23.46 11.42 34.74
C GLY F 116 24.77 11.06 35.41
N ILE F 117 25.10 9.76 35.40
CA ILE F 117 26.34 9.24 35.95
C ILE F 117 27.50 9.44 34.98
N PRO F 118 28.68 9.83 35.50
CA PRO F 118 29.90 10.03 34.71
C PRO F 118 30.38 8.73 34.11
N TYR F 119 30.99 8.77 32.93
CA TYR F 119 31.42 7.53 32.27
C TYR F 119 32.58 7.73 31.29
N VAL F 120 33.46 6.74 31.23
CA VAL F 120 34.63 6.82 30.37
C VAL F 120 34.22 6.69 28.91
N GLY F 121 35.06 7.18 27.99
CA GLY F 121 34.86 6.94 26.57
C GLY F 121 34.01 8.00 25.89
N CYS F 122 33.63 7.73 24.65
CA CYS F 122 32.90 8.68 23.82
C CYS F 122 31.41 8.78 24.14
N ASP F 123 30.84 9.96 23.88
CA ASP F 123 29.40 10.16 24.08
C ASP F 123 28.55 9.65 22.92
N ILE F 124 27.24 9.88 22.99
CA ILE F 124 26.33 9.36 21.97
C ILE F 124 26.67 9.73 20.54
N GLN F 125 26.82 11.02 20.30
CA GLN F 125 27.03 11.51 18.95
C GLN F 125 28.30 10.90 18.34
N SER F 126 29.42 10.99 19.05
CA SER F 126 30.67 10.51 18.47
C SER F 126 30.61 9.00 18.31
N SER F 127 29.90 8.34 19.22
CA SER F 127 29.70 6.91 19.11
C SER F 127 28.99 6.54 17.81
N ALA F 128 27.95 7.29 17.47
CA ALA F 128 27.18 7.04 16.26
C ALA F 128 28.00 7.34 15.02
N LEU F 129 28.61 8.51 15.00
CA LEU F 129 29.37 8.94 13.84
C LEU F 129 30.50 7.95 13.53
N CYS F 130 31.02 7.31 14.56
CA CYS F 130 32.15 6.42 14.39
C CYS F 130 31.69 4.99 14.11
N MET F 131 30.48 4.65 14.58
CA MET F 131 29.92 3.34 14.27
C MET F 131 29.68 3.22 12.78
N ASP F 132 29.07 4.24 12.20
CA ASP F 132 28.80 4.27 10.77
C ASP F 132 30.03 4.82 10.07
N LYS F 133 30.77 3.95 9.42
CA LYS F 133 31.96 4.33 8.73
C LYS F 133 31.70 5.33 7.63
N SER F 134 30.53 5.28 7.03
CA SER F 134 30.18 6.25 5.98
C SER F 134 29.92 7.64 6.56
N LEU F 135 29.58 7.68 7.85
CA LEU F 135 29.41 8.94 8.56
C LEU F 135 30.75 9.45 9.05
N THR F 136 31.63 8.52 9.39
CA THR F 136 33.00 8.87 9.75
C THR F 136 33.66 9.62 8.60
N TYR F 137 33.68 9.05 7.42
CA TYR F 137 34.37 9.70 6.33
C TYR F 137 33.73 11.01 6.03
N LEU F 138 32.44 11.08 6.24
CA LEU F 138 31.67 12.26 5.87
C LEU F 138 32.17 13.47 6.66
N VAL F 139 32.54 13.23 7.92
CA VAL F 139 33.06 14.28 8.77
C VAL F 139 34.54 14.52 8.51
N ALA F 140 35.30 13.44 8.39
CA ALA F 140 36.72 13.54 8.12
C ALA F 140 37.03 14.45 6.92
N ARG F 141 36.23 14.37 5.88
CA ARG F 141 36.44 15.18 4.71
C ARG F 141 36.30 16.65 4.99
N SER F 142 35.25 17.02 5.68
CA SER F 142 35.01 18.43 5.94
C SER F 142 36.09 18.98 6.87
N ALA F 143 36.85 18.08 7.47
CA ALA F 143 37.93 18.46 8.38
C ALA F 143 39.28 18.23 7.70
N GLY F 144 39.26 18.18 6.37
CA GLY F 144 40.48 18.04 5.56
C GLY F 144 41.19 16.69 5.54
N ILE F 145 40.56 15.67 6.09
CA ILE F 145 41.21 14.38 6.22
C ILE F 145 40.87 13.43 5.09
N ALA F 146 41.87 12.78 4.52
CA ALA F 146 41.69 11.87 3.39
C ALA F 146 40.94 10.59 3.77
N THR F 147 40.16 10.06 2.83
CA THR F 147 39.37 8.86 3.05
C THR F 147 39.22 8.03 1.77
N PRO F 148 38.99 6.72 1.94
CA PRO F 148 38.77 5.85 0.79
C PRO F 148 37.61 6.41 -0.01
N ASN F 149 37.68 6.30 -1.31
CA ASN F 149 36.56 6.64 -2.12
C ASN F 149 35.50 5.55 -1.94
N PHE F 150 34.28 5.90 -1.58
CA PHE F 150 33.33 4.87 -1.17
C PHE F 150 31.95 5.03 -1.75
N TRP F 151 31.14 3.98 -1.67
CA TRP F 151 29.75 4.02 -2.07
C TRP F 151 28.91 3.25 -1.05
N THR F 152 27.65 3.61 -0.92
CA THR F 152 26.75 2.96 0.03
C THR F 152 25.58 2.34 -0.70
N VAL F 153 25.04 1.26 -0.17
CA VAL F 153 23.99 0.53 -0.86
C VAL F 153 23.07 -0.02 0.22
N THR F 154 21.86 0.47 0.23
CA THR F 154 20.93 0.12 1.24
C THR F 154 20.18 -0.96 0.55
N ALA F 155 19.47 -1.76 1.32
CA ALA F 155 18.63 -2.80 0.80
C ALA F 155 17.74 -2.81 -0.41
N ASP F 156 17.25 -1.66 -0.83
CA ASP F 156 16.58 -1.61 -2.11
C ASP F 156 17.15 -0.83 -3.27
N GLU F 157 17.99 0.12 -2.91
CA GLU F 157 18.96 0.77 -3.79
C GLU F 157 20.09 0.24 -4.70
N LYS F 158 20.46 1.12 -5.62
CA LYS F 158 21.42 0.93 -6.70
C LYS F 158 22.90 0.70 -6.50
N ILE F 159 23.39 -0.45 -6.98
CA ILE F 159 24.82 -0.76 -7.04
C ILE F 159 25.49 -0.35 -8.32
N PRO F 160 26.30 0.68 -8.26
CA PRO F 160 26.77 1.29 -9.50
C PRO F 160 27.82 0.28 -9.89
N THR F 161 27.34 -0.87 -10.45
CA THR F 161 28.38 -1.79 -10.82
C THR F 161 29.33 -1.08 -11.74
N ASP F 162 28.80 -0.25 -12.61
CA ASP F 162 29.63 0.40 -13.60
C ASP F 162 30.50 1.33 -12.78
N GLN F 163 30.03 1.52 -11.43
CA GLN F 163 30.75 2.56 -10.68
C GLN F 163 31.79 2.09 -9.66
N LEU F 164 32.79 1.32 -10.16
CA LEU F 164 34.03 1.06 -9.43
C LEU F 164 35.15 0.20 -10.03
N THR F 165 36.36 0.49 -9.55
CA THR F 165 37.67 0.07 -10.04
C THR F 165 38.29 -0.95 -9.09
N TYR F 166 38.28 -2.21 -9.45
CA TYR F 166 38.81 -3.21 -8.53
C TYR F 166 40.29 -3.07 -8.29
N PRO F 167 40.82 -3.77 -7.29
CA PRO F 167 40.05 -4.44 -6.25
C PRO F 167 39.28 -3.48 -5.34
N VAL F 168 38.40 -4.05 -4.51
CA VAL F 168 37.45 -3.29 -3.71
C VAL F 168 37.10 -4.06 -2.44
N PHE F 169 36.61 -3.36 -1.42
CA PHE F 169 36.22 -3.99 -0.16
C PHE F 169 34.73 -3.86 0.14
N VAL F 170 34.14 -4.96 0.60
CA VAL F 170 32.71 -5.01 0.90
C VAL F 170 32.56 -5.19 2.42
N LYS F 171 31.88 -4.23 3.05
CA LYS F 171 31.76 -4.27 4.51
C LYS F 171 30.41 -3.74 4.98
N PRO F 172 29.93 -4.23 6.13
CA PRO F 172 28.76 -3.61 6.74
C PRO F 172 29.13 -2.21 7.19
N ALA F 173 28.21 -1.26 7.00
CA ALA F 173 28.47 0.13 7.35
C ALA F 173 28.69 0.33 8.84
N ARG F 174 28.15 -0.58 9.64
CA ARG F 174 28.23 -0.44 11.08
C ARG F 174 28.52 -1.77 11.76
N SER F 175 29.77 -2.21 11.63
CA SER F 175 30.28 -3.40 12.33
C SER F 175 31.73 -3.24 12.79
N GLY F 176 32.32 -4.36 13.21
CA GLY F 176 33.71 -4.35 13.66
C GLY F 176 34.32 -5.73 13.69
N SER F 177 35.51 -5.85 14.26
CA SER F 177 36.19 -7.13 14.32
C SER F 177 36.17 -7.73 12.92
N SER F 178 36.00 -6.87 11.92
CA SER F 178 36.02 -7.30 10.53
C SER F 178 34.95 -8.32 10.17
N PHE F 179 33.86 -8.35 10.94
CA PHE F 179 32.70 -9.15 10.55
C PHE F 179 32.17 -8.65 9.21
N GLY F 180 31.81 -9.57 8.34
CA GLY F 180 31.18 -9.22 7.07
C GLY F 180 32.04 -8.47 6.07
N VAL F 181 33.33 -8.36 6.33
CA VAL F 181 34.25 -7.71 5.38
C VAL F 181 34.87 -8.72 4.40
N SER F 182 34.68 -8.47 3.10
CA SER F 182 35.25 -9.28 2.04
C SER F 182 36.10 -8.42 1.11
N LYS F 183 37.10 -9.04 0.49
CA LYS F 183 37.86 -8.37 -0.57
C LYS F 183 37.57 -9.02 -1.91
N VAL F 184 36.56 -8.50 -2.61
CA VAL F 184 36.21 -9.01 -3.94
C VAL F 184 37.14 -8.44 -5.00
N ALA F 185 37.70 -9.27 -5.86
CA ALA F 185 38.55 -8.71 -6.87
C ALA F 185 37.82 -8.76 -8.17
N ARG F 186 36.74 -9.53 -8.15
CA ARG F 186 36.02 -9.88 -9.35
C ARG F 186 34.60 -9.50 -9.11
N GLU F 187 34.01 -8.86 -10.10
CA GLU F 187 32.61 -8.48 -10.06
C GLU F 187 31.69 -9.69 -9.92
N GLU F 188 32.19 -10.89 -10.03
CA GLU F 188 31.31 -12.04 -9.88
C GLU F 188 31.04 -12.52 -8.49
N ASP F 189 31.79 -12.02 -7.53
CA ASP F 189 31.55 -12.32 -6.14
C ASP F 189 31.15 -11.11 -5.36
N LEU F 190 30.73 -10.07 -6.06
CA LEU F 190 30.14 -8.90 -5.40
C LEU F 190 28.85 -9.17 -4.63
N GLN F 191 27.83 -9.68 -5.32
CA GLN F 191 26.55 -9.97 -4.67
C GLN F 191 26.76 -10.87 -3.46
N GLY F 192 27.55 -11.93 -3.64
CA GLY F 192 27.84 -12.87 -2.55
C GLY F 192 28.48 -12.21 -1.34
N ALA F 193 29.30 -11.17 -1.59
CA ALA F 193 29.93 -10.41 -0.51
C ALA F 193 28.94 -9.47 0.14
N VAL F 194 28.05 -8.90 -0.67
CA VAL F 194 26.99 -8.02 -0.18
C VAL F 194 26.05 -8.75 0.77
N GLU F 195 25.68 -9.97 0.47
CA GLU F 195 24.79 -10.66 1.35
C GLU F 195 25.50 -11.16 2.56
N ALA F 196 26.79 -11.40 2.43
CA ALA F 196 27.64 -11.60 3.59
C ALA F 196 27.46 -10.43 4.55
N ALA F 197 27.75 -9.22 4.06
CA ALA F 197 27.74 -8.01 4.87
C ALA F 197 26.39 -7.69 5.50
N ARG F 198 25.32 -8.01 4.83
CA ARG F 198 24.02 -7.64 5.31
C ARG F 198 23.57 -8.51 6.43
N GLU F 199 24.19 -9.64 6.57
CA GLU F 199 23.94 -10.52 7.70
C GLU F 199 24.30 -9.77 8.99
N TYR F 200 24.91 -8.61 8.82
CA TYR F 200 25.38 -7.76 9.92
C TYR F 200 24.83 -6.33 9.84
N ASP F 201 24.46 -5.89 8.65
CA ASP F 201 23.96 -4.54 8.47
C ASP F 201 23.11 -4.61 7.20
N SER F 202 22.11 -3.78 7.08
CA SER F 202 21.28 -3.79 5.93
C SER F 202 21.81 -2.65 5.10
N LYS F 203 22.67 -1.84 5.68
CA LYS F 203 23.37 -0.88 4.90
C LYS F 203 24.67 -1.54 4.65
N VAL F 204 25.17 -1.39 3.45
CA VAL F 204 26.48 -1.94 3.10
C VAL F 204 27.42 -0.91 2.49
N LEU F 205 28.65 -0.89 2.97
CA LEU F 205 29.62 0.10 2.50
C LEU F 205 30.56 -0.55 1.49
N ILE F 206 30.74 0.07 0.33
CA ILE F 206 31.73 -0.40 -0.64
C ILE F 206 32.86 0.61 -0.83
N GLU F 207 34.08 0.13 -0.67
CA GLU F 207 35.26 0.98 -0.72
C GLU F 207 36.27 0.49 -1.75
N GLU F 208 36.91 1.44 -2.42
CA GLU F 208 38.01 1.14 -3.32
C GLU F 208 39.23 0.92 -2.45
N ALA F 209 39.88 -0.23 -2.65
CA ALA F 209 41.02 -0.65 -1.83
C ALA F 209 42.21 0.32 -1.82
N VAL F 210 42.62 0.68 -0.61
CA VAL F 210 43.76 1.59 -0.41
C VAL F 210 45.08 0.81 -0.36
N ILE F 211 46.09 1.36 -1.04
CA ILE F 211 47.38 0.69 -1.22
C ILE F 211 48.46 1.32 -0.33
N GLY F 212 48.86 0.61 0.71
CA GLY F 212 49.89 1.11 1.63
C GLY F 212 49.97 0.34 2.94
N THR F 213 50.85 0.79 3.83
CA THR F 213 51.01 0.14 5.14
C THR F 213 49.80 0.42 6.01
N GLU F 214 49.37 -0.57 6.79
CA GLU F 214 48.27 -0.37 7.71
C GLU F 214 48.74 0.05 9.10
N ILE F 215 48.46 1.29 9.44
CA ILE F 215 49.00 1.88 10.64
C ILE F 215 47.86 2.07 11.64
N GLY F 216 48.16 1.97 12.94
CA GLY F 216 47.19 2.28 13.99
C GLY F 216 47.75 3.22 15.05
N CYS F 217 46.88 3.99 15.70
CA CYS F 217 47.30 4.94 16.72
C CYS F 217 46.31 5.08 17.88
N ALA F 218 46.77 4.88 19.10
CA ALA F 218 45.91 5.04 20.26
C ALA F 218 45.93 6.47 20.80
N VAL F 219 44.75 7.02 21.04
CA VAL F 219 44.59 8.39 21.50
C VAL F 219 43.87 8.43 22.84
N MET F 220 44.20 9.41 23.67
CA MET F 220 43.59 9.58 24.98
C MET F 220 43.53 11.05 25.35
N GLY F 221 42.39 11.48 25.88
CA GLY F 221 42.21 12.85 26.36
C GLY F 221 40.82 13.37 26.05
N ASN F 222 40.44 14.44 26.74
CA ASN F 222 39.22 15.17 26.39
C ASN F 222 39.57 16.41 25.57
N GLY F 223 38.88 16.59 24.45
CA GLY F 223 38.92 17.85 23.73
C GLY F 223 40.19 18.14 22.95
N PRO F 224 40.90 19.22 23.32
CA PRO F 224 42.10 19.67 22.59
C PRO F 224 43.41 19.12 23.12
N GLU F 225 43.50 18.90 24.43
CA GLU F 225 44.69 18.33 25.07
C GLU F 225 44.61 16.81 24.95
N LEU F 226 45.39 16.26 24.01
CA LEU F 226 45.40 14.84 23.69
C LEU F 226 46.82 14.27 23.72
N ILE F 227 46.92 12.95 23.90
CA ILE F 227 48.19 12.25 23.80
C ILE F 227 47.98 10.96 23.04
N THR F 228 49.08 10.35 22.59
CA THR F 228 49.01 9.14 21.79
C THR F 228 50.03 8.11 22.28
N GLY F 229 49.80 6.85 21.95
CA GLY F 229 50.79 5.83 22.22
C GLY F 229 51.83 5.79 21.11
N GLU F 230 52.49 4.65 20.98
CA GLU F 230 53.44 4.41 19.89
C GLU F 230 52.67 3.83 18.71
N VAL F 231 52.92 4.39 17.52
CA VAL F 231 52.17 3.98 16.35
C VAL F 231 52.46 2.52 16.00
N ASP F 232 51.41 1.73 15.82
CA ASP F 232 51.60 0.31 15.47
C ASP F 232 51.45 0.03 13.97
N GLN F 233 51.87 -1.13 13.55
CA GLN F 233 51.86 -1.45 12.13
C GLN F 233 51.59 -2.89 11.82
N ILE F 234 50.53 -3.13 11.09
CA ILE F 234 50.16 -4.47 10.66
C ILE F 234 51.27 -5.07 9.81
N THR F 235 52.05 -5.98 10.41
CA THR F 235 53.12 -6.67 9.70
C THR F 235 52.54 -7.65 8.69
N LEU F 236 52.90 -7.48 7.42
CA LEU F 236 52.41 -8.32 6.33
C LEU F 236 52.87 -9.78 6.44
N SER F 251 39.33 -12.15 14.93
CA SER F 251 40.07 -12.56 13.74
C SER F 251 40.28 -11.37 12.79
N GLY F 252 40.02 -10.18 13.29
CA GLY F 252 40.26 -8.94 12.56
C GLY F 252 41.43 -8.13 13.09
N SER F 253 41.40 -6.83 12.84
CA SER F 253 42.55 -5.96 13.05
C SER F 253 43.22 -6.18 14.40
N ASP F 254 42.41 -6.21 15.45
CA ASP F 254 42.87 -6.25 16.83
C ASP F 254 43.62 -7.54 17.10
N ASN F 255 43.29 -8.55 16.32
CA ASN F 255 43.82 -9.89 16.49
C ASN F 255 45.01 -10.19 15.57
N SER F 256 45.42 -9.20 14.76
CA SER F 256 46.53 -9.37 13.84
C SER F 256 47.91 -9.20 14.48
N ALA F 257 48.92 -9.85 13.91
CA ALA F 257 50.28 -9.59 14.36
C ALA F 257 50.68 -8.19 13.91
N VAL F 258 51.19 -7.39 14.85
CA VAL F 258 51.60 -6.03 14.56
C VAL F 258 53.04 -5.77 15.01
N THR F 259 53.62 -4.66 14.58
CA THR F 259 54.97 -4.32 14.97
C THR F 259 55.04 -2.93 15.59
N VAL F 260 55.42 -2.88 16.87
CA VAL F 260 55.47 -1.62 17.60
C VAL F 260 56.87 -1.37 18.13
N PRO F 261 57.46 -0.20 17.82
CA PRO F 261 56.83 0.82 16.99
C PRO F 261 56.92 0.54 15.49
N ALA F 262 56.03 1.16 14.72
CA ALA F 262 55.96 0.98 13.28
C ALA F 262 57.29 1.35 12.67
N ASP F 263 57.69 0.65 11.61
CA ASP F 263 58.89 0.97 10.88
C ASP F 263 58.61 2.05 9.83
N ILE F 264 58.65 3.30 10.26
CA ILE F 264 58.34 4.44 9.39
C ILE F 264 59.18 5.68 9.74
N SER F 265 59.29 6.62 8.80
CA SER F 265 60.02 7.85 9.06
C SER F 265 59.47 8.53 10.31
N THR F 266 60.29 9.33 10.98
CA THR F 266 59.83 9.97 12.20
C THR F 266 58.95 11.17 11.86
N THR F 267 58.97 11.61 10.61
CA THR F 267 57.98 12.57 10.13
C THR F 267 56.68 11.82 9.87
N SER F 268 56.78 10.71 9.15
CA SER F 268 55.63 9.85 8.94
C SER F 268 54.89 9.68 10.26
N ARG F 269 55.65 9.30 11.28
CA ARG F 269 55.12 9.12 12.62
C ARG F 269 54.38 10.38 13.04
N SER F 270 55.10 11.49 13.10
CA SER F 270 54.50 12.75 13.50
C SER F 270 53.15 12.95 12.80
N LEU F 271 53.16 12.78 11.48
CA LEU F 271 51.94 12.89 10.70
C LEU F 271 50.86 11.94 11.21
N VAL F 272 51.15 10.65 11.18
CA VAL F 272 50.20 9.64 11.64
C VAL F 272 49.52 10.09 12.93
N GLN F 273 50.30 10.58 13.88
CA GLN F 273 49.78 10.97 15.18
C GLN F 273 48.93 12.24 15.11
N ASP F 274 49.44 13.25 14.40
CA ASP F 274 48.75 14.51 14.26
C ASP F 274 47.39 14.29 13.60
N THR F 275 47.40 13.45 12.58
CA THR F 275 46.18 13.12 11.84
C THR F 275 45.20 12.35 12.73
N ALA F 276 45.71 11.40 13.50
CA ALA F 276 44.86 10.66 14.43
C ALA F 276 44.17 11.60 15.41
N LYS F 277 44.90 12.63 15.82
CA LYS F 277 44.35 13.59 16.77
C LYS F 277 43.34 14.50 16.09
N ALA F 278 43.64 14.92 14.86
CA ALA F 278 42.76 15.84 14.15
C ALA F 278 41.41 15.17 13.93
N VAL F 279 41.45 13.88 13.63
CA VAL F 279 40.25 13.10 13.42
C VAL F 279 39.48 13.04 14.74
N TYR F 280 40.13 12.53 15.78
CA TYR F 280 39.58 12.49 17.13
C TYR F 280 38.82 13.76 17.53
N ARG F 281 39.42 14.92 17.21
CA ARG F 281 38.80 16.20 17.49
C ARG F 281 37.57 16.39 16.60
N ALA F 282 37.75 16.15 15.31
CA ALA F 282 36.71 16.38 14.33
C ALA F 282 35.44 15.59 14.64
N LEU F 283 35.61 14.40 15.21
CA LEU F 283 34.46 13.55 15.46
C LEU F 283 33.88 13.74 16.84
N GLY F 284 34.48 14.62 17.63
CA GLY F 284 34.01 14.89 18.98
C GLY F 284 34.27 13.76 19.97
N CYS F 285 35.39 13.08 19.79
CA CYS F 285 35.75 11.97 20.65
C CYS F 285 36.23 12.44 22.03
N ARG F 286 36.20 11.51 22.98
CA ARG F 286 36.44 11.81 24.39
C ARG F 286 36.93 10.54 25.06
N GLY F 287 37.78 10.67 26.07
CA GLY F 287 38.25 9.49 26.78
C GLY F 287 39.29 8.75 25.97
N LEU F 288 38.86 7.77 25.18
CA LEU F 288 39.80 7.00 24.38
C LEU F 288 39.19 6.66 23.01
N SER F 289 40.05 6.29 22.07
CA SER F 289 39.64 5.79 20.77
C SER F 289 40.84 5.33 19.91
N ARG F 290 40.69 4.20 19.22
CA ARG F 290 41.78 3.69 18.39
C ARG F 290 41.53 4.01 16.93
N VAL F 291 42.42 4.84 16.38
CA VAL F 291 42.32 5.34 15.01
C VAL F 291 43.14 4.52 14.03
N ASP F 292 42.45 3.85 13.11
CA ASP F 292 43.12 3.11 12.04
C ASP F 292 43.38 4.06 10.89
N LEU F 293 44.51 3.86 10.20
CA LEU F 293 44.82 4.61 8.98
C LEU F 293 45.50 3.72 7.95
N PHE F 294 45.82 4.35 6.81
CA PHE F 294 46.63 3.74 5.76
C PHE F 294 47.78 4.70 5.48
N LEU F 295 48.98 4.17 5.25
CA LEU F 295 50.10 4.99 4.83
C LEU F 295 50.47 4.64 3.39
N THR F 296 50.09 5.51 2.45
CA THR F 296 50.36 5.27 1.04
C THR F 296 51.82 5.52 0.70
N GLU F 297 52.32 4.82 -0.31
CA GLU F 297 53.72 4.93 -0.71
C GLU F 297 54.06 6.35 -1.18
N ASP F 298 53.04 7.21 -1.19
CA ASP F 298 53.22 8.63 -1.45
C ASP F 298 53.73 9.35 -0.20
N GLY F 299 53.42 8.77 0.95
CA GLY F 299 53.72 9.37 2.25
C GLY F 299 52.53 10.05 2.90
N LYS F 300 51.42 10.15 2.17
CA LYS F 300 50.19 10.72 2.71
C LYS F 300 49.45 9.69 3.55
N VAL F 301 48.39 10.12 4.24
CA VAL F 301 47.62 9.26 5.14
C VAL F 301 46.13 9.21 4.80
N VAL F 302 45.57 8.00 4.76
CA VAL F 302 44.14 7.82 4.47
C VAL F 302 43.46 7.16 5.66
N LEU F 303 42.32 7.71 6.08
CA LEU F 303 41.58 7.20 7.23
C LEU F 303 40.94 5.84 6.98
N ASN F 304 41.02 4.92 7.93
CA ASN F 304 40.26 3.70 7.86
C ASN F 304 39.01 3.77 8.69
N GLU F 305 39.18 3.96 9.99
CA GLU F 305 38.13 3.70 10.96
C GLU F 305 38.55 4.39 12.26
N VAL F 306 37.56 4.83 13.04
CA VAL F 306 37.78 5.24 14.42
C VAL F 306 37.15 4.17 15.31
N ASN F 307 37.94 3.53 16.17
CA ASN F 307 37.38 2.55 17.07
C ASN F 307 37.13 3.15 18.45
N THR F 308 35.90 3.62 18.66
CA THR F 308 35.57 4.44 19.84
C THR F 308 35.92 3.68 21.13
N PHE F 309 35.54 2.41 21.22
CA PHE F 309 36.01 1.62 22.35
C PHE F 309 36.69 0.33 21.91
N PRO F 310 37.97 0.44 21.53
CA PRO F 310 38.72 -0.64 20.92
C PRO F 310 38.86 -1.78 21.91
N GLY F 311 39.38 -2.91 21.47
CA GLY F 311 39.65 -4.02 22.39
C GLY F 311 40.70 -3.67 23.43
N MET F 312 40.56 -4.23 24.62
CA MET F 312 41.51 -4.04 25.70
C MET F 312 42.03 -5.39 26.21
N THR F 313 41.96 -6.42 25.36
CA THR F 313 42.37 -7.76 25.74
C THR F 313 43.89 -7.86 25.87
N SER F 314 44.37 -9.04 26.24
CA SER F 314 45.80 -9.29 26.41
C SER F 314 46.58 -9.19 25.11
N TYR F 315 45.87 -9.24 23.99
CA TYR F 315 46.52 -9.28 22.68
C TYR F 315 46.06 -8.09 21.87
N SER F 316 45.31 -7.20 22.49
CA SER F 316 44.73 -6.09 21.76
C SER F 316 45.71 -4.97 21.44
N ARG F 317 45.41 -4.24 20.37
CA ARG F 317 46.29 -3.21 19.80
C ARG F 317 46.48 -1.95 20.64
N TYR F 318 45.41 -1.50 21.31
CA TYR F 318 45.43 -0.24 22.02
C TYR F 318 46.31 -0.32 23.27
N PRO F 319 46.16 -1.40 24.05
CA PRO F 319 46.99 -1.51 25.24
C PRO F 319 48.46 -1.76 24.90
N ARG F 320 48.74 -2.41 23.76
CA ARG F 320 50.13 -2.58 23.36
C ARG F 320 50.73 -1.22 23.07
N MET F 321 50.00 -0.45 22.27
CA MET F 321 50.44 0.88 21.85
C MET F 321 50.68 1.77 23.06
N MET F 322 49.75 1.75 24.00
CA MET F 322 49.91 2.54 25.21
C MET F 322 51.07 2.12 26.13
N THR F 323 51.25 0.84 26.40
CA THR F 323 52.35 0.41 27.22
C THR F 323 53.67 0.84 26.61
N ALA F 324 53.75 0.82 25.30
CA ALA F 324 55.02 1.07 24.62
C ALA F 324 55.49 2.51 24.86
N ALA F 325 54.53 3.39 25.10
CA ALA F 325 54.84 4.80 25.32
C ALA F 325 55.10 5.05 26.79
N GLY F 326 55.13 3.99 27.57
CA GLY F 326 55.42 4.07 29.00
C GLY F 326 54.16 4.08 29.85
N LEU F 327 53.01 3.79 29.24
CA LEU F 327 51.71 3.92 29.89
C LEU F 327 51.08 2.58 30.28
N SER F 328 51.33 2.16 31.51
CA SER F 328 50.85 0.87 32.01
C SER F 328 49.34 0.69 31.83
N ARG F 329 48.89 -0.54 31.78
CA ARG F 329 47.48 -0.73 31.69
C ARG F 329 46.86 -0.11 32.89
N ALA F 330 47.55 -0.17 34.00
CA ALA F 330 47.10 0.49 35.23
C ALA F 330 47.02 2.00 35.07
N ASP F 331 48.06 2.62 34.52
CA ASP F 331 48.05 4.06 34.27
C ASP F 331 46.91 4.47 33.35
N VAL F 332 46.69 3.68 32.30
CA VAL F 332 45.67 4.00 31.32
C VAL F 332 44.30 4.01 31.97
N ILE F 333 44.04 3.01 32.82
CA ILE F 333 42.75 2.91 33.50
C ILE F 333 42.53 4.01 34.53
N ASP F 334 43.57 4.39 35.22
CA ASP F 334 43.52 5.52 36.13
C ASP F 334 43.21 6.75 35.37
N ARG F 335 43.98 7.03 34.35
CA ARG F 335 43.83 8.25 33.57
C ARG F 335 42.47 8.37 32.88
N LEU F 336 41.94 7.24 32.44
CA LEU F 336 40.63 7.20 31.81
C LEU F 336 39.54 7.58 32.81
N VAL F 337 39.68 7.08 34.03
CA VAL F 337 38.72 7.35 35.08
C VAL F 337 38.69 8.85 35.43
N SER F 338 39.86 9.46 35.54
CA SER F 338 39.89 10.83 36.00
C SER F 338 39.38 11.74 34.90
N LEU F 339 39.67 11.40 33.65
CA LEU F 339 39.08 12.08 32.50
C LEU F 339 37.56 11.99 32.52
N ALA F 340 37.06 10.81 32.87
CA ALA F 340 35.62 10.62 33.01
C ALA F 340 35.01 11.58 34.03
N LEU F 341 35.67 11.77 35.18
CA LEU F 341 35.08 12.59 36.22
C LEU F 341 35.35 14.07 35.99
N ALA F 342 36.27 14.36 35.08
CA ALA F 342 36.68 15.73 34.79
C ALA F 342 35.57 16.54 34.13
#